data_7E9H
#
_entry.id   7E9H
#
_cell.length_a   1.00
_cell.length_b   1.00
_cell.length_c   1.00
_cell.angle_alpha   90.00
_cell.angle_beta   90.00
_cell.angle_gamma   90.00
#
_symmetry.space_group_name_H-M   'P 1'
#
loop_
_entity.id
_entity.type
_entity.pdbx_description
1 polymer 'Metabotropic glutamate receptor 4'
2 polymer 'Guanine nucleotide-binding protein G(i) subunit alpha-3'
3 polymer 'Guanine nucleotide-binding protein G(I)/G(S)/G(T) subunit beta-1'
4 polymer 'Guanine nucleotide-binding protein G(I)/G(S)/G(O) subunit gamma-2'
5 polymer scFv16
6 non-polymer PHOSPHOSERINE
#
loop_
_entity_poly.entity_id
_entity_poly.type
_entity_poly.pdbx_seq_one_letter_code
_entity_poly.pdbx_strand_id
1 'polypeptide(L)'
;DYKDDDDGAPKPKGHPHMNSIRIDGDITLGGLFPVHGRGSEGKPCGELKKEKGIHRLEAMLFALDRINNDPDLLPNITLG
ARILDTCSRDTHALEQSLTFVQALIEKDGTEVRCGSGGPPIITKPERVVGVIGASGSSVSIMVANILRLFKIPQISYAST
APDLSDNSRYDFFSRVVPSDTYQAQAMVDIVRALKWNYVSTVASEGSYGESGVEAFIQKSREDGGVCIAQSVKIPREPKA
GEFDKIIRRLLETSNARAVIIFANEDDIRRVLEAARRANQTGHFFWMGSDSWGSKIAPVLHLEEVAEGAVTILPKRMSVR
GFDRYFSSRTLDNNRRNIWFAEFWEDNFHCKLSRHALKKGSHVKKCTNRERIGQDSAYEQEGKVQFVIDAVYAMGHALHA
MHRDLCPGRVGLCPRMDPVDGTQLLKYIRNVNFSGIAGNPVTFNENGDAPGRYDIYQYQLRNDSAEYKVIGSWTDHLHLR
IERMHWPGSGQQLPRSICSLPCQPGERKKTVKGMPCCWHCEPCTGYQYQVDRYTCKTCPYDMRPTENRTGCRPIPIIKLE
WGSPWAVLPLFLAVVGIAATLFVVITFVRYNDTPIVKASGRELSYVLLAGIFLCYATTFLMIAEPDLGTCSLRRIFLGLG
MSISYAALLTKTNRIYRIFEQGKRSVSAPRFISPASQLAITFSLISLQLLGICVWFVVDPSHSVVDFQDQRTLDPRFARG
VLKCDISDLSLICLLGYSMLLMVTCTVYAIKTRGVPETFNEAKPIGFTMYTTCIVWLAFIPIFFGTSQSADKLYIQTTTL
TVSVSLSASVSLGMLYMPKVYIILFHPEQNVPKRKRSLKAVVTAATMSNKFTQKGNFRPNGEAKSELCENLEAPALATKQ
TYVTYTNHAI
;
R,S
2 'polypeptide(L)'
;MGCTLSAEDKAAVERSKMIDRNLREDGEKAAKEVKLLLLGAGESGKNTIVKQMKIIHEDGYSEDECKQYKVVVYSNTIQS
IIAIIRAMGRLKIDFGEAARADDARQLFVLAGSAEEGVMTPELAGVIKRLWRDGGVQACFSRSREYQLNDSASYYLNDLD
RISQSNYIPTQQDVLRTRVKTTGIVETHFTDKDLYFKMFDVGAQRSERKKWIHCFEGVTAIIFCVALSDYDLVLAEDEEM
NRMHASMKLFDSICNNKWFTETSIILFLNKKDLFEEKIKRSPLTICYPEYTGSNTYEEAAAYIQCQFEDLNRRKDTKEIY
THFTCSTDTKNVQFVFDAVTDVIIKNNLKECGLY
;
A
3 'polypeptide(L)'
;MHHHHHHGSLLQSELDQLRQEAEQLKNQIRDARKACADATLSQITNNIDPVGRIQMRTRRTLRGHLAKIYAMHWGTDSRL
LVSASQDGKLIIWDSYTTNKVHAIPLRSSWVMTCAYAPSGNYVACGGLDNICSIYNLKTREGNVRVSRELAGHTGYLSCC
RFLDDNQIVTSSGDTTCALWDIETGQQTTTFTGHTGDVMSLSLAPDTRLFVSGACDASAKLWDVREGMCRQTFTGHESDI
NAICFFPNGNAFATGSDDATCRLFDLRADQELMTYSHDNIICGITSVSFSKSGRLLLAGYDDFNCNVWDALKADRAGVLA
GHDNRVSCLGVTDDGMAVATGSWDSFLKIWN
;
B
4 'polypeptide(L)' MASNNTASIAQARKLVEQLKMEANIDRIKVSKAAADLMAYCEAHAKEDPLLTPVPASENPFREKKFFCAIL C
5 'polypeptide(L)'
;DVQLVESGGGLVQPGGSRKLSCSASGFAFSSFGMHWVRQAPEKGLEWVAYISSGSGTIYYADTVKGRFTISRDDPKNTLF
LQMTSLRSEDTAMYYCVRSIYYYGSSPFDFWGQGTTLTVSSGGGGSGGGGSGGGGSDIVMTQATSSVPVTPGESVSISCR
SSKSLLHSNGNTYLYWFLQRPGQSPQLLIYRMSNLASGVPDRFSGSGSGTAFTLTISRLEAEDVGVYYCMQHLEYPLTFG
AGTKLELKAAALEVLFQ
;
D
#
# COMPACT_ATOMS: atom_id res chain seq x y z
N ASN A 19 -12.39 -22.78 96.58
CA ASN A 19 -11.82 -24.02 97.10
C ASN A 19 -11.34 -24.93 95.96
N SER A 20 -11.27 -26.22 96.25
CA SER A 20 -10.80 -27.19 95.26
C SER A 20 -11.25 -28.58 95.67
N ILE A 21 -11.23 -29.49 94.71
CA ILE A 21 -11.59 -30.88 94.96
C ILE A 21 -10.37 -31.62 95.51
N ARG A 22 -10.53 -32.27 96.65
CA ARG A 22 -9.45 -32.99 97.31
C ARG A 22 -9.95 -34.38 97.69
N ILE A 23 -9.46 -35.41 97.01
CA ILE A 23 -9.81 -36.79 97.28
C ILE A 23 -8.59 -37.46 97.90
N ASP A 24 -8.77 -38.03 99.09
CA ASP A 24 -7.67 -38.68 99.79
C ASP A 24 -7.37 -40.04 99.15
N GLY A 25 -6.10 -40.28 98.87
CA GLY A 25 -5.69 -41.54 98.28
C GLY A 25 -4.21 -41.75 98.44
N ASP A 26 -3.77 -42.98 98.14
CA ASP A 26 -2.36 -43.32 98.24
C ASP A 26 -1.53 -42.57 97.21
N ILE A 27 -2.10 -42.28 96.04
CA ILE A 27 -1.41 -41.60 94.96
C ILE A 27 -2.28 -40.41 94.54
N THR A 28 -1.71 -39.21 94.56
CA THR A 28 -2.43 -37.99 94.24
C THR A 28 -2.15 -37.59 92.80
N LEU A 29 -3.21 -37.27 92.06
CA LEU A 29 -3.11 -36.82 90.68
C LEU A 29 -3.69 -35.41 90.58
N GLY A 30 -2.84 -34.45 90.21
CA GLY A 30 -3.31 -33.09 90.05
C GLY A 30 -4.17 -32.91 88.82
N GLY A 31 -4.90 -31.80 88.80
CA GLY A 31 -5.77 -31.53 87.67
C GLY A 31 -6.06 -30.07 87.44
N LEU A 32 -5.97 -29.62 86.19
CA LEU A 32 -6.30 -28.25 85.79
C LEU A 32 -7.47 -28.32 84.83
N PHE A 33 -8.62 -27.82 85.25
CA PHE A 33 -9.84 -27.88 84.47
C PHE A 33 -10.48 -26.49 84.40
N PRO A 34 -10.89 -26.04 83.21
CA PRO A 34 -11.51 -24.70 83.08
C PRO A 34 -12.96 -24.69 83.57
N VAL A 35 -13.11 -24.57 84.89
CA VAL A 35 -14.44 -24.56 85.48
C VAL A 35 -15.18 -23.27 85.11
N HIS A 36 -14.51 -22.14 85.21
CA HIS A 36 -15.10 -20.85 84.86
C HIS A 36 -14.54 -20.37 83.52
N GLY A 37 -15.27 -19.43 82.90
CA GLY A 37 -14.86 -18.87 81.64
C GLY A 37 -13.95 -17.67 81.79
N ARG A 38 -13.61 -17.08 80.64
CA ARG A 38 -12.76 -15.90 80.63
C ARG A 38 -13.51 -14.71 81.22
N GLY A 39 -12.91 -14.09 82.24
CA GLY A 39 -13.53 -12.96 82.89
C GLY A 39 -13.24 -11.64 82.21
N SER A 40 -14.08 -10.64 82.50
CA SER A 40 -13.93 -9.31 81.93
C SER A 40 -12.94 -8.50 82.77
N GLU A 41 -12.86 -7.20 82.50
CA GLU A 41 -11.97 -6.34 83.26
C GLU A 41 -12.43 -6.14 84.70
N GLY A 42 -13.68 -6.45 85.00
CA GLY A 42 -14.19 -6.28 86.34
C GLY A 42 -14.02 -7.50 87.22
N LYS A 43 -14.35 -8.68 86.68
CA LYS A 43 -14.25 -9.90 87.47
C LYS A 43 -13.17 -10.82 86.92
N PRO A 44 -12.40 -11.48 87.79
CA PRO A 44 -11.36 -12.39 87.29
C PRO A 44 -11.92 -13.60 86.56
N CYS A 45 -13.01 -14.18 87.05
CA CYS A 45 -13.56 -15.41 86.48
C CYS A 45 -14.97 -15.14 85.98
N GLY A 46 -15.31 -15.74 84.85
CA GLY A 46 -16.62 -15.52 84.24
C GLY A 46 -17.67 -16.53 84.69
N GLU A 47 -18.57 -16.87 83.78
CA GLU A 47 -19.61 -17.84 84.11
C GLU A 47 -19.04 -19.25 84.06
N LEU A 48 -19.68 -20.15 84.81
CA LEU A 48 -19.16 -21.50 84.97
C LEU A 48 -19.42 -22.32 83.70
N LYS A 49 -18.35 -22.86 83.13
CA LYS A 49 -18.46 -23.67 81.93
C LYS A 49 -19.14 -24.99 82.29
N LYS A 50 -20.43 -25.08 82.01
CA LYS A 50 -21.20 -26.28 82.36
C LYS A 50 -20.93 -27.44 81.42
N GLU A 51 -20.67 -27.15 80.14
CA GLU A 51 -20.48 -28.20 79.15
C GLU A 51 -19.01 -28.61 79.01
N LYS A 52 -18.07 -27.70 79.29
CA LYS A 52 -16.66 -27.99 79.11
C LYS A 52 -16.01 -28.50 80.42
N GLY A 53 -16.08 -27.70 81.48
CA GLY A 53 -15.36 -28.04 82.70
C GLY A 53 -15.99 -29.20 83.45
N ILE A 54 -17.30 -29.13 83.68
CA ILE A 54 -17.97 -30.12 84.52
C ILE A 54 -17.92 -31.50 83.87
N HIS A 55 -18.04 -31.55 82.54
CA HIS A 55 -17.99 -32.84 81.85
C HIS A 55 -16.63 -33.50 81.99
N ARG A 56 -15.56 -32.74 81.82
CA ARG A 56 -14.22 -33.31 82.01
C ARG A 56 -13.96 -33.66 83.46
N LEU A 57 -14.50 -32.89 84.40
CA LEU A 57 -14.39 -33.23 85.82
C LEU A 57 -15.03 -34.58 86.09
N GLU A 58 -16.28 -34.77 85.65
CA GLU A 58 -16.95 -36.04 85.83
C GLU A 58 -16.22 -37.17 85.10
N ALA A 59 -15.62 -36.87 83.94
CA ALA A 59 -14.85 -37.88 83.22
C ALA A 59 -13.67 -38.36 84.04
N MET A 60 -12.89 -37.42 84.59
CA MET A 60 -11.72 -37.80 85.38
C MET A 60 -12.14 -38.53 86.65
N LEU A 61 -13.24 -38.09 87.28
CA LEU A 61 -13.72 -38.76 88.48
C LEU A 61 -14.15 -40.19 88.19
N PHE A 62 -14.90 -40.39 87.09
CA PHE A 62 -15.31 -41.74 86.71
C PHE A 62 -14.11 -42.61 86.37
N ALA A 63 -13.12 -42.04 85.69
CA ALA A 63 -11.92 -42.81 85.36
C ALA A 63 -11.16 -43.22 86.62
N LEU A 64 -11.02 -42.30 87.57
CA LEU A 64 -10.35 -42.64 88.82
C LEU A 64 -11.13 -43.69 89.59
N ASP A 65 -12.46 -43.60 89.60
CA ASP A 65 -13.26 -44.60 90.30
C ASP A 65 -13.12 -45.97 89.65
N ARG A 66 -13.15 -46.03 88.32
CA ARG A 66 -13.01 -47.31 87.64
C ARG A 66 -11.60 -47.88 87.81
N ILE A 67 -10.59 -47.03 87.91
CA ILE A 67 -9.23 -47.51 88.15
C ILE A 67 -9.11 -48.06 89.57
N ASN A 68 -9.68 -47.36 90.55
CA ASN A 68 -9.63 -47.84 91.93
C ASN A 68 -10.43 -49.13 92.10
N ASN A 69 -11.53 -49.28 91.36
CA ASN A 69 -12.34 -50.49 91.45
C ASN A 69 -11.83 -51.61 90.54
N ASP A 70 -10.85 -51.34 89.70
CA ASP A 70 -10.30 -52.37 88.82
C ASP A 70 -9.30 -53.23 89.58
N PRO A 71 -9.57 -54.53 89.74
CA PRO A 71 -8.62 -55.38 90.47
C PRO A 71 -7.36 -55.72 89.68
N ASP A 72 -7.41 -55.68 88.35
CA ASP A 72 -6.25 -56.02 87.56
C ASP A 72 -5.24 -54.87 87.49
N LEU A 73 -5.73 -53.64 87.38
CA LEU A 73 -4.87 -52.47 87.26
C LEU A 73 -4.70 -51.84 88.64
N LEU A 74 -3.45 -51.77 89.10
CA LEU A 74 -3.09 -51.18 90.39
C LEU A 74 -3.89 -51.79 91.52
N PRO A 75 -3.64 -53.05 91.88
CA PRO A 75 -4.42 -53.66 92.97
C PRO A 75 -4.02 -53.10 94.32
N ASN A 76 -5.02 -52.87 95.17
CA ASN A 76 -4.85 -52.37 96.54
C ASN A 76 -4.12 -51.02 96.56
N ILE A 77 -4.32 -50.22 95.51
CA ILE A 77 -3.74 -48.88 95.43
C ILE A 77 -4.84 -47.91 95.03
N THR A 78 -5.03 -46.88 95.83
CA THR A 78 -6.07 -45.88 95.58
C THR A 78 -5.45 -44.62 95.00
N LEU A 79 -6.13 -44.02 94.03
CA LEU A 79 -5.67 -42.80 93.37
C LEU A 79 -6.49 -41.62 93.87
N GLY A 80 -5.79 -40.60 94.37
CA GLY A 80 -6.45 -39.41 94.86
C GLY A 80 -6.74 -38.42 93.73
N ALA A 81 -7.11 -37.21 94.14
CA ALA A 81 -7.45 -36.16 93.19
C ALA A 81 -7.05 -34.81 93.76
N ARG A 82 -6.48 -33.97 92.89
CA ARG A 82 -6.04 -32.62 93.21
C ARG A 82 -6.51 -31.65 92.15
N ILE A 83 -7.83 -31.65 91.89
CA ILE A 83 -8.41 -30.72 90.94
C ILE A 83 -8.30 -29.30 91.46
N LEU A 84 -8.02 -28.36 90.56
CA LEU A 84 -7.93 -26.95 90.90
C LEU A 84 -8.72 -26.13 89.90
N ASP A 85 -9.08 -24.91 90.31
CA ASP A 85 -9.85 -24.01 89.47
C ASP A 85 -8.92 -23.27 88.52
N THR A 86 -9.24 -23.31 87.23
CA THR A 86 -8.43 -22.66 86.20
C THR A 86 -9.03 -21.35 85.70
N CYS A 87 -10.35 -21.28 85.54
CA CYS A 87 -11.05 -20.12 84.98
C CYS A 87 -10.59 -19.78 83.56
N SER A 88 -9.96 -20.74 82.88
CA SER A 88 -9.43 -20.55 81.52
C SER A 88 -8.44 -19.38 81.44
N ARG A 89 -7.90 -18.95 82.57
CA ARG A 89 -6.98 -17.84 82.64
C ARG A 89 -5.62 -18.33 83.10
N ASP A 90 -4.56 -17.81 82.49
CA ASP A 90 -3.22 -18.29 82.80
C ASP A 90 -2.76 -17.78 84.16
N THR A 91 -3.15 -16.55 84.53
CA THR A 91 -2.73 -15.99 85.80
C THR A 91 -3.31 -16.78 86.98
N HIS A 92 -4.61 -17.10 86.91
CA HIS A 92 -5.23 -17.84 87.99
C HIS A 92 -4.68 -19.26 88.08
N ALA A 93 -4.43 -19.89 86.93
CA ALA A 93 -3.85 -21.23 86.94
C ALA A 93 -2.44 -21.21 87.53
N LEU A 94 -1.66 -20.18 87.21
CA LEU A 94 -0.32 -20.10 87.79
C LEU A 94 -0.37 -19.81 89.28
N GLU A 95 -1.35 -19.01 89.72
CA GLU A 95 -1.52 -18.79 91.16
C GLU A 95 -1.88 -20.09 91.87
N GLN A 96 -2.77 -20.88 91.27
CA GLN A 96 -3.15 -22.16 91.87
C GLN A 96 -1.97 -23.13 91.91
N SER A 97 -1.15 -23.13 90.85
CA SER A 97 0.05 -23.96 90.86
C SER A 97 1.02 -23.49 91.95
N LEU A 98 1.11 -22.18 92.17
CA LEU A 98 1.95 -21.66 93.24
C LEU A 98 1.45 -22.13 94.61
N THR A 99 0.13 -22.07 94.83
CA THR A 99 -0.42 -22.57 96.10
C THR A 99 -0.15 -24.07 96.25
N PHE A 100 -0.25 -24.83 95.16
CA PHE A 100 0.06 -26.25 95.21
C PHE A 100 1.51 -26.49 95.59
N VAL A 101 2.44 -25.74 95.00
CA VAL A 101 3.86 -25.90 95.31
C VAL A 101 4.13 -25.51 96.75
N GLN A 102 3.48 -24.45 97.24
CA GLN A 102 3.66 -24.03 98.63
C GLN A 102 3.12 -25.09 99.59
N ALA A 103 2.00 -25.72 99.24
CA ALA A 103 1.48 -26.80 100.07
C ALA A 103 2.37 -28.03 100.02
N LEU A 104 3.05 -28.26 98.89
CA LEU A 104 3.95 -29.39 98.80
C LEU A 104 5.25 -29.12 99.57
N ILE A 105 5.83 -27.94 99.37
CA ILE A 105 7.07 -27.57 100.05
C ILE A 105 6.77 -27.06 101.45
N GLU A 126 -0.61 -32.51 99.03
CA GLU A 126 0.69 -33.03 99.44
C GLU A 126 1.61 -33.20 98.24
N ARG A 127 1.96 -34.44 97.93
CA ARG A 127 2.84 -34.77 96.82
C ARG A 127 2.03 -35.39 95.68
N VAL A 128 2.32 -34.95 94.46
CA VAL A 128 1.60 -35.38 93.27
C VAL A 128 2.57 -36.08 92.34
N VAL A 129 2.18 -37.24 91.83
CA VAL A 129 3.04 -37.96 90.89
C VAL A 129 2.90 -37.42 89.48
N GLY A 130 1.77 -36.81 89.14
CA GLY A 130 1.54 -36.30 87.80
C GLY A 130 0.24 -35.52 87.71
N VAL A 131 0.28 -34.36 87.06
CA VAL A 131 -0.86 -33.47 86.96
C VAL A 131 -1.47 -33.60 85.57
N ILE A 132 -2.79 -33.82 85.51
CA ILE A 132 -3.47 -33.87 84.23
C ILE A 132 -3.50 -32.49 83.61
N GLY A 133 -3.22 -32.42 82.31
CA GLY A 133 -3.10 -31.14 81.63
C GLY A 133 -4.40 -30.36 81.62
N ALA A 134 -4.30 -29.13 81.16
CA ALA A 134 -5.44 -28.23 81.05
C ALA A 134 -6.04 -28.28 79.65
N SER A 135 -7.26 -27.77 79.53
CA SER A 135 -7.94 -27.75 78.24
C SER A 135 -7.30 -26.73 77.30
N GLY A 136 -7.24 -25.47 77.74
CA GLY A 136 -6.67 -24.43 76.90
C GLY A 136 -5.17 -24.61 76.72
N SER A 137 -4.71 -24.33 75.50
CA SER A 137 -3.28 -24.46 75.21
C SER A 137 -2.47 -23.35 75.87
N SER A 138 -3.05 -22.15 75.99
CA SER A 138 -2.33 -21.04 76.63
C SER A 138 -2.08 -21.33 78.10
N VAL A 139 -3.00 -22.03 78.76
CA VAL A 139 -2.80 -22.40 80.16
C VAL A 139 -1.76 -23.50 80.27
N SER A 140 -1.84 -24.50 79.39
CA SER A 140 -0.88 -25.61 79.43
C SER A 140 0.54 -25.12 79.12
N ILE A 141 0.67 -24.08 78.30
CA ILE A 141 1.99 -23.54 77.99
C ILE A 141 2.71 -23.11 79.27
N MET A 142 2.01 -22.38 80.13
CA MET A 142 2.60 -21.90 81.36
C MET A 142 2.58 -22.95 82.47
N VAL A 143 1.72 -23.96 82.37
CA VAL A 143 1.69 -25.01 83.39
C VAL A 143 2.82 -26.01 83.17
N ALA A 144 3.16 -26.29 81.91
CA ALA A 144 4.17 -27.31 81.62
C ALA A 144 5.55 -26.86 82.05
N ASN A 145 5.91 -25.61 81.77
CA ASN A 145 7.24 -25.11 82.14
C ASN A 145 7.41 -24.97 83.65
N ILE A 146 6.33 -25.04 84.42
CA ILE A 146 6.44 -25.07 85.88
C ILE A 146 6.43 -26.50 86.40
N LEU A 147 5.61 -27.37 85.79
CA LEU A 147 5.62 -28.78 86.18
C LEU A 147 6.93 -29.44 85.81
N ARG A 148 7.46 -29.14 84.63
CA ARG A 148 8.80 -29.59 84.28
C ARG A 148 9.84 -28.98 85.21
N LEU A 149 9.61 -27.74 85.66
CA LEU A 149 10.54 -27.07 86.56
C LEU A 149 10.67 -27.81 87.89
N PHE A 150 9.63 -28.52 88.31
CA PHE A 150 9.66 -29.30 89.54
C PHE A 150 9.61 -30.80 89.27
N LYS A 151 9.90 -31.21 88.04
CA LYS A 151 9.93 -32.62 87.64
C LYS A 151 8.59 -33.30 87.91
N ILE A 152 7.55 -32.77 87.25
CA ILE A 152 6.20 -33.32 87.37
C ILE A 152 5.68 -33.65 85.98
N PRO A 153 5.44 -34.92 85.67
CA PRO A 153 4.91 -35.26 84.35
C PRO A 153 3.47 -34.78 84.21
N GLN A 154 3.14 -34.32 83.00
CA GLN A 154 1.84 -33.75 82.71
C GLN A 154 1.25 -34.43 81.47
N ILE A 155 -0.03 -34.76 81.54
CA ILE A 155 -0.74 -35.37 80.42
C ILE A 155 -2.00 -34.53 80.17
N SER A 156 -2.10 -33.97 78.97
CA SER A 156 -3.25 -33.16 78.58
C SER A 156 -4.24 -34.00 77.78
N TYR A 157 -5.42 -33.41 77.56
CA TYR A 157 -6.48 -34.07 76.82
C TYR A 157 -7.07 -33.22 75.71
N ALA A 158 -6.84 -31.91 75.69
CA ALA A 158 -7.37 -31.04 74.66
C ALA A 158 -6.34 -30.08 74.07
N SER A 159 -5.19 -29.89 74.72
CA SER A 159 -4.16 -28.99 74.21
C SER A 159 -3.52 -29.60 72.97
N THR A 160 -3.82 -29.04 71.80
CA THR A 160 -3.31 -29.55 70.54
C THR A 160 -2.29 -28.61 69.90
N ALA A 161 -1.87 -27.56 70.60
CA ALA A 161 -0.93 -26.61 70.02
C ALA A 161 0.42 -27.29 69.78
N PRO A 162 1.06 -27.04 68.63
CA PRO A 162 2.32 -27.73 68.34
C PRO A 162 3.47 -27.30 69.21
N ASP A 163 3.44 -26.08 69.77
CA ASP A 163 4.55 -25.62 70.59
C ASP A 163 4.70 -26.44 71.87
N LEU A 164 3.63 -27.09 72.32
CA LEU A 164 3.71 -27.98 73.47
C LEU A 164 4.33 -29.33 73.12
N SER A 165 4.51 -29.63 71.83
CA SER A 165 5.09 -30.90 71.39
C SER A 165 6.62 -30.86 71.31
N ASP A 166 7.23 -29.73 71.64
CA ASP A 166 8.69 -29.61 71.60
C ASP A 166 9.28 -30.34 72.81
N ASN A 167 10.13 -31.33 72.55
CA ASN A 167 10.72 -32.09 73.64
C ASN A 167 11.71 -31.25 74.44
N SER A 168 12.41 -30.31 73.79
CA SER A 168 13.35 -29.45 74.49
C SER A 168 12.63 -28.38 75.30
N ARG A 169 11.49 -27.90 74.82
CA ARG A 169 10.74 -26.87 75.53
C ARG A 169 9.91 -27.46 76.66
N TYR A 170 9.17 -28.53 76.36
CA TYR A 170 8.31 -29.20 77.34
C TYR A 170 8.52 -30.71 77.19
N ASP A 171 9.43 -31.26 77.98
CA ASP A 171 9.68 -32.71 77.94
C ASP A 171 8.71 -33.46 78.83
N PHE A 172 8.33 -32.89 79.97
CA PHE A 172 7.38 -33.51 80.88
C PHE A 172 5.94 -33.36 80.44
N PHE A 173 5.70 -32.90 79.22
CA PHE A 173 4.35 -32.69 78.69
C PHE A 173 4.05 -33.74 77.64
N SER A 174 2.88 -34.38 77.77
CA SER A 174 2.40 -35.34 76.80
C SER A 174 0.91 -35.12 76.60
N ARG A 175 0.35 -35.75 75.57
CA ARG A 175 -1.05 -35.58 75.26
C ARG A 175 -1.56 -36.83 74.55
N VAL A 176 -2.87 -37.05 74.64
CA VAL A 176 -3.50 -38.18 73.98
C VAL A 176 -4.14 -37.79 72.64
N VAL A 177 -4.40 -36.50 72.42
CA VAL A 177 -4.99 -36.03 71.17
C VAL A 177 -3.87 -35.66 70.20
N PRO A 178 -4.08 -35.73 68.89
CA PRO A 178 -3.05 -35.30 67.95
C PRO A 178 -2.86 -33.79 67.98
N SER A 179 -1.68 -33.37 67.52
CA SER A 179 -1.31 -31.96 67.54
C SER A 179 -2.04 -31.20 66.44
N ASP A 180 -1.81 -29.88 66.41
CA ASP A 180 -2.42 -29.04 65.39
C ASP A 180 -1.80 -29.22 64.01
N THR A 181 -0.66 -29.92 63.90
CA THR A 181 -0.08 -30.16 62.59
C THR A 181 -0.96 -31.08 61.76
N TYR A 182 -1.34 -32.22 62.33
CA TYR A 182 -2.26 -33.13 61.63
C TYR A 182 -3.61 -32.48 61.40
N GLN A 183 -4.06 -31.64 62.34
CA GLN A 183 -5.32 -30.92 62.15
C GLN A 183 -5.26 -29.99 60.96
N ALA A 184 -4.18 -29.20 60.85
CA ALA A 184 -4.02 -28.30 59.73
C ALA A 184 -3.89 -29.07 58.42
N GLN A 185 -3.19 -30.20 58.44
CA GLN A 185 -3.07 -31.02 57.24
C GLN A 185 -4.44 -31.55 56.80
N ALA A 186 -5.23 -32.04 57.74
CA ALA A 186 -6.56 -32.54 57.40
C ALA A 186 -7.46 -31.42 56.89
N MET A 187 -7.36 -30.23 57.50
CA MET A 187 -8.18 -29.11 57.05
C MET A 187 -7.79 -28.67 55.65
N VAL A 188 -6.48 -28.62 55.36
CA VAL A 188 -6.03 -28.29 54.01
C VAL A 188 -6.52 -29.33 53.01
N ASP A 189 -6.45 -30.62 53.39
CA ASP A 189 -6.91 -31.66 52.49
C ASP A 189 -8.41 -31.54 52.21
N ILE A 190 -9.21 -31.26 53.23
CA ILE A 190 -10.66 -31.21 53.02
C ILE A 190 -11.12 -29.91 52.38
N VAL A 191 -10.33 -28.83 52.47
CA VAL A 191 -10.67 -27.64 51.70
C VAL A 191 -10.16 -27.73 50.26
N ARG A 192 -9.14 -28.56 50.01
CA ARG A 192 -8.74 -28.84 48.64
C ARG A 192 -9.70 -29.81 47.97
N ALA A 193 -10.30 -30.72 48.73
CA ALA A 193 -11.31 -31.61 48.18
C ALA A 193 -12.58 -30.85 47.81
N LEU A 194 -12.94 -29.82 48.59
CA LEU A 194 -14.08 -28.98 48.27
C LEU A 194 -13.76 -27.89 47.26
N LYS A 195 -12.52 -27.87 46.74
CA LYS A 195 -12.08 -26.86 45.77
C LYS A 195 -12.21 -25.45 46.34
N TRP A 196 -11.76 -25.29 47.59
CA TRP A 196 -11.73 -24.00 48.25
C TRP A 196 -10.30 -23.48 48.21
N ASN A 197 -10.11 -22.28 47.67
CA ASN A 197 -8.79 -21.66 47.63
C ASN A 197 -8.68 -20.41 48.48
N TYR A 198 -9.48 -19.39 48.20
CA TYR A 198 -9.31 -18.08 48.80
C TYR A 198 -10.13 -18.00 50.08
N VAL A 199 -9.49 -18.35 51.20
CA VAL A 199 -10.14 -18.34 52.50
C VAL A 199 -9.46 -17.30 53.38
N SER A 200 -10.23 -16.78 54.33
CA SER A 200 -9.72 -15.85 55.33
C SER A 200 -9.60 -16.57 56.67
N THR A 201 -8.68 -16.09 57.50
CA THR A 201 -8.39 -16.70 58.79
C THR A 201 -8.62 -15.69 59.91
N VAL A 202 -9.21 -16.17 61.00
CA VAL A 202 -9.47 -15.36 62.19
C VAL A 202 -9.04 -16.17 63.41
N ALA A 203 -8.29 -15.55 64.30
CA ALA A 203 -7.82 -16.23 65.50
C ALA A 203 -7.76 -15.25 66.66
N SER A 204 -7.70 -15.80 67.87
CA SER A 204 -7.61 -15.02 69.09
C SER A 204 -6.19 -15.09 69.65
N GLU A 205 -5.93 -14.27 70.64
CA GLU A 205 -4.61 -14.24 71.27
C GLU A 205 -4.41 -15.47 72.16
N GLY A 206 -3.17 -15.65 72.61
CA GLY A 206 -2.83 -16.79 73.44
C GLY A 206 -1.77 -17.67 72.80
N SER A 207 -2.01 -18.98 72.77
CA SER A 207 -1.07 -19.92 72.19
C SER A 207 -1.71 -20.95 71.28
N TYR A 208 -3.04 -21.02 71.21
CA TYR A 208 -3.73 -22.01 70.39
C TYR A 208 -4.11 -21.46 69.02
N GLY A 209 -4.78 -20.31 68.98
CA GLY A 209 -5.23 -19.76 67.71
C GLY A 209 -4.08 -19.38 66.80
N GLU A 210 -3.07 -18.70 67.35
CA GLU A 210 -1.93 -18.29 66.54
C GLU A 210 -1.19 -19.50 65.97
N SER A 211 -0.88 -20.47 66.84
CA SER A 211 -0.19 -21.67 66.39
C SER A 211 -1.01 -22.43 65.35
N GLY A 212 -2.33 -22.50 65.55
CA GLY A 212 -3.18 -23.20 64.60
C GLY A 212 -3.20 -22.54 63.24
N VAL A 213 -3.38 -21.22 63.21
CA VAL A 213 -3.43 -20.52 61.93
C VAL A 213 -2.06 -20.54 61.26
N GLU A 214 -0.98 -20.50 62.04
CA GLU A 214 0.35 -20.60 61.44
C GLU A 214 0.58 -21.97 60.83
N ALA A 215 0.18 -23.03 61.53
CA ALA A 215 0.30 -24.38 60.97
C ALA A 215 -0.54 -24.52 59.72
N PHE A 216 -1.75 -23.95 59.71
CA PHE A 216 -2.59 -24.01 58.52
C PHE A 216 -1.96 -23.24 57.37
N ILE A 217 -1.36 -22.09 57.64
CA ILE A 217 -0.71 -21.31 56.59
C ILE A 217 0.47 -22.07 56.01
N GLN A 218 1.25 -22.73 56.87
CA GLN A 218 2.38 -23.52 56.37
C GLN A 218 1.90 -24.70 55.54
N LYS A 219 0.87 -25.42 56.01
CA LYS A 219 0.35 -26.55 55.25
C LYS A 219 -0.28 -26.12 53.94
N SER A 220 -0.81 -24.89 53.88
CA SER A 220 -1.37 -24.38 52.64
C SER A 220 -0.28 -23.94 51.67
N ARG A 221 0.79 -23.31 52.17
CA ARG A 221 1.88 -22.92 51.32
C ARG A 221 2.73 -24.10 50.86
N GLU A 222 2.62 -25.25 51.55
CA GLU A 222 3.28 -26.45 51.06
C GLU A 222 2.72 -26.88 49.71
N ASP A 223 1.39 -26.88 49.58
CA ASP A 223 0.77 -27.21 48.30
C ASP A 223 0.62 -25.98 47.41
N GLY A 224 0.39 -24.81 48.00
CA GLY A 224 0.21 -23.58 47.24
C GLY A 224 -1.20 -23.34 46.73
N GLY A 225 -2.11 -24.29 46.90
CA GLY A 225 -3.47 -24.13 46.43
C GLY A 225 -4.35 -23.30 47.36
N VAL A 226 -4.33 -23.62 48.66
CA VAL A 226 -5.15 -22.89 49.61
C VAL A 226 -4.58 -21.50 49.81
N CYS A 227 -5.44 -20.49 49.86
CA CYS A 227 -5.04 -19.10 49.73
C CYS A 227 -5.49 -18.33 50.95
N ILE A 228 -4.57 -17.56 51.53
CA ILE A 228 -4.85 -16.78 52.73
C ILE A 228 -5.15 -15.35 52.33
N ALA A 229 -6.31 -14.85 52.77
CA ALA A 229 -6.69 -13.47 52.48
C ALA A 229 -6.12 -12.52 53.52
N GLN A 230 -6.53 -12.68 54.78
CA GLN A 230 -6.07 -11.82 55.86
C GLN A 230 -6.21 -12.57 57.17
N SER A 231 -5.58 -12.03 58.21
CA SER A 231 -5.61 -12.62 59.54
C SER A 231 -6.08 -11.57 60.54
N VAL A 232 -7.11 -11.90 61.32
CA VAL A 232 -7.69 -11.01 62.31
C VAL A 232 -7.28 -11.48 63.69
N LYS A 233 -6.94 -10.54 64.56
CA LYS A 233 -6.50 -10.83 65.92
C LYS A 233 -7.60 -10.45 66.90
N ILE A 234 -7.90 -11.36 67.83
CA ILE A 234 -8.92 -11.12 68.85
C ILE A 234 -8.25 -11.14 70.22
N PRO A 235 -8.06 -9.98 70.85
CA PRO A 235 -7.41 -9.96 72.18
C PRO A 235 -8.29 -10.61 73.23
N ARG A 236 -7.64 -11.00 74.34
CA ARG A 236 -8.36 -11.58 75.46
C ARG A 236 -9.30 -10.56 76.09
N GLU A 237 -8.97 -9.27 76.02
CA GLU A 237 -9.80 -8.18 76.53
C GLU A 237 -10.20 -7.30 75.34
N PRO A 238 -11.23 -7.68 74.60
CA PRO A 238 -11.64 -6.88 73.44
C PRO A 238 -12.33 -5.60 73.87
N LYS A 239 -12.09 -4.54 73.10
CA LYS A 239 -12.71 -3.24 73.38
C LYS A 239 -14.19 -3.27 73.01
N ALA A 240 -14.87 -2.17 73.31
CA ALA A 240 -16.29 -2.05 73.02
C ALA A 240 -16.49 -1.93 71.52
N GLY A 241 -16.92 -3.02 70.90
CA GLY A 241 -17.17 -3.04 69.47
C GLY A 241 -16.06 -3.61 68.61
N GLU A 242 -15.24 -4.51 69.14
CA GLU A 242 -14.15 -5.08 68.36
C GLU A 242 -14.66 -6.12 67.37
N PHE A 243 -15.64 -6.94 67.77
CA PHE A 243 -16.15 -7.97 66.87
C PHE A 243 -16.91 -7.37 65.69
N ASP A 244 -17.50 -6.18 65.87
CA ASP A 244 -18.07 -5.49 64.74
C ASP A 244 -17.00 -5.11 63.72
N LYS A 245 -15.87 -4.61 64.19
CA LYS A 245 -14.76 -4.33 63.28
C LYS A 245 -14.25 -5.61 62.62
N ILE A 246 -14.24 -6.72 63.36
CA ILE A 246 -13.79 -7.99 62.79
C ILE A 246 -14.72 -8.42 61.66
N ILE A 247 -16.03 -8.36 61.89
CA ILE A 247 -16.97 -8.80 60.86
C ILE A 247 -16.98 -7.82 59.68
N ARG A 248 -16.71 -6.54 59.94
CA ARG A 248 -16.58 -5.59 58.83
C ARG A 248 -15.36 -5.90 57.98
N ARG A 249 -14.23 -6.21 58.62
CA ARG A 249 -13.03 -6.59 57.88
C ARG A 249 -13.26 -7.88 57.09
N LEU A 250 -14.03 -8.81 57.66
CA LEU A 250 -14.33 -10.05 56.94
C LEU A 250 -15.25 -9.79 55.76
N LEU A 251 -16.20 -8.86 55.90
CA LEU A 251 -17.12 -8.54 54.82
C LEU A 251 -16.48 -7.66 53.75
N GLU A 252 -15.37 -6.98 54.07
CA GLU A 252 -14.71 -6.14 53.07
C GLU A 252 -14.22 -6.95 51.88
N THR A 253 -13.82 -8.21 52.10
CA THR A 253 -13.36 -9.10 51.04
C THR A 253 -14.44 -10.14 50.81
N SER A 254 -15.28 -9.90 49.80
CA SER A 254 -16.36 -10.83 49.49
C SER A 254 -15.83 -12.15 48.90
N ASN A 255 -14.66 -12.13 48.28
CA ASN A 255 -14.10 -13.36 47.72
C ASN A 255 -13.72 -14.35 48.83
N ALA A 256 -13.24 -13.85 49.96
CA ALA A 256 -12.88 -14.69 51.10
C ALA A 256 -14.14 -15.03 51.90
N ARG A 257 -14.96 -15.91 51.33
CA ARG A 257 -16.19 -16.31 51.98
C ARG A 257 -15.91 -17.23 53.15
N ALA A 258 -15.26 -18.38 52.89
CA ALA A 258 -15.00 -19.36 53.93
C ALA A 258 -14.05 -18.80 54.98
N VAL A 259 -14.58 -18.51 56.17
CA VAL A 259 -13.80 -17.97 57.28
C VAL A 259 -13.39 -19.12 58.18
N ILE A 260 -12.09 -19.23 58.44
CA ILE A 260 -11.53 -20.29 59.26
C ILE A 260 -11.16 -19.68 60.61
N ILE A 261 -11.86 -20.10 61.66
CA ILE A 261 -11.68 -19.55 62.99
C ILE A 261 -10.99 -20.58 63.87
N PHE A 262 -10.05 -20.13 64.70
CA PHE A 262 -9.31 -21.00 65.61
C PHE A 262 -9.48 -20.58 67.06
N ALA A 263 -10.49 -19.76 67.36
CA ALA A 263 -10.72 -19.29 68.72
C ALA A 263 -11.50 -20.34 69.52
N ASN A 264 -11.79 -20.02 70.78
CA ASN A 264 -12.52 -20.91 71.66
C ASN A 264 -14.02 -20.71 71.45
N GLU A 265 -14.83 -21.25 72.38
CA GLU A 265 -16.28 -21.21 72.21
C GLU A 265 -16.83 -19.81 72.43
N ASP A 266 -16.29 -19.08 73.41
CA ASP A 266 -16.82 -17.75 73.72
C ASP A 266 -16.57 -16.78 72.58
N ASP A 267 -15.34 -16.75 72.07
CA ASP A 267 -15.02 -15.82 70.99
C ASP A 267 -15.75 -16.19 69.70
N ILE A 268 -15.92 -17.50 69.43
CA ILE A 268 -16.65 -17.87 68.22
C ILE A 268 -18.13 -17.55 68.38
N ARG A 269 -18.67 -17.65 69.59
CA ARG A 269 -20.06 -17.24 69.80
C ARG A 269 -20.22 -15.74 69.62
N ARG A 270 -19.25 -14.96 70.08
CA ARG A 270 -19.31 -13.51 69.87
C ARG A 270 -19.19 -13.17 68.39
N VAL A 271 -18.34 -13.89 67.66
CA VAL A 271 -18.23 -13.66 66.22
C VAL A 271 -19.54 -14.03 65.51
N LEU A 272 -20.17 -15.12 65.94
CA LEU A 272 -21.43 -15.52 65.33
C LEU A 272 -22.53 -14.51 65.60
N GLU A 273 -22.59 -13.98 66.82
CA GLU A 273 -23.62 -12.97 67.11
C GLU A 273 -23.32 -11.66 66.40
N ALA A 274 -22.04 -11.33 66.20
CA ALA A 274 -21.70 -10.15 65.42
C ALA A 274 -22.09 -10.32 63.96
N ALA A 275 -21.91 -11.53 63.41
CA ALA A 275 -22.38 -11.80 62.05
C ALA A 275 -23.89 -11.77 61.98
N ARG A 276 -24.57 -12.22 63.03
CA ARG A 276 -26.02 -12.06 63.12
C ARG A 276 -26.41 -10.60 63.07
N ARG A 277 -25.69 -9.74 63.78
CA ARG A 277 -25.93 -8.31 63.70
C ARG A 277 -25.58 -7.73 62.34
N ALA A 278 -24.72 -8.40 61.57
CA ALA A 278 -24.33 -7.94 60.25
C ALA A 278 -25.21 -8.51 59.15
N ASN A 279 -26.16 -9.39 59.48
CA ASN A 279 -27.09 -9.99 58.51
C ASN A 279 -26.33 -10.72 57.41
N GLN A 280 -25.51 -11.68 57.82
CA GLN A 280 -24.73 -12.52 56.92
C GLN A 280 -25.00 -13.99 57.18
N THR A 281 -26.25 -14.32 57.49
CA THR A 281 -26.61 -15.71 57.77
C THR A 281 -26.65 -16.51 56.48
N GLY A 282 -25.89 -17.62 56.45
CA GLY A 282 -25.87 -18.47 55.29
C GLY A 282 -25.07 -17.95 54.11
N HIS A 283 -24.39 -16.81 54.27
CA HIS A 283 -23.62 -16.26 53.16
C HIS A 283 -22.35 -17.07 52.90
N PHE A 284 -21.81 -17.72 53.93
CA PHE A 284 -20.59 -18.49 53.78
C PHE A 284 -20.54 -19.58 54.86
N PHE A 285 -19.72 -20.58 54.61
CA PHE A 285 -19.52 -21.67 55.56
C PHE A 285 -18.33 -21.36 56.46
N TRP A 286 -18.47 -21.68 57.74
CA TRP A 286 -17.40 -21.50 58.70
C TRP A 286 -16.51 -22.73 58.75
N MET A 287 -15.29 -22.53 59.25
CA MET A 287 -14.31 -23.61 59.41
C MET A 287 -13.83 -23.59 60.85
N GLY A 288 -14.33 -24.54 61.64
CA GLY A 288 -14.01 -24.59 63.05
C GLY A 288 -12.75 -25.40 63.34
N SER A 289 -12.09 -25.04 64.45
CA SER A 289 -10.89 -25.72 64.88
C SER A 289 -11.24 -26.83 65.86
N ASP A 290 -10.23 -27.39 66.52
CA ASP A 290 -10.44 -28.41 67.54
C ASP A 290 -10.93 -27.85 68.86
N SER A 291 -10.96 -26.52 69.01
CA SER A 291 -11.45 -25.93 70.26
C SER A 291 -12.92 -26.30 70.49
N TRP A 292 -13.71 -26.33 69.42
CA TRP A 292 -15.10 -26.75 69.49
C TRP A 292 -15.34 -27.83 68.46
N GLY A 293 -15.97 -28.92 68.87
CA GLY A 293 -16.29 -30.00 67.96
C GLY A 293 -17.79 -30.18 67.83
N SER A 294 -18.32 -31.26 68.43
CA SER A 294 -19.76 -31.48 68.49
C SER A 294 -20.43 -30.72 69.63
N LYS A 295 -19.75 -29.74 70.21
CA LYS A 295 -20.31 -28.99 71.33
C LYS A 295 -21.46 -28.12 70.87
N ILE A 296 -22.48 -28.00 71.74
CA ILE A 296 -23.63 -27.17 71.43
C ILE A 296 -23.47 -25.74 71.93
N ALA A 297 -22.58 -25.52 72.90
CA ALA A 297 -22.39 -24.16 73.44
C ALA A 297 -21.96 -23.14 72.39
N PRO A 298 -20.98 -23.41 71.51
CA PRO A 298 -20.65 -22.41 70.49
C PRO A 298 -21.77 -22.19 69.49
N VAL A 299 -22.59 -23.20 69.23
CA VAL A 299 -23.70 -23.07 68.30
C VAL A 299 -25.04 -22.93 69.04
N LEU A 300 -25.01 -22.47 70.28
CA LEU A 300 -26.23 -22.31 71.07
C LEU A 300 -26.94 -21.01 70.70
N HIS A 301 -28.26 -21.02 70.86
CA HIS A 301 -29.14 -19.88 70.59
C HIS A 301 -29.14 -19.46 69.13
N LEU A 302 -28.60 -20.29 68.24
CA LEU A 302 -28.57 -19.97 66.81
C LEU A 302 -28.37 -21.25 66.03
N GLU A 303 -29.16 -21.44 64.97
CA GLU A 303 -29.04 -22.62 64.13
C GLU A 303 -28.88 -22.25 62.67
N GLU A 304 -29.54 -21.16 62.25
CA GLU A 304 -29.44 -20.73 60.87
C GLU A 304 -28.02 -20.32 60.52
N VAL A 305 -27.33 -19.66 61.45
CA VAL A 305 -25.94 -19.28 61.22
C VAL A 305 -25.06 -20.53 61.32
N ALA A 306 -23.98 -20.55 60.53
CA ALA A 306 -23.05 -21.67 60.45
C ALA A 306 -23.76 -22.96 60.04
N GLU A 307 -24.76 -22.84 59.17
CA GLU A 307 -25.48 -24.02 58.68
C GLU A 307 -24.57 -24.81 57.75
N GLY A 308 -24.39 -26.09 58.05
CA GLY A 308 -23.47 -26.92 57.28
C GLY A 308 -22.02 -26.54 57.42
N ALA A 309 -21.63 -26.04 58.59
CA ALA A 309 -20.25 -25.61 58.80
C ALA A 309 -19.34 -26.80 59.05
N VAL A 310 -18.17 -26.79 58.44
CA VAL A 310 -17.20 -27.87 58.57
C VAL A 310 -16.36 -27.64 59.82
N THR A 311 -16.09 -28.72 60.55
CA THR A 311 -15.30 -28.65 61.77
C THR A 311 -14.52 -29.95 61.90
N ILE A 312 -13.38 -29.88 62.59
CA ILE A 312 -12.51 -31.03 62.79
C ILE A 312 -12.49 -31.38 64.27
N LEU A 313 -12.45 -32.68 64.56
CA LEU A 313 -12.44 -33.18 65.92
C LEU A 313 -11.92 -34.62 65.94
N PRO A 314 -10.96 -34.95 66.80
CA PRO A 314 -10.38 -36.29 66.78
C PRO A 314 -11.42 -37.37 67.00
N LYS A 315 -11.07 -38.59 66.58
CA LYS A 315 -12.02 -39.70 66.60
C LYS A 315 -12.39 -40.07 68.02
N ARG A 316 -13.69 -40.16 68.28
CA ARG A 316 -14.21 -40.57 69.58
C ARG A 316 -15.37 -41.53 69.35
N MET A 317 -15.29 -42.71 69.93
CA MET A 317 -16.32 -43.73 69.79
C MET A 317 -17.27 -43.69 70.97
N SER A 318 -18.38 -44.42 70.85
CA SER A 318 -19.40 -44.42 71.89
C SER A 318 -18.89 -45.08 73.15
N VAL A 319 -19.11 -44.42 74.29
CA VAL A 319 -18.69 -44.90 75.60
C VAL A 319 -19.93 -44.90 76.49
N ARG A 320 -20.54 -46.07 76.69
CA ARG A 320 -21.73 -46.16 77.51
C ARG A 320 -21.44 -46.05 79.01
N GLY A 321 -20.19 -46.27 79.41
CA GLY A 321 -19.87 -46.23 80.83
C GLY A 321 -20.09 -44.86 81.44
N PHE A 322 -19.53 -43.83 80.81
CA PHE A 322 -19.70 -42.46 81.32
C PHE A 322 -21.16 -42.02 81.22
N ASP A 323 -21.85 -42.43 80.16
CA ASP A 323 -23.27 -42.09 80.03
C ASP A 323 -24.08 -42.67 81.18
N ARG A 324 -23.85 -43.95 81.51
CA ARG A 324 -24.55 -44.56 82.63
C ARG A 324 -24.15 -43.92 83.95
N TYR A 325 -22.86 -43.62 84.12
CA TYR A 325 -22.40 -43.03 85.37
C TYR A 325 -22.94 -41.62 85.57
N PHE A 326 -23.24 -40.91 84.49
CA PHE A 326 -23.78 -39.57 84.59
C PHE A 326 -25.31 -39.56 84.66
N SER A 327 -25.97 -40.57 84.10
CA SER A 327 -27.43 -40.62 84.11
C SER A 327 -27.96 -41.25 85.40
N SER A 328 -27.43 -42.41 85.79
CA SER A 328 -27.92 -43.08 87.00
C SER A 328 -27.54 -42.29 88.25
N ARG A 329 -26.26 -41.95 88.38
CA ARG A 329 -25.80 -41.19 89.54
C ARG A 329 -26.26 -39.73 89.42
N THR A 330 -26.88 -39.22 90.48
CA THR A 330 -27.29 -37.83 90.53
C THR A 330 -26.15 -36.96 91.06
N LEU A 331 -26.19 -35.68 90.70
CA LEU A 331 -25.11 -34.77 91.02
C LEU A 331 -25.30 -34.05 92.35
N ASP A 332 -26.54 -33.78 92.74
CA ASP A 332 -26.79 -33.04 93.98
C ASP A 332 -26.44 -33.86 95.23
N ASN A 333 -26.45 -35.19 95.13
CA ASN A 333 -26.14 -36.02 96.29
C ASN A 333 -24.64 -36.07 96.55
N ASN A 334 -23.84 -36.18 95.50
CA ASN A 334 -22.40 -36.33 95.64
C ASN A 334 -21.77 -35.03 96.12
N ARG A 335 -21.17 -35.05 97.31
CA ARG A 335 -20.47 -33.91 97.86
C ARG A 335 -19.03 -33.91 97.35
N ARG A 336 -18.17 -33.11 97.99
CA ARG A 336 -16.73 -32.95 97.74
C ARG A 336 -16.42 -32.26 96.42
N ASN A 337 -17.44 -31.95 95.61
CA ASN A 337 -17.26 -31.20 94.36
C ASN A 337 -17.95 -29.86 94.55
N ILE A 338 -17.17 -28.82 94.86
CA ILE A 338 -17.74 -27.53 95.20
C ILE A 338 -18.35 -26.86 93.98
N TRP A 339 -17.75 -27.05 92.80
CA TRP A 339 -18.26 -26.40 91.60
C TRP A 339 -19.51 -27.06 91.05
N PHE A 340 -19.81 -28.30 91.48
CA PHE A 340 -21.03 -28.96 91.03
C PHE A 340 -22.27 -28.24 91.54
N ALA A 341 -22.18 -27.60 92.70
CA ALA A 341 -23.32 -26.82 93.20
C ALA A 341 -23.62 -25.65 92.28
N GLU A 342 -22.60 -24.88 91.91
CA GLU A 342 -22.82 -23.78 90.97
C GLU A 342 -23.24 -24.28 89.60
N PHE A 343 -22.76 -25.46 89.19
CA PHE A 343 -23.19 -26.04 87.92
C PHE A 343 -24.69 -26.34 87.95
N TRP A 344 -25.15 -26.99 89.03
CA TRP A 344 -26.58 -27.26 89.18
C TRP A 344 -27.38 -25.96 89.29
N GLU A 345 -26.78 -24.92 89.86
CA GLU A 345 -27.49 -23.65 90.01
C GLU A 345 -27.69 -22.97 88.66
N ASP A 346 -26.62 -22.83 87.89
CA ASP A 346 -26.72 -22.12 86.60
C ASP A 346 -27.24 -23.01 85.49
N ASN A 347 -27.38 -24.32 85.72
CA ASN A 347 -27.93 -25.19 84.68
C ASN A 347 -29.45 -25.21 84.73
N PHE A 348 -30.02 -25.30 85.92
CA PHE A 348 -31.48 -25.28 86.08
C PHE A 348 -32.06 -23.88 86.06
N HIS A 349 -31.21 -22.85 85.87
CA HIS A 349 -31.66 -21.46 85.76
C HIS A 349 -32.42 -21.01 87.01
N CYS A 350 -31.92 -21.41 88.18
CA CYS A 350 -32.56 -21.05 89.44
C CYS A 350 -31.54 -21.15 90.56
N LYS A 351 -31.72 -20.30 91.57
CA LYS A 351 -30.83 -20.30 92.72
C LYS A 351 -31.20 -21.42 93.69
N LEU A 352 -30.25 -21.77 94.55
CA LEU A 352 -30.47 -22.81 95.55
C LEU A 352 -30.07 -22.32 96.94
N VAL A 363 -37.18 -16.31 89.22
CA VAL A 363 -36.46 -17.33 89.96
C VAL A 363 -36.67 -18.70 89.31
N LYS A 364 -37.93 -19.17 89.31
CA LYS A 364 -38.30 -20.45 88.73
C LYS A 364 -37.49 -21.60 89.37
N LYS A 365 -37.61 -21.70 90.70
CA LYS A 365 -36.88 -22.71 91.44
C LYS A 365 -37.39 -24.11 91.09
N CYS A 366 -36.51 -25.10 91.31
CA CYS A 366 -36.85 -26.48 91.03
C CYS A 366 -36.59 -27.35 92.25
N THR A 367 -36.72 -28.66 92.09
CA THR A 367 -36.52 -29.63 93.17
C THR A 367 -35.28 -30.47 92.90
N ASN A 368 -34.90 -31.25 93.90
CA ASN A 368 -33.72 -32.12 93.78
C ASN A 368 -34.02 -33.41 93.03
N ARG A 369 -35.28 -33.72 92.76
CA ARG A 369 -35.62 -34.93 92.02
C ARG A 369 -35.32 -34.81 90.53
N GLU A 370 -35.11 -33.60 90.03
CA GLU A 370 -34.78 -33.42 88.62
C GLU A 370 -33.39 -33.96 88.32
N ARG A 371 -33.21 -34.46 87.10
CA ARG A 371 -31.94 -35.02 86.66
C ARG A 371 -31.46 -34.30 85.41
N ILE A 372 -30.25 -34.68 84.97
CA ILE A 372 -29.65 -34.05 83.80
C ILE A 372 -29.99 -34.83 82.52
N GLY A 373 -30.20 -36.14 82.63
CA GLY A 373 -30.49 -36.93 81.45
C GLY A 373 -31.78 -36.50 80.76
N GLN A 374 -32.76 -36.06 81.54
CA GLN A 374 -34.00 -35.57 80.94
C GLN A 374 -33.79 -34.21 80.27
N ASP A 375 -32.80 -33.44 80.71
CA ASP A 375 -32.53 -32.14 80.13
C ASP A 375 -31.84 -32.30 78.77
N SER A 376 -32.28 -31.49 77.81
CA SER A 376 -31.69 -31.54 76.47
C SER A 376 -30.30 -30.92 76.41
N ALA A 377 -29.87 -30.25 77.48
CA ALA A 377 -28.55 -29.62 77.48
C ALA A 377 -27.41 -30.63 77.64
N TYR A 378 -27.70 -31.84 78.10
CA TYR A 378 -26.67 -32.85 78.29
C TYR A 378 -26.29 -33.46 76.94
N GLU A 379 -25.04 -33.24 76.53
CA GLU A 379 -24.52 -33.79 75.30
C GLU A 379 -23.16 -34.42 75.59
N GLN A 380 -22.95 -35.64 75.10
CA GLN A 380 -21.70 -36.35 75.33
C GLN A 380 -20.57 -35.65 74.59
N GLU A 381 -19.54 -35.23 75.33
CA GLU A 381 -18.41 -34.51 74.76
C GLU A 381 -17.31 -35.47 74.37
N GLY A 382 -16.69 -35.22 73.21
CA GLY A 382 -15.60 -36.06 72.76
C GLY A 382 -14.37 -35.97 73.63
N LYS A 383 -14.19 -34.85 74.34
CA LYS A 383 -13.05 -34.71 75.23
C LYS A 383 -13.17 -35.57 76.47
N VAL A 384 -14.38 -36.03 76.81
CA VAL A 384 -14.56 -36.94 77.94
C VAL A 384 -13.73 -38.21 77.73
N GLN A 385 -13.84 -38.80 76.55
CA GLN A 385 -13.07 -40.01 76.25
C GLN A 385 -11.57 -39.74 76.32
N PHE A 386 -11.14 -38.54 75.94
CA PHE A 386 -9.72 -38.21 76.00
C PHE A 386 -9.24 -38.07 77.44
N VAL A 387 -10.05 -37.47 78.31
CA VAL A 387 -9.70 -37.39 79.72
C VAL A 387 -9.61 -38.78 80.33
N ILE A 388 -10.58 -39.64 80.00
CA ILE A 388 -10.56 -41.01 80.52
C ILE A 388 -9.32 -41.74 80.02
N ASP A 389 -8.96 -41.56 78.75
CA ASP A 389 -7.79 -42.22 78.20
C ASP A 389 -6.51 -41.69 78.85
N ALA A 390 -6.46 -40.40 79.15
CA ALA A 390 -5.28 -39.85 79.83
C ALA A 390 -5.14 -40.41 81.24
N VAL A 391 -6.25 -40.49 81.98
CA VAL A 391 -6.20 -41.07 83.32
C VAL A 391 -5.80 -42.54 83.25
N TYR A 392 -6.31 -43.26 82.25
CA TYR A 392 -5.95 -44.67 82.10
C TYR A 392 -4.49 -44.84 81.72
N ALA A 393 -3.95 -43.91 80.92
CA ALA A 393 -2.54 -43.99 80.57
C ALA A 393 -1.66 -43.73 81.78
N MET A 394 -2.02 -42.74 82.59
CA MET A 394 -1.26 -42.50 83.82
C MET A 394 -1.37 -43.68 84.77
N GLY A 395 -2.55 -44.30 84.84
CA GLY A 395 -2.71 -45.48 85.68
C GLY A 395 -1.88 -46.66 85.20
N HIS A 396 -1.83 -46.87 83.88
CA HIS A 396 -1.00 -47.93 83.34
C HIS A 396 0.48 -47.66 83.57
N ALA A 397 0.89 -46.39 83.48
CA ALA A 397 2.26 -46.04 83.78
C ALA A 397 2.61 -46.33 85.23
N LEU A 398 1.72 -45.95 86.15
CA LEU A 398 1.95 -46.23 87.57
C LEU A 398 1.96 -47.73 87.83
N HIS A 399 1.10 -48.48 87.14
CA HIS A 399 1.09 -49.93 87.31
C HIS A 399 2.37 -50.57 86.82
N ALA A 400 2.87 -50.13 85.66
CA ALA A 400 4.14 -50.65 85.16
C ALA A 400 5.29 -50.29 86.09
N MET A 401 5.27 -49.07 86.63
CA MET A 401 6.31 -48.66 87.57
C MET A 401 6.28 -49.52 88.83
N HIS A 402 5.08 -49.77 89.36
CA HIS A 402 4.97 -50.60 90.56
C HIS A 402 5.36 -52.04 90.28
N ARG A 403 5.08 -52.54 89.07
CA ARG A 403 5.44 -53.92 88.73
C ARG A 403 6.93 -54.08 88.53
N ASP A 404 7.59 -53.06 87.96
CA ASP A 404 9.03 -53.16 87.71
C ASP A 404 9.84 -52.88 88.97
N LEU A 405 9.38 -51.95 89.81
CA LEU A 405 10.14 -51.60 91.01
C LEU A 405 9.85 -52.56 92.15
N CYS A 406 8.58 -52.89 92.37
CA CYS A 406 8.16 -53.78 93.46
C CYS A 406 7.35 -54.92 92.86
N PRO A 407 8.02 -55.91 92.24
CA PRO A 407 7.25 -57.02 91.63
C PRO A 407 6.64 -57.96 92.65
N GLY A 408 7.39 -58.30 93.70
CA GLY A 408 6.90 -59.24 94.70
C GLY A 408 5.88 -58.63 95.65
N ARG A 409 6.13 -57.40 96.08
CA ARG A 409 5.23 -56.74 97.02
C ARG A 409 3.95 -56.29 96.32
N VAL A 410 2.86 -56.25 97.09
CA VAL A 410 1.57 -55.81 96.59
C VAL A 410 1.21 -54.50 97.26
N GLY A 411 0.50 -53.65 96.52
CA GLY A 411 0.13 -52.34 97.04
C GLY A 411 1.29 -51.37 97.03
N LEU A 412 1.13 -50.30 97.80
CA LEU A 412 2.16 -49.27 97.88
C LEU A 412 3.36 -49.79 98.68
N CYS A 413 4.53 -49.78 98.07
CA CYS A 413 5.75 -50.24 98.70
C CYS A 413 6.62 -49.06 99.12
N PRO A 414 7.43 -49.20 100.17
CA PRO A 414 8.26 -48.08 100.61
C PRO A 414 9.29 -47.63 99.58
N ARG A 415 9.67 -48.49 98.64
CA ARG A 415 10.62 -48.07 97.61
C ARG A 415 9.98 -47.07 96.65
N MET A 416 8.71 -47.24 96.35
CA MET A 416 8.00 -46.36 95.41
C MET A 416 7.33 -45.18 96.11
N ASP A 417 7.56 -45.00 97.41
CA ASP A 417 6.97 -43.85 98.10
C ASP A 417 7.47 -42.53 97.53
N PRO A 418 8.78 -42.30 97.30
CA PRO A 418 9.20 -41.13 96.51
C PRO A 418 9.13 -41.44 95.03
N VAL A 419 8.20 -40.78 94.34
CA VAL A 419 7.96 -41.03 92.92
C VAL A 419 8.75 -40.00 92.12
N ASP A 420 9.75 -40.48 91.36
CA ASP A 420 10.56 -39.59 90.54
C ASP A 420 9.78 -39.18 89.30
N GLY A 421 9.82 -37.88 88.98
CA GLY A 421 9.07 -37.39 87.84
C GLY A 421 9.62 -37.90 86.52
N THR A 422 10.95 -38.00 86.40
CA THR A 422 11.54 -38.45 85.15
C THR A 422 11.22 -39.92 84.87
N GLN A 423 11.26 -40.76 85.90
CA GLN A 423 10.94 -42.17 85.69
C GLN A 423 9.48 -42.35 85.28
N LEU A 424 8.57 -41.62 85.92
CA LEU A 424 7.16 -41.72 85.53
C LEU A 424 6.93 -41.16 84.14
N LEU A 425 7.65 -40.09 83.78
CA LEU A 425 7.55 -39.56 82.42
C LEU A 425 8.01 -40.58 81.39
N LYS A 426 9.11 -41.29 81.70
CA LYS A 426 9.59 -42.33 80.78
C LYS A 426 8.63 -43.50 80.71
N TYR A 427 7.96 -43.83 81.82
CA TYR A 427 7.02 -44.95 81.82
C TYR A 427 5.70 -44.59 81.15
N ILE A 428 5.34 -43.31 81.11
CA ILE A 428 4.09 -42.90 80.48
C ILE A 428 4.14 -43.17 78.98
N ARG A 429 5.31 -43.01 78.36
CA ARG A 429 5.42 -43.14 76.92
C ARG A 429 5.53 -44.59 76.47
N ASN A 430 6.09 -45.47 77.30
CA ASN A 430 6.39 -46.84 76.90
C ASN A 430 5.30 -47.83 77.31
N VAL A 431 4.06 -47.37 77.40
CA VAL A 431 2.93 -48.24 77.71
C VAL A 431 1.97 -48.25 76.53
N ASN A 432 1.36 -49.40 76.26
CA ASN A 432 0.42 -49.56 75.18
C ASN A 432 -0.77 -50.38 75.68
N PHE A 433 -1.97 -49.84 75.52
CA PHE A 433 -3.17 -50.51 75.98
C PHE A 433 -4.35 -50.06 75.13
N SER A 434 -5.38 -50.91 75.10
CA SER A 434 -6.62 -50.60 74.38
C SER A 434 -7.57 -49.91 75.35
N GLY A 435 -7.79 -48.61 75.13
CA GLY A 435 -8.65 -47.84 75.99
C GLY A 435 -10.12 -48.19 75.85
N ILE A 436 -11.00 -47.31 76.36
CA ILE A 436 -12.43 -47.55 76.26
C ILE A 436 -12.86 -47.52 74.80
N ALA A 437 -13.92 -48.27 74.49
CA ALA A 437 -14.49 -48.41 73.16
C ALA A 437 -13.53 -49.03 72.15
N GLY A 438 -12.41 -49.59 72.62
CA GLY A 438 -11.50 -50.30 71.75
C GLY A 438 -10.47 -49.45 71.05
N ASN A 439 -10.19 -48.25 71.54
CA ASN A 439 -9.16 -47.54 70.79
C ASN A 439 -7.79 -47.75 71.41
N PRO A 440 -6.74 -47.86 70.59
CA PRO A 440 -5.39 -48.02 71.14
C PRO A 440 -4.82 -46.67 71.56
N VAL A 441 -4.36 -46.61 72.81
CA VAL A 441 -3.78 -45.39 73.38
C VAL A 441 -2.27 -45.55 73.36
N THR A 442 -1.64 -45.02 72.31
CA THR A 442 -0.19 -45.12 72.15
C THR A 442 0.31 -43.86 71.45
N PHE A 443 1.36 -43.26 72.00
CA PHE A 443 1.94 -42.06 71.42
C PHE A 443 3.46 -42.20 71.34
N ASN A 444 4.06 -41.33 70.54
CA ASN A 444 5.50 -41.35 70.30
C ASN A 444 6.25 -40.68 71.45
N GLU A 445 7.54 -40.40 71.24
CA GLU A 445 8.40 -39.93 72.32
C GLU A 445 7.89 -38.62 72.91
N ASN A 446 7.71 -37.60 72.06
CA ASN A 446 7.23 -36.31 72.57
C ASN A 446 5.77 -36.35 72.99
N GLY A 447 5.04 -37.39 72.61
CA GLY A 447 3.68 -37.57 73.09
C GLY A 447 2.60 -37.09 72.14
N ASP A 448 2.70 -37.48 70.87
CA ASP A 448 1.72 -37.11 69.86
C ASP A 448 0.93 -38.34 69.42
N ALA A 449 -0.38 -38.15 69.21
CA ALA A 449 -1.22 -39.23 68.74
C ALA A 449 -0.91 -39.53 67.28
N PRO A 450 -1.18 -40.77 66.82
CA PRO A 450 -0.84 -41.13 65.44
C PRO A 450 -1.79 -40.54 64.40
N GLY A 451 -2.05 -39.23 64.49
CA GLY A 451 -2.84 -38.52 63.49
C GLY A 451 -4.21 -39.10 63.22
N ARG A 452 -5.11 -39.00 64.20
CA ARG A 452 -6.47 -39.50 64.08
C ARG A 452 -7.43 -38.33 64.24
N TYR A 453 -8.28 -38.11 63.23
CA TYR A 453 -9.21 -37.00 63.23
C TYR A 453 -10.53 -37.42 62.60
N ASP A 454 -11.49 -36.51 62.63
CA ASP A 454 -12.82 -36.72 62.06
C ASP A 454 -13.40 -35.38 61.64
N ILE A 455 -14.18 -35.39 60.57
CA ILE A 455 -14.80 -34.19 60.02
C ILE A 455 -16.29 -34.23 60.34
N TYR A 456 -16.77 -33.16 60.99
CA TYR A 456 -18.17 -33.03 61.37
C TYR A 456 -18.77 -31.80 60.69
N GLN A 457 -19.92 -31.98 60.06
CA GLN A 457 -20.65 -30.89 59.42
C GLN A 457 -21.85 -30.55 60.28
N TYR A 458 -21.89 -29.31 60.78
CA TYR A 458 -23.04 -28.80 61.53
C TYR A 458 -24.10 -28.37 60.52
N GLN A 459 -25.21 -29.10 60.48
CA GLN A 459 -26.26 -28.84 59.52
C GLN A 459 -27.61 -29.11 60.16
N LEU A 460 -28.65 -28.53 59.56
CA LEU A 460 -30.02 -28.66 60.05
C LEU A 460 -30.75 -29.73 59.25
N ARG A 461 -31.60 -30.48 59.94
CA ARG A 461 -32.38 -31.54 59.30
C ARG A 461 -33.80 -31.07 58.99
N ALA A 465 -30.28 -29.52 63.36
CA ALA A 465 -29.17 -28.70 63.83
C ALA A 465 -28.17 -29.54 64.62
N GLU A 466 -27.59 -30.54 63.96
CA GLU A 466 -26.65 -31.45 64.59
C GLU A 466 -25.42 -31.63 63.70
N TYR A 467 -24.45 -32.36 64.22
CA TYR A 467 -23.20 -32.62 63.53
C TYR A 467 -23.24 -34.01 62.90
N LYS A 468 -23.09 -34.06 61.58
CA LYS A 468 -23.04 -35.31 60.83
C LYS A 468 -21.61 -35.62 60.40
N VAL A 469 -21.27 -36.91 60.40
CA VAL A 469 -19.92 -37.33 60.05
C VAL A 469 -19.80 -37.40 58.52
N ILE A 470 -18.93 -36.57 57.96
CA ILE A 470 -18.67 -36.59 56.52
C ILE A 470 -17.66 -37.67 56.18
N GLY A 471 -16.48 -37.59 56.78
CA GLY A 471 -15.43 -38.56 56.53
C GLY A 471 -14.44 -38.58 57.66
N SER A 472 -13.60 -39.61 57.67
CA SER A 472 -12.60 -39.81 58.70
C SER A 472 -11.22 -39.57 58.11
N TRP A 473 -10.41 -38.78 58.83
CA TRP A 473 -9.03 -38.48 58.41
C TRP A 473 -8.09 -39.35 59.22
N THR A 474 -7.45 -40.31 58.56
CA THR A 474 -6.53 -41.26 59.16
C THR A 474 -5.20 -41.24 58.41
N ASP A 475 -4.67 -40.02 58.22
CA ASP A 475 -3.54 -39.76 57.32
C ASP A 475 -3.91 -40.07 55.88
N HIS A 476 -5.21 -40.01 55.57
CA HIS A 476 -5.73 -40.23 54.23
C HIS A 476 -7.07 -39.54 54.13
N LEU A 477 -7.48 -39.23 52.90
CA LEU A 477 -8.71 -38.50 52.64
C LEU A 477 -9.63 -39.37 51.79
N HIS A 478 -10.63 -39.98 52.43
CA HIS A 478 -11.65 -40.78 51.77
C HIS A 478 -13.04 -40.38 52.24
N LEU A 479 -13.28 -39.08 52.34
CA LEU A 479 -14.57 -38.59 52.80
C LEU A 479 -15.65 -38.83 51.74
N ARG A 480 -16.90 -38.79 52.18
CA ARG A 480 -18.05 -39.01 51.32
C ARG A 480 -18.74 -37.68 51.03
N ILE A 481 -19.17 -37.52 49.78
CA ILE A 481 -19.86 -36.31 49.36
C ILE A 481 -21.20 -36.68 48.72
N GLN A 491 -28.63 -24.67 46.24
CA GLN A 491 -28.31 -25.04 47.61
C GLN A 491 -26.79 -25.15 47.79
N GLN A 492 -26.08 -25.43 46.71
CA GLN A 492 -24.63 -25.56 46.76
C GLN A 492 -24.00 -24.18 46.87
N LEU A 493 -23.20 -23.98 47.91
CA LEU A 493 -22.57 -22.69 48.13
C LEU A 493 -21.37 -22.52 47.21
N PRO A 494 -21.22 -21.37 46.55
CA PRO A 494 -20.10 -21.19 45.61
C PRO A 494 -18.76 -21.25 46.33
N ARG A 495 -17.84 -22.06 45.78
CA ARG A 495 -16.56 -22.28 46.42
C ARG A 495 -15.72 -21.01 46.38
N SER A 496 -14.92 -20.81 47.44
CA SER A 496 -14.04 -19.66 47.55
C SER A 496 -12.80 -19.92 46.71
N ILE A 497 -12.73 -19.29 45.55
CA ILE A 497 -11.65 -19.56 44.60
C ILE A 497 -11.01 -18.26 44.12
N CYS A 498 -11.65 -17.13 44.42
CA CYS A 498 -11.22 -15.76 44.09
C CYS A 498 -11.31 -15.49 42.59
N SER A 499 -11.66 -16.49 41.78
CA SER A 499 -11.76 -16.31 40.34
C SER A 499 -12.57 -17.47 39.78
N LEU A 500 -13.60 -17.16 39.01
CA LEU A 500 -14.42 -18.21 38.41
C LEU A 500 -13.57 -19.08 37.48
N PRO A 501 -13.91 -20.36 37.34
CA PRO A 501 -13.14 -21.23 36.43
C PRO A 501 -13.25 -20.75 35.00
N CYS A 502 -12.14 -20.23 34.46
CA CYS A 502 -12.14 -19.62 33.13
C CYS A 502 -12.17 -20.76 32.11
N GLN A 503 -13.39 -21.19 31.78
CA GLN A 503 -13.61 -22.38 30.96
C GLN A 503 -13.31 -22.16 29.48
N PRO A 504 -13.78 -21.09 28.84
CA PRO A 504 -13.51 -20.94 27.40
C PRO A 504 -12.02 -20.90 27.06
N GLY A 505 -11.24 -20.16 27.83
CA GLY A 505 -9.81 -20.06 27.60
C GLY A 505 -9.38 -19.05 26.56
N GLU A 506 -10.33 -18.37 25.91
CA GLU A 506 -9.97 -17.36 24.92
C GLU A 506 -9.28 -16.16 25.56
N ARG A 507 -9.48 -15.94 26.85
CA ARG A 507 -8.86 -14.83 27.57
C ARG A 507 -7.61 -15.31 28.30
N LYS A 508 -6.60 -14.45 28.35
CA LYS A 508 -5.32 -14.79 28.97
C LYS A 508 -5.36 -14.46 30.46
N LYS A 509 -4.88 -15.40 31.27
CA LYS A 509 -4.90 -15.25 32.72
C LYS A 509 -3.81 -14.26 33.14
N THR A 510 -4.22 -13.08 33.60
CA THR A 510 -3.27 -12.06 34.02
C THR A 510 -2.59 -12.46 35.32
N VAL A 511 -1.28 -12.25 35.37
CA VAL A 511 -0.49 -12.55 36.56
C VAL A 511 -0.73 -11.44 37.58
N LYS A 512 -1.40 -11.78 38.68
CA LYS A 512 -1.70 -10.80 39.72
C LYS A 512 -0.58 -10.77 40.74
N GLY A 513 -0.76 -9.97 41.79
CA GLY A 513 0.22 -9.85 42.85
C GLY A 513 0.49 -11.18 43.52
N MET A 514 -0.54 -11.76 44.12
CA MET A 514 -0.45 -13.12 44.64
C MET A 514 -0.59 -14.11 43.51
N PRO A 515 0.31 -15.08 43.37
CA PRO A 515 0.18 -16.12 42.33
C PRO A 515 -0.89 -17.14 42.69
N CYS A 516 -2.08 -16.64 43.04
CA CYS A 516 -3.08 -17.46 43.71
C CYS A 516 -4.39 -17.52 42.96
N CYS A 517 -4.98 -16.38 42.60
CA CYS A 517 -6.18 -16.33 41.78
C CYS A 517 -5.91 -15.41 40.60
N TRP A 518 -6.17 -15.89 39.40
CA TRP A 518 -5.87 -15.16 38.18
C TRP A 518 -7.10 -14.40 37.70
N HIS A 519 -6.96 -13.75 36.55
CA HIS A 519 -8.05 -12.97 35.95
C HIS A 519 -7.86 -13.00 34.44
N CYS A 520 -8.67 -13.79 33.74
CA CYS A 520 -8.53 -13.94 32.30
C CYS A 520 -9.30 -12.80 31.63
N GLU A 521 -8.57 -11.76 31.22
CA GLU A 521 -9.19 -10.64 30.53
C GLU A 521 -9.17 -10.90 29.03
N PRO A 522 -10.28 -10.66 28.33
CA PRO A 522 -10.32 -10.97 26.89
C PRO A 522 -9.41 -10.05 26.09
N CYS A 523 -8.74 -10.63 25.11
CA CYS A 523 -7.86 -9.88 24.23
C CYS A 523 -8.67 -9.24 23.10
N THR A 524 -7.99 -8.63 22.14
CA THR A 524 -8.68 -8.00 21.04
C THR A 524 -9.18 -9.03 20.04
N GLY A 525 -9.93 -8.56 19.05
CA GLY A 525 -10.45 -9.45 18.02
C GLY A 525 -9.39 -10.03 17.11
N TYR A 526 -8.23 -9.39 17.01
CA TYR A 526 -7.13 -9.86 16.18
C TYR A 526 -6.02 -10.50 17.01
N GLN A 527 -6.32 -10.92 18.24
CA GLN A 527 -5.34 -11.54 19.12
C GLN A 527 -5.82 -12.94 19.50
N TYR A 528 -4.98 -13.93 19.28
CA TYR A 528 -5.30 -15.32 19.57
C TYR A 528 -4.72 -15.72 20.93
N GLN A 529 -5.49 -16.50 21.68
CA GLN A 529 -5.07 -16.98 22.99
C GLN A 529 -4.08 -18.12 22.81
N VAL A 530 -2.84 -17.76 22.48
CA VAL A 530 -1.79 -18.77 22.30
C VAL A 530 -1.36 -19.33 23.65
N ASP A 531 -0.87 -18.46 24.53
CA ASP A 531 -0.46 -18.85 25.87
C ASP A 531 -1.55 -18.51 26.87
N ARG A 532 -1.36 -18.99 28.10
CA ARG A 532 -2.31 -18.74 29.18
C ARG A 532 -2.06 -17.42 29.88
N TYR A 533 -0.89 -16.79 29.68
CA TYR A 533 -0.56 -15.54 30.32
C TYR A 533 -0.49 -14.36 29.36
N THR A 534 -0.45 -14.60 28.05
CA THR A 534 -0.38 -13.52 27.08
C THR A 534 -0.90 -14.03 25.74
N CYS A 535 -1.52 -13.11 24.99
CA CYS A 535 -2.03 -13.43 23.66
C CYS A 535 -0.94 -13.22 22.61
N LYS A 536 -1.19 -13.73 21.41
CA LYS A 536 -0.27 -13.61 20.29
C LYS A 536 -1.03 -13.11 19.07
N THR A 537 -0.30 -12.87 17.99
CA THR A 537 -0.88 -12.36 16.74
C THR A 537 -0.48 -13.26 15.59
N CYS A 538 -1.46 -13.90 14.96
CA CYS A 538 -1.23 -14.74 13.81
C CYS A 538 -1.21 -13.91 12.54
N PRO A 539 -0.58 -14.41 11.47
CA PRO A 539 -0.48 -13.62 10.22
C PRO A 539 -1.83 -13.35 9.57
N TYR A 540 -1.81 -12.62 8.46
CA TYR A 540 -3.03 -12.24 7.78
C TYR A 540 -3.77 -13.46 7.24
N ASP A 541 -5.02 -13.25 6.83
CA ASP A 541 -5.90 -14.31 6.35
C ASP A 541 -6.08 -15.41 7.39
N MET A 542 -6.04 -15.04 8.67
CA MET A 542 -6.16 -16.00 9.77
C MET A 542 -6.97 -15.33 10.87
N ARG A 543 -8.25 -15.69 10.97
CA ARG A 543 -9.14 -15.11 11.98
C ARG A 543 -9.05 -15.92 13.27
N PRO A 544 -8.84 -15.29 14.42
CA PRO A 544 -8.76 -16.05 15.68
C PRO A 544 -10.06 -16.77 15.98
N THR A 545 -9.95 -18.06 16.28
CA THR A 545 -11.11 -18.87 16.58
C THR A 545 -11.71 -18.48 17.93
N GLU A 546 -12.95 -18.90 18.16
CA GLU A 546 -13.62 -18.61 19.42
C GLU A 546 -12.96 -19.36 20.57
N ASN A 547 -12.70 -20.65 20.39
CA ASN A 547 -12.07 -21.46 21.42
C ASN A 547 -10.55 -21.34 21.31
N ARG A 548 -9.85 -22.00 22.25
CA ARG A 548 -8.39 -21.98 22.27
C ARG A 548 -7.87 -23.02 21.28
N THR A 549 -7.89 -22.64 20.00
CA THR A 549 -7.43 -23.51 18.92
C THR A 549 -6.43 -22.86 17.98
N GLY A 550 -6.35 -21.53 17.93
CA GLY A 550 -5.42 -20.86 17.05
C GLY A 550 -6.09 -19.84 16.15
N CYS A 551 -5.83 -19.93 14.85
CA CYS A 551 -6.40 -19.01 13.88
C CYS A 551 -6.85 -19.80 12.66
N ARG A 552 -8.15 -19.72 12.33
CA ARG A 552 -8.75 -20.42 11.20
C ARG A 552 -8.59 -19.61 9.93
N PRO A 553 -8.43 -20.27 8.78
CA PRO A 553 -8.25 -19.55 7.52
C PRO A 553 -9.50 -18.78 7.13
N ILE A 554 -9.28 -17.63 6.50
CA ILE A 554 -10.39 -16.78 6.06
C ILE A 554 -11.06 -17.40 4.84
N PRO A 555 -12.38 -17.60 4.86
CA PRO A 555 -13.06 -18.17 3.70
C PRO A 555 -13.01 -17.20 2.52
N ILE A 556 -12.46 -17.67 1.40
CA ILE A 556 -12.32 -16.88 0.19
C ILE A 556 -13.12 -17.56 -0.92
N ILE A 557 -13.83 -16.75 -1.71
CA ILE A 557 -14.63 -17.25 -2.82
C ILE A 557 -14.18 -16.59 -4.11
N LYS A 558 -14.81 -16.95 -5.22
CA LYS A 558 -14.46 -16.40 -6.53
C LYS A 558 -15.68 -15.83 -7.25
N LEU A 559 -16.74 -15.50 -6.51
CA LEU A 559 -17.98 -14.96 -7.08
C LEU A 559 -18.56 -15.90 -8.14
N GLU A 560 -18.89 -17.11 -7.70
CA GLU A 560 -19.45 -18.10 -8.60
C GLU A 560 -20.88 -17.74 -9.00
N TRP A 561 -21.75 -17.52 -8.01
CA TRP A 561 -23.13 -17.15 -8.31
C TRP A 561 -23.22 -15.74 -8.88
N GLY A 562 -22.73 -14.75 -8.14
CA GLY A 562 -22.76 -13.38 -8.59
C GLY A 562 -24.15 -12.79 -8.64
N SER A 563 -24.90 -12.95 -7.55
CA SER A 563 -26.28 -12.47 -7.46
C SER A 563 -26.38 -10.96 -7.24
N PRO A 564 -25.70 -10.37 -6.23
CA PRO A 564 -25.96 -8.96 -5.90
C PRO A 564 -25.64 -7.98 -7.02
N TRP A 565 -24.39 -7.98 -7.51
CA TRP A 565 -23.98 -6.99 -8.49
C TRP A 565 -23.13 -7.61 -9.60
N ALA A 566 -23.40 -8.86 -9.97
CA ALA A 566 -22.66 -9.52 -11.04
C ALA A 566 -23.54 -10.21 -12.07
N VAL A 567 -24.85 -10.31 -11.84
CA VAL A 567 -25.73 -10.93 -12.82
C VAL A 567 -26.21 -9.92 -13.87
N LEU A 568 -26.34 -8.65 -13.49
CA LEU A 568 -26.72 -7.59 -14.43
C LEU A 568 -25.61 -7.35 -15.46
N PRO A 569 -24.33 -7.25 -15.04
CA PRO A 569 -23.27 -7.16 -16.05
C PRO A 569 -23.22 -8.36 -16.98
N LEU A 570 -23.43 -9.57 -16.44
CA LEU A 570 -23.42 -10.76 -17.28
C LEU A 570 -24.58 -10.73 -18.28
N PHE A 571 -25.77 -10.31 -17.83
CA PHE A 571 -26.89 -10.22 -18.74
C PHE A 571 -26.65 -9.19 -19.83
N LEU A 572 -26.14 -8.01 -19.46
CA LEU A 572 -25.84 -7.00 -20.47
C LEU A 572 -24.77 -7.49 -21.43
N ALA A 573 -23.79 -8.26 -20.93
CA ALA A 573 -22.73 -8.77 -21.79
C ALA A 573 -23.26 -9.80 -22.78
N VAL A 574 -24.13 -10.71 -22.33
CA VAL A 574 -24.68 -11.68 -23.28
C VAL A 574 -25.62 -11.01 -24.26
N VAL A 575 -26.32 -9.94 -23.84
CA VAL A 575 -27.15 -9.19 -24.77
C VAL A 575 -26.27 -8.51 -25.82
N GLY A 576 -25.13 -7.97 -25.40
CA GLY A 576 -24.21 -7.37 -26.35
C GLY A 576 -23.61 -8.39 -27.30
N ILE A 577 -23.33 -9.59 -26.80
CA ILE A 577 -22.82 -10.66 -27.66
C ILE A 577 -23.88 -11.04 -28.70
N ALA A 578 -25.13 -11.17 -28.28
CA ALA A 578 -26.20 -11.47 -29.23
C ALA A 578 -26.34 -10.37 -30.27
N ALA A 579 -26.27 -9.11 -29.84
CA ALA A 579 -26.41 -8.00 -30.77
C ALA A 579 -25.26 -7.94 -31.76
N THR A 580 -24.03 -8.16 -31.29
CA THR A 580 -22.89 -8.11 -32.20
C THR A 580 -22.90 -9.29 -33.16
N LEU A 581 -23.32 -10.47 -32.70
CA LEU A 581 -23.47 -11.60 -33.61
C LEU A 581 -24.53 -11.31 -34.67
N PHE A 582 -25.64 -10.69 -34.26
CA PHE A 582 -26.70 -10.38 -35.23
C PHE A 582 -26.22 -9.36 -36.25
N VAL A 583 -25.52 -8.31 -35.82
CA VAL A 583 -25.09 -7.31 -36.77
C VAL A 583 -23.99 -7.85 -37.68
N VAL A 584 -23.13 -8.74 -37.17
CA VAL A 584 -22.12 -9.36 -38.02
C VAL A 584 -22.78 -10.26 -39.07
N ILE A 585 -23.82 -11.01 -38.66
CA ILE A 585 -24.54 -11.85 -39.62
C ILE A 585 -25.22 -10.99 -40.67
N THR A 586 -25.80 -9.87 -40.26
CA THR A 586 -26.45 -8.98 -41.22
C THR A 586 -25.44 -8.34 -42.15
N PHE A 587 -24.23 -8.05 -41.66
CA PHE A 587 -23.19 -7.47 -42.51
C PHE A 587 -22.68 -8.49 -43.53
N VAL A 588 -22.45 -9.73 -43.11
CA VAL A 588 -21.94 -10.73 -44.05
C VAL A 588 -23.01 -11.26 -44.97
N ARG A 589 -24.29 -11.11 -44.61
CA ARG A 589 -25.39 -11.58 -45.47
C ARG A 589 -25.94 -10.48 -46.35
N TYR A 590 -26.08 -9.27 -45.82
CA TYR A 590 -26.60 -8.12 -46.56
C TYR A 590 -25.46 -7.12 -46.74
N ASN A 591 -24.70 -7.27 -47.81
CA ASN A 591 -23.57 -6.41 -48.11
C ASN A 591 -23.64 -5.77 -49.48
N ASP A 592 -24.60 -6.15 -50.32
CA ASP A 592 -24.69 -5.58 -51.66
C ASP A 592 -25.25 -4.16 -51.66
N THR A 593 -25.96 -3.77 -50.60
CA THR A 593 -26.53 -2.43 -50.55
C THR A 593 -25.41 -1.40 -50.32
N PRO A 594 -25.53 -0.21 -50.93
CA PRO A 594 -24.44 0.76 -50.83
C PRO A 594 -24.30 1.42 -49.47
N ILE A 595 -25.31 1.34 -48.61
CA ILE A 595 -25.22 2.00 -47.31
C ILE A 595 -24.19 1.31 -46.42
N VAL A 596 -24.14 -0.01 -46.44
CA VAL A 596 -23.14 -0.71 -45.64
C VAL A 596 -21.76 -0.58 -46.30
N LYS A 597 -21.71 -0.45 -47.62
CA LYS A 597 -20.44 -0.32 -48.32
C LYS A 597 -19.86 1.08 -48.20
N ALA A 598 -20.68 2.08 -47.85
CA ALA A 598 -20.16 3.43 -47.65
C ALA A 598 -19.12 3.47 -46.55
N SER A 599 -19.42 2.84 -45.40
CA SER A 599 -18.45 2.72 -44.34
C SER A 599 -17.44 1.63 -44.67
N GLY A 600 -16.29 1.69 -44.01
CA GLY A 600 -15.24 0.73 -44.22
C GLY A 600 -15.63 -0.68 -43.83
N ARG A 601 -15.49 -1.64 -44.76
CA ARG A 601 -15.82 -3.02 -44.47
C ARG A 601 -14.89 -3.59 -43.40
N GLU A 602 -13.58 -3.59 -43.67
CA GLU A 602 -12.62 -4.00 -42.66
C GLU A 602 -12.67 -3.09 -41.45
N LEU A 603 -12.99 -1.82 -41.65
CA LEU A 603 -13.13 -0.88 -40.53
C LEU A 603 -14.28 -1.29 -39.62
N SER A 604 -15.45 -1.56 -40.21
CA SER A 604 -16.58 -1.99 -39.40
C SER A 604 -16.31 -3.34 -38.75
N TYR A 605 -15.59 -4.23 -39.44
CA TYR A 605 -15.26 -5.52 -38.86
C TYR A 605 -14.35 -5.37 -37.65
N VAL A 606 -13.32 -4.52 -37.76
CA VAL A 606 -12.41 -4.35 -36.63
C VAL A 606 -13.08 -3.60 -35.49
N LEU A 607 -14.03 -2.71 -35.81
CA LEU A 607 -14.76 -2.04 -34.73
C LEU A 607 -15.68 -3.02 -34.01
N LEU A 608 -16.35 -3.90 -34.75
CA LEU A 608 -17.16 -4.94 -34.12
C LEU A 608 -16.30 -5.88 -33.29
N ALA A 609 -15.09 -6.18 -33.76
CA ALA A 609 -14.17 -7.01 -33.00
C ALA A 609 -13.75 -6.32 -31.70
N GLY A 610 -13.50 -5.01 -31.76
CA GLY A 610 -13.17 -4.28 -30.55
C GLY A 610 -14.31 -4.24 -29.56
N ILE A 611 -15.55 -4.07 -30.04
CA ILE A 611 -16.70 -4.10 -29.15
C ILE A 611 -16.88 -5.49 -28.54
N PHE A 612 -16.67 -6.54 -29.34
CA PHE A 612 -16.76 -7.90 -28.82
C PHE A 612 -15.71 -8.16 -27.76
N LEU A 613 -14.50 -7.60 -27.95
CA LEU A 613 -13.46 -7.74 -26.95
C LEU A 613 -13.83 -7.00 -25.67
N CYS A 614 -14.35 -5.78 -25.80
CA CYS A 614 -14.81 -5.04 -24.63
C CYS A 614 -15.92 -5.76 -23.90
N TYR A 615 -16.74 -6.53 -24.64
CA TYR A 615 -17.78 -7.33 -24.00
C TYR A 615 -17.19 -8.53 -23.28
N ALA A 616 -16.30 -9.27 -23.95
CA ALA A 616 -15.69 -10.46 -23.36
C ALA A 616 -14.71 -10.14 -22.24
N THR A 617 -14.35 -8.87 -22.06
CA THR A 617 -13.53 -8.49 -20.92
C THR A 617 -14.13 -8.99 -19.61
N THR A 618 -15.42 -8.71 -19.39
CA THR A 618 -16.06 -9.16 -18.15
C THR A 618 -16.22 -10.67 -18.12
N PHE A 619 -16.44 -11.31 -19.28
CA PHE A 619 -16.54 -12.76 -19.33
C PHE A 619 -15.27 -13.42 -18.84
N LEU A 620 -14.12 -12.91 -19.28
CA LEU A 620 -12.83 -13.48 -18.88
C LEU A 620 -12.30 -12.90 -17.58
N MET A 621 -12.93 -11.84 -17.05
CA MET A 621 -12.52 -11.27 -15.77
C MET A 621 -13.32 -11.81 -14.59
N ILE A 622 -14.53 -12.33 -14.83
CA ILE A 622 -15.38 -12.81 -13.75
C ILE A 622 -14.79 -14.01 -13.01
N ALA A 623 -13.69 -14.57 -13.49
CA ALA A 623 -13.07 -15.73 -12.87
C ALA A 623 -12.12 -15.28 -11.76
N GLU A 624 -11.30 -16.21 -11.26
CA GLU A 624 -10.35 -15.92 -10.21
C GLU A 624 -9.31 -14.90 -10.70
N PRO A 625 -8.62 -14.22 -9.77
CA PRO A 625 -7.61 -13.22 -10.19
C PRO A 625 -6.53 -13.81 -11.09
N ASP A 626 -5.80 -14.81 -10.60
CA ASP A 626 -4.89 -15.61 -11.41
C ASP A 626 -3.94 -14.72 -12.23
N LEU A 627 -3.03 -14.06 -11.51
CA LEU A 627 -2.28 -12.89 -11.97
C LEU A 627 -1.96 -12.90 -13.47
N GLY A 628 -1.60 -14.05 -14.03
CA GLY A 628 -1.52 -14.15 -15.48
C GLY A 628 -2.80 -13.73 -16.16
N THR A 629 -3.96 -14.12 -15.58
CA THR A 629 -5.23 -13.67 -16.09
C THR A 629 -5.43 -12.18 -15.86
N CYS A 630 -4.84 -11.61 -14.81
CA CYS A 630 -4.86 -10.16 -14.66
C CYS A 630 -4.15 -9.46 -15.81
N SER A 631 -2.96 -9.95 -16.15
CA SER A 631 -2.23 -9.39 -17.30
C SER A 631 -3.04 -9.56 -18.57
N LEU A 632 -3.62 -10.75 -18.78
CA LEU A 632 -4.41 -11.00 -19.97
C LEU A 632 -5.61 -10.06 -20.06
N ARG A 633 -6.30 -9.85 -18.94
CA ARG A 633 -7.49 -8.99 -18.95
C ARG A 633 -7.11 -7.54 -19.17
N ARG A 634 -6.05 -7.06 -18.53
CA ARG A 634 -5.62 -5.69 -18.73
C ARG A 634 -5.22 -5.45 -20.18
N ILE A 635 -4.42 -6.36 -20.75
CA ILE A 635 -4.02 -6.22 -22.15
C ILE A 635 -5.23 -6.28 -23.06
N PHE A 636 -6.21 -7.14 -22.74
CA PHE A 636 -7.37 -7.30 -23.60
C PHE A 636 -8.24 -6.05 -23.60
N LEU A 637 -8.53 -5.50 -22.41
CA LEU A 637 -9.34 -4.29 -22.35
C LEU A 637 -8.62 -3.11 -22.97
N GLY A 638 -7.31 -2.99 -22.73
CA GLY A 638 -6.56 -1.91 -23.36
C GLY A 638 -6.58 -2.00 -24.87
N LEU A 639 -6.34 -3.20 -25.41
CA LEU A 639 -6.35 -3.39 -26.85
C LEU A 639 -7.73 -3.10 -27.44
N GLY A 640 -8.79 -3.55 -26.77
CA GLY A 640 -10.13 -3.29 -27.26
C GLY A 640 -10.46 -1.81 -27.31
N MET A 641 -10.20 -1.11 -26.19
CA MET A 641 -10.45 0.33 -26.15
C MET A 641 -9.63 1.05 -27.23
N SER A 642 -8.34 0.72 -27.33
CA SER A 642 -7.49 1.41 -28.28
C SER A 642 -7.90 1.13 -29.70
N ILE A 643 -8.32 -0.10 -30.01
CA ILE A 643 -8.66 -0.44 -31.39
C ILE A 643 -10.00 0.18 -31.77
N SER A 644 -10.94 0.27 -30.83
CA SER A 644 -12.21 0.95 -31.13
C SER A 644 -11.98 2.43 -31.35
N TYR A 645 -11.22 3.07 -30.45
CA TYR A 645 -10.95 4.49 -30.60
C TYR A 645 -10.16 4.78 -31.87
N ALA A 646 -9.23 3.89 -32.23
CA ALA A 646 -8.43 4.10 -33.44
C ALA A 646 -9.27 3.92 -34.69
N ALA A 647 -10.19 2.94 -34.70
CA ALA A 647 -11.08 2.77 -35.82
C ALA A 647 -11.95 4.00 -36.02
N LEU A 648 -12.55 4.50 -34.93
CA LEU A 648 -13.39 5.70 -35.06
C LEU A 648 -12.56 6.90 -35.50
N LEU A 649 -11.34 7.02 -34.97
CA LEU A 649 -10.48 8.15 -35.31
C LEU A 649 -10.09 8.13 -36.78
N THR A 650 -9.67 6.97 -37.29
CA THR A 650 -9.28 6.89 -38.69
C THR A 650 -10.48 7.06 -39.60
N LYS A 651 -11.66 6.57 -39.19
CA LYS A 651 -12.87 6.82 -39.97
C LYS A 651 -13.13 8.31 -40.12
N THR A 652 -13.18 9.03 -38.99
CA THR A 652 -13.47 10.45 -39.05
C THR A 652 -12.37 11.22 -39.77
N ASN A 653 -11.11 10.80 -39.60
CA ASN A 653 -10.00 11.48 -40.26
C ASN A 653 -10.05 11.29 -41.76
N ARG A 654 -10.39 10.09 -42.23
CA ARG A 654 -10.55 9.87 -43.66
C ARG A 654 -11.72 10.68 -44.21
N ILE A 655 -12.83 10.72 -43.48
CA ILE A 655 -13.99 11.48 -43.95
C ILE A 655 -13.67 12.96 -44.04
N TYR A 656 -12.85 13.47 -43.10
CA TYR A 656 -12.46 14.87 -43.14
C TYR A 656 -11.42 15.15 -44.22
N ARG A 657 -10.47 14.23 -44.39
CA ARG A 657 -9.33 14.43 -45.32
C ARG A 657 -9.72 14.25 -46.79
N ILE A 658 -10.74 13.44 -47.08
CA ILE A 658 -11.10 13.17 -48.47
C ILE A 658 -11.59 14.45 -49.15
N PHE A 659 -12.27 15.32 -48.39
CA PHE A 659 -12.75 16.57 -48.97
C PHE A 659 -11.59 17.47 -49.37
N GLU A 660 -10.62 17.65 -48.48
CA GLU A 660 -9.46 18.47 -48.82
C GLU A 660 -8.63 17.85 -49.94
N GLN A 661 -8.55 16.52 -49.97
CA GLN A 661 -7.81 15.85 -51.04
C GLN A 661 -8.48 16.05 -52.39
N GLY A 662 -9.82 16.01 -52.42
CA GLY A 662 -10.53 16.26 -53.66
C GLY A 662 -10.55 17.71 -54.06
N LYS A 663 -10.44 18.63 -53.09
CA LYS A 663 -10.45 20.05 -53.41
C LYS A 663 -9.09 20.54 -53.87
N ARG A 664 -8.01 20.00 -53.31
CA ARG A 664 -6.67 20.47 -53.66
C ARG A 664 -5.90 19.54 -54.59
N SER A 665 -6.38 18.31 -54.77
CA SER A 665 -5.71 17.35 -55.65
C SER A 665 -6.76 16.58 -56.43
N VAL A 666 -6.29 15.79 -57.39
CA VAL A 666 -7.18 14.96 -58.21
C VAL A 666 -7.23 13.56 -57.59
N SER A 667 -6.09 12.91 -57.49
CA SER A 667 -5.98 11.58 -56.89
C SER A 667 -4.71 11.55 -56.05
N ALA A 668 -4.87 11.70 -54.73
CA ALA A 668 -3.75 11.72 -53.79
C ALA A 668 -3.98 10.65 -52.74
N PRO A 669 -3.66 9.39 -53.03
CA PRO A 669 -3.81 8.32 -52.03
C PRO A 669 -2.71 8.39 -50.99
N ARG A 670 -3.07 8.83 -49.78
CA ARG A 670 -2.15 8.96 -48.66
C ARG A 670 -2.73 8.17 -47.50
N PHE A 671 -2.40 6.88 -47.46
CA PHE A 671 -2.91 5.97 -46.43
C PHE A 671 -4.44 5.98 -46.39
N ILE A 672 -5.04 5.72 -47.55
CA ILE A 672 -6.50 5.75 -47.68
C ILE A 672 -7.01 4.35 -48.00
N SER A 673 -6.17 3.53 -48.63
CA SER A 673 -6.55 2.18 -48.99
C SER A 673 -6.88 1.37 -47.73
N PRO A 674 -7.83 0.44 -47.82
CA PRO A 674 -8.16 -0.39 -46.64
C PRO A 674 -6.97 -1.12 -46.05
N ALA A 675 -6.03 -1.56 -46.90
CA ALA A 675 -4.81 -2.16 -46.38
C ALA A 675 -4.01 -1.15 -45.55
N SER A 676 -3.90 0.09 -46.04
CA SER A 676 -3.21 1.12 -45.27
C SER A 676 -3.97 1.48 -44.00
N GLN A 677 -5.29 1.44 -44.03
CA GLN A 677 -6.07 1.68 -42.82
C GLN A 677 -5.81 0.60 -41.78
N LEU A 678 -5.80 -0.66 -42.21
CA LEU A 678 -5.47 -1.75 -41.29
C LEU A 678 -4.04 -1.61 -40.79
N ALA A 679 -3.13 -1.13 -41.63
CA ALA A 679 -1.74 -0.94 -41.22
C ALA A 679 -1.61 0.14 -40.15
N ILE A 680 -2.30 1.26 -40.33
CA ILE A 680 -2.20 2.32 -39.32
C ILE A 680 -2.94 1.93 -38.04
N THR A 681 -4.02 1.16 -38.16
CA THR A 681 -4.68 0.65 -36.96
C THR A 681 -3.75 -0.30 -36.19
N PHE A 682 -3.06 -1.19 -36.91
CA PHE A 682 -2.10 -2.06 -36.26
C PHE A 682 -0.91 -1.29 -35.70
N SER A 683 -0.56 -0.16 -36.31
CA SER A 683 0.49 0.69 -35.75
C SER A 683 0.05 1.30 -34.42
N LEU A 684 -1.20 1.78 -34.34
CA LEU A 684 -1.72 2.27 -33.08
C LEU A 684 -1.79 1.16 -32.03
N ILE A 685 -2.18 -0.05 -32.45
CA ILE A 685 -2.21 -1.17 -31.51
C ILE A 685 -0.79 -1.51 -31.03
N SER A 686 0.19 -1.40 -31.93
CA SER A 686 1.57 -1.66 -31.54
C SER A 686 2.07 -0.59 -30.56
N LEU A 687 1.64 0.65 -30.75
CA LEU A 687 1.97 1.70 -29.79
C LEU A 687 1.36 1.39 -28.43
N GLN A 688 0.10 0.95 -28.42
CA GLN A 688 -0.54 0.58 -27.15
C GLN A 688 0.17 -0.60 -26.49
N LEU A 689 0.59 -1.58 -27.29
CA LEU A 689 1.33 -2.72 -26.74
C LEU A 689 2.67 -2.29 -26.18
N LEU A 690 3.37 -1.37 -26.87
CA LEU A 690 4.62 -0.86 -26.33
C LEU A 690 4.40 -0.13 -25.02
N GLY A 691 3.32 0.66 -24.94
CA GLY A 691 3.02 1.34 -23.69
C GLY A 691 2.75 0.38 -22.55
N ILE A 692 1.90 -0.61 -22.78
CA ILE A 692 1.58 -1.56 -21.71
C ILE A 692 2.79 -2.42 -21.38
N CYS A 693 3.68 -2.66 -22.35
CA CYS A 693 4.90 -3.41 -22.06
C CYS A 693 5.85 -2.61 -21.19
N VAL A 694 5.96 -1.29 -21.46
CA VAL A 694 6.75 -0.43 -20.59
C VAL A 694 6.13 -0.40 -19.19
N TRP A 695 4.81 -0.39 -19.10
CA TRP A 695 4.14 -0.41 -17.80
C TRP A 695 4.44 -1.71 -17.05
N PHE A 696 4.41 -2.84 -17.76
CA PHE A 696 4.74 -4.11 -17.13
C PHE A 696 6.22 -4.19 -16.75
N VAL A 697 7.09 -3.51 -17.49
CA VAL A 697 8.50 -3.51 -17.17
C VAL A 697 8.77 -2.68 -15.92
N VAL A 698 8.08 -1.54 -15.79
CA VAL A 698 8.29 -0.72 -14.59
C VAL A 698 7.50 -1.27 -13.41
N ASP A 699 6.39 -1.97 -13.67
CA ASP A 699 5.56 -2.55 -12.61
C ASP A 699 5.33 -4.02 -12.91
N PRO A 700 5.91 -4.94 -12.13
CA PRO A 700 5.75 -6.37 -12.42
C PRO A 700 4.32 -6.86 -12.29
N SER A 701 3.47 -6.18 -11.52
CA SER A 701 2.07 -6.55 -11.33
C SER A 701 1.96 -7.99 -10.79
N HIS A 702 2.49 -8.17 -9.58
CA HIS A 702 2.45 -9.49 -8.95
C HIS A 702 1.03 -9.83 -8.51
N SER A 703 0.88 -11.06 -8.01
CA SER A 703 -0.43 -11.55 -7.56
C SER A 703 -0.72 -11.00 -6.19
N VAL A 704 -1.72 -10.12 -6.10
CA VAL A 704 -2.15 -9.53 -4.84
C VAL A 704 -3.65 -9.81 -4.72
N VAL A 705 -4.00 -10.89 -4.05
CA VAL A 705 -5.39 -11.29 -3.85
C VAL A 705 -5.86 -11.00 -2.43
N ASP A 706 -5.01 -11.24 -1.44
CA ASP A 706 -5.36 -11.00 -0.04
C ASP A 706 -5.03 -9.56 0.33
N PHE A 707 -6.05 -8.78 0.68
CA PHE A 707 -5.90 -7.39 1.07
C PHE A 707 -6.37 -7.25 2.52
N GLN A 708 -5.42 -7.25 3.45
CA GLN A 708 -5.73 -7.13 4.86
C GLN A 708 -5.73 -5.68 5.36
N ASP A 709 -5.36 -4.72 4.50
CA ASP A 709 -5.34 -3.33 4.91
C ASP A 709 -6.76 -2.77 5.02
N GLN A 710 -7.65 -3.18 4.13
CA GLN A 710 -9.03 -2.70 4.15
C GLN A 710 -9.97 -3.60 4.93
N ARG A 711 -9.58 -4.84 5.21
CA ARG A 711 -10.41 -5.77 5.97
C ARG A 711 -10.17 -5.57 7.46
N THR A 712 -11.24 -5.28 8.19
CA THR A 712 -11.17 -5.06 9.63
C THR A 712 -11.54 -6.36 10.35
N LEU A 713 -10.64 -6.84 11.20
CA LEU A 713 -10.84 -8.09 11.93
C LEU A 713 -11.55 -7.88 13.27
N ASP A 714 -11.81 -6.63 13.65
CA ASP A 714 -12.46 -6.38 14.94
C ASP A 714 -13.91 -6.89 14.98
N PRO A 715 -14.78 -6.56 14.03
CA PRO A 715 -16.15 -7.05 14.09
C PRO A 715 -16.35 -8.48 13.60
N ARG A 716 -15.26 -9.23 13.38
CA ARG A 716 -15.32 -10.61 12.91
C ARG A 716 -16.09 -10.71 11.59
N PHE A 717 -15.56 -10.04 10.57
CA PHE A 717 -16.20 -10.05 9.26
C PHE A 717 -16.14 -11.43 8.62
N ALA A 718 -15.00 -12.11 8.73
CA ALA A 718 -14.81 -13.45 8.19
C ALA A 718 -15.10 -13.48 6.68
N ARG A 719 -14.41 -12.62 5.94
CA ARG A 719 -14.57 -12.52 4.51
C ARG A 719 -13.22 -12.22 3.87
N GLY A 720 -13.00 -12.78 2.68
CA GLY A 720 -11.74 -12.58 1.98
C GLY A 720 -11.92 -11.97 0.62
N VAL A 721 -11.12 -10.96 0.30
CA VAL A 721 -11.19 -10.29 -0.99
C VAL A 721 -10.55 -11.16 -2.06
N LEU A 722 -11.11 -11.10 -3.27
CA LEU A 722 -10.61 -11.86 -4.41
C LEU A 722 -10.56 -10.98 -5.65
N LYS A 723 -10.19 -9.71 -5.47
CA LYS A 723 -10.06 -8.77 -6.58
C LYS A 723 -8.59 -8.51 -6.87
N CYS A 724 -8.29 -8.31 -8.15
CA CYS A 724 -6.91 -8.16 -8.58
C CYS A 724 -6.43 -6.73 -8.32
N ASP A 725 -5.11 -6.57 -8.33
CA ASP A 725 -4.46 -5.30 -7.98
C ASP A 725 -3.94 -4.54 -9.19
N ILE A 726 -4.68 -4.56 -10.30
CA ILE A 726 -4.27 -3.84 -11.50
C ILE A 726 -5.27 -2.72 -11.78
N SER A 727 -5.86 -2.18 -10.72
CA SER A 727 -6.96 -1.23 -10.89
C SER A 727 -6.46 0.19 -11.12
N ASP A 728 -5.48 0.65 -10.35
CA ASP A 728 -5.08 2.05 -10.40
C ASP A 728 -4.39 2.39 -11.72
N LEU A 729 -3.42 1.56 -12.14
CA LEU A 729 -2.71 1.83 -13.38
C LEU A 729 -3.63 1.73 -14.58
N SER A 730 -4.47 0.70 -14.63
CA SER A 730 -5.43 0.59 -15.72
C SER A 730 -6.39 1.77 -15.74
N LEU A 731 -6.83 2.22 -14.57
CA LEU A 731 -7.75 3.34 -14.50
C LEU A 731 -7.11 4.61 -15.04
N ILE A 732 -5.88 4.91 -14.61
CA ILE A 732 -5.24 6.16 -15.03
C ILE A 732 -4.90 6.09 -16.52
N CYS A 733 -4.49 4.92 -17.02
CA CYS A 733 -4.16 4.82 -18.43
C CYS A 733 -5.40 4.92 -19.30
N LEU A 734 -6.50 4.28 -18.88
CA LEU A 734 -7.78 4.46 -19.58
C LEU A 734 -8.22 5.91 -19.57
N LEU A 735 -8.07 6.60 -18.44
CA LEU A 735 -8.47 8.00 -18.38
C LEU A 735 -7.65 8.85 -19.35
N GLY A 736 -6.33 8.66 -19.35
CA GLY A 736 -5.48 9.44 -20.24
C GLY A 736 -5.77 9.17 -21.70
N TYR A 737 -5.87 7.89 -22.07
CA TYR A 737 -6.13 7.54 -23.46
C TYR A 737 -7.51 8.01 -23.89
N SER A 738 -8.50 7.91 -23.01
CA SER A 738 -9.84 8.39 -23.35
C SER A 738 -9.84 9.89 -23.53
N MET A 739 -9.13 10.63 -22.69
CA MET A 739 -9.05 12.08 -22.85
C MET A 739 -8.40 12.44 -24.19
N LEU A 740 -7.26 11.81 -24.49
CA LEU A 740 -6.56 12.13 -25.73
C LEU A 740 -7.40 11.80 -26.95
N LEU A 741 -8.05 10.62 -26.96
CA LEU A 741 -8.83 10.21 -28.12
C LEU A 741 -10.10 11.02 -28.24
N MET A 742 -10.78 11.31 -27.14
CA MET A 742 -11.98 12.14 -27.19
C MET A 742 -11.65 13.58 -27.56
N VAL A 743 -10.40 14.00 -27.39
CA VAL A 743 -9.98 15.30 -27.90
C VAL A 743 -9.75 15.24 -29.40
N THR A 744 -8.89 14.32 -29.84
CA THR A 744 -8.51 14.28 -31.25
C THR A 744 -9.70 13.96 -32.14
N CYS A 745 -10.57 13.04 -31.71
CA CYS A 745 -11.70 12.64 -32.53
C CYS A 745 -12.74 13.76 -32.60
N THR A 746 -12.94 14.49 -31.51
CA THR A 746 -13.90 15.58 -31.56
C THR A 746 -13.38 16.73 -32.41
N VAL A 747 -12.07 16.97 -32.39
CA VAL A 747 -11.51 17.96 -33.32
C VAL A 747 -11.71 17.52 -34.75
N TYR A 748 -11.48 16.24 -35.04
CA TYR A 748 -11.73 15.72 -36.38
C TYR A 748 -13.19 15.83 -36.77
N ALA A 749 -14.09 15.67 -35.81
CA ALA A 749 -15.53 15.76 -36.10
C ALA A 749 -15.98 17.19 -36.32
N ILE A 750 -15.41 18.15 -35.59
CA ILE A 750 -15.67 19.55 -35.88
C ILE A 750 -15.06 19.93 -37.23
N LYS A 751 -14.00 19.21 -37.63
CA LYS A 751 -13.37 19.50 -38.90
C LYS A 751 -14.19 18.98 -40.08
N THR A 752 -14.85 17.82 -39.93
CA THR A 752 -15.35 17.10 -41.10
C THR A 752 -16.61 17.72 -41.70
N ARG A 753 -17.44 18.39 -40.89
CA ARG A 753 -18.75 18.79 -41.40
C ARG A 753 -18.66 20.04 -42.28
N GLY A 754 -17.75 20.01 -43.25
CA GLY A 754 -17.58 21.14 -44.16
C GLY A 754 -18.36 20.93 -45.44
N VAL A 755 -18.45 19.68 -45.88
CA VAL A 755 -19.23 19.32 -47.06
C VAL A 755 -20.30 18.32 -46.65
N PRO A 756 -21.53 18.44 -47.13
CA PRO A 756 -22.57 17.47 -46.76
C PRO A 756 -22.56 16.25 -47.67
N GLU A 757 -22.77 15.09 -47.06
CA GLU A 757 -22.86 13.84 -47.80
C GLU A 757 -23.72 12.86 -47.01
N THR A 758 -23.99 11.70 -47.60
CA THR A 758 -24.80 10.70 -46.92
C THR A 758 -24.01 9.94 -45.87
N PHE A 759 -22.71 9.77 -46.06
CA PHE A 759 -21.85 9.12 -45.07
C PHE A 759 -21.15 10.17 -44.20
N ASN A 760 -21.97 11.01 -43.57
CA ASN A 760 -21.49 12.09 -42.72
C ASN A 760 -21.71 11.68 -41.27
N GLU A 761 -20.70 11.05 -40.68
CA GLU A 761 -20.76 10.63 -39.28
C GLU A 761 -20.10 11.69 -38.41
N ALA A 762 -20.79 12.82 -38.29
CA ALA A 762 -20.33 13.95 -37.50
C ALA A 762 -21.17 14.18 -36.25
N LYS A 763 -22.50 14.22 -36.39
CA LYS A 763 -23.35 14.42 -35.22
C LYS A 763 -23.47 13.16 -34.37
N PRO A 764 -23.74 11.97 -34.92
CA PRO A 764 -23.78 10.78 -34.04
C PRO A 764 -22.44 10.46 -33.42
N ILE A 765 -21.34 10.65 -34.16
CA ILE A 765 -20.03 10.39 -33.59
C ILE A 765 -19.72 11.37 -32.47
N GLY A 766 -20.06 12.65 -32.67
CA GLY A 766 -19.87 13.63 -31.62
C GLY A 766 -20.71 13.34 -30.40
N PHE A 767 -21.95 12.89 -30.61
CA PHE A 767 -22.82 12.54 -29.49
C PHE A 767 -22.27 11.34 -28.73
N THR A 768 -21.74 10.34 -29.44
CA THR A 768 -21.14 9.19 -28.78
C THR A 768 -19.90 9.60 -27.99
N MET A 769 -19.08 10.49 -28.55
CA MET A 769 -17.90 10.96 -27.84
C MET A 769 -18.30 11.73 -26.58
N TYR A 770 -19.31 12.59 -26.68
CA TYR A 770 -19.77 13.33 -25.50
C TYR A 770 -20.35 12.39 -24.45
N THR A 771 -21.07 11.35 -24.89
CA THR A 771 -21.62 10.39 -23.95
C THR A 771 -20.52 9.63 -23.23
N THR A 772 -19.49 9.20 -23.96
CA THR A 772 -18.37 8.52 -23.33
C THR A 772 -17.63 9.43 -22.36
N CYS A 773 -17.44 10.70 -22.75
CA CYS A 773 -16.76 11.65 -21.86
C CYS A 773 -17.55 11.88 -20.59
N ILE A 774 -18.88 12.03 -20.71
CA ILE A 774 -19.69 12.27 -19.52
C ILE A 774 -19.77 11.01 -18.67
N VAL A 775 -19.73 9.83 -19.29
CA VAL A 775 -19.72 8.58 -18.53
C VAL A 775 -18.44 8.48 -17.71
N TRP A 776 -17.29 8.82 -18.31
CA TRP A 776 -16.05 8.80 -17.55
C TRP A 776 -16.04 9.86 -16.46
N LEU A 777 -16.57 11.06 -16.76
CA LEU A 777 -16.57 12.14 -15.78
C LEU A 777 -17.51 11.85 -14.62
N ALA A 778 -18.55 11.05 -14.84
CA ALA A 778 -19.42 10.62 -13.76
C ALA A 778 -18.95 9.33 -13.11
N PHE A 779 -18.04 8.60 -13.74
CA PHE A 779 -17.53 7.38 -13.15
C PHE A 779 -16.34 7.65 -12.23
N ILE A 780 -15.53 8.66 -12.55
CA ILE A 780 -14.37 8.96 -11.70
C ILE A 780 -14.74 9.35 -10.27
N PRO A 781 -15.81 10.13 -10.00
CA PRO A 781 -16.07 10.47 -8.59
C PRO A 781 -16.56 9.27 -7.79
N ILE A 782 -17.47 8.48 -8.34
CA ILE A 782 -17.94 7.29 -7.62
C ILE A 782 -16.81 6.28 -7.48
N PHE A 783 -15.92 6.20 -8.47
CA PHE A 783 -14.77 5.30 -8.35
C PHE A 783 -13.84 5.74 -7.22
N PHE A 784 -13.56 7.04 -7.13
CA PHE A 784 -12.72 7.53 -6.05
C PHE A 784 -13.39 7.33 -4.69
N GLY A 785 -14.71 7.55 -4.62
CA GLY A 785 -15.41 7.33 -3.37
C GLY A 785 -15.42 5.87 -2.94
N THR A 786 -15.54 4.97 -3.91
CA THR A 786 -15.48 3.54 -3.60
C THR A 786 -14.07 3.13 -3.16
N SER A 787 -13.04 3.68 -3.81
CA SER A 787 -11.67 3.39 -3.40
C SER A 787 -11.39 3.94 -2.00
N GLN A 788 -12.00 5.06 -1.64
CA GLN A 788 -11.82 5.62 -0.31
C GLN A 788 -12.63 4.89 0.75
N SER A 789 -13.69 4.20 0.36
CA SER A 789 -14.52 3.47 1.31
C SER A 789 -13.83 2.19 1.76
N ALA A 790 -14.23 1.71 2.93
CA ALA A 790 -13.68 0.49 3.50
C ALA A 790 -14.47 -0.73 3.04
N ASP A 791 -13.75 -1.83 2.79
CA ASP A 791 -14.33 -3.08 2.33
C ASP A 791 -15.15 -2.88 1.06
N LYS A 792 -14.64 -2.05 0.16
CA LYS A 792 -15.30 -1.76 -1.11
C LYS A 792 -14.42 -2.11 -2.30
N LEU A 793 -13.58 -3.13 -2.15
CA LEU A 793 -12.69 -3.54 -3.24
C LEU A 793 -13.43 -4.27 -4.34
N TYR A 794 -14.63 -4.80 -4.05
CA TYR A 794 -15.42 -5.49 -5.05
C TYR A 794 -16.31 -4.56 -5.87
N ILE A 795 -16.58 -3.35 -5.38
CA ILE A 795 -17.55 -2.48 -6.04
C ILE A 795 -16.88 -1.68 -7.16
N GLN A 796 -15.64 -1.24 -6.96
CA GLN A 796 -14.97 -0.43 -7.96
C GLN A 796 -14.76 -1.20 -9.25
N THR A 797 -14.33 -2.46 -9.15
CA THR A 797 -14.07 -3.25 -10.35
C THR A 797 -15.36 -3.52 -11.14
N THR A 798 -16.46 -3.84 -10.43
CA THR A 798 -17.70 -4.12 -11.15
C THR A 798 -18.32 -2.85 -11.72
N THR A 799 -18.17 -1.70 -11.03
CA THR A 799 -18.71 -0.48 -11.61
C THR A 799 -17.87 -0.01 -12.79
N LEU A 800 -16.56 -0.25 -12.78
CA LEU A 800 -15.74 0.03 -13.95
C LEU A 800 -16.12 -0.87 -15.11
N THR A 801 -16.36 -2.15 -14.83
CA THR A 801 -16.83 -3.07 -15.87
C THR A 801 -18.15 -2.60 -16.46
N VAL A 802 -19.09 -2.20 -15.60
CA VAL A 802 -20.39 -1.73 -16.06
C VAL A 802 -20.24 -0.48 -16.91
N SER A 803 -19.38 0.45 -16.49
CA SER A 803 -19.17 1.68 -17.25
C SER A 803 -18.60 1.38 -18.63
N VAL A 804 -17.55 0.55 -18.70
CA VAL A 804 -16.95 0.22 -19.98
C VAL A 804 -17.95 -0.50 -20.87
N SER A 805 -18.73 -1.43 -20.28
CA SER A 805 -19.68 -2.19 -21.08
C SER A 805 -20.80 -1.31 -21.62
N LEU A 806 -21.30 -0.38 -20.80
CA LEU A 806 -22.36 0.51 -21.27
C LEU A 806 -21.82 1.51 -22.29
N SER A 807 -20.55 1.91 -22.17
CA SER A 807 -19.96 2.76 -23.20
C SER A 807 -19.86 2.02 -24.52
N ALA A 808 -19.38 0.78 -24.49
CA ALA A 808 -19.32 -0.03 -25.71
C ALA A 808 -20.72 -0.25 -26.27
N SER A 809 -21.72 -0.44 -25.41
CA SER A 809 -23.08 -0.68 -25.87
C SER A 809 -23.66 0.54 -26.54
N VAL A 810 -23.48 1.72 -25.95
CA VAL A 810 -24.02 2.94 -26.56
C VAL A 810 -23.26 3.26 -27.85
N SER A 811 -21.96 2.93 -27.91
CA SER A 811 -21.22 3.11 -29.16
C SER A 811 -21.76 2.21 -30.25
N LEU A 812 -21.96 0.93 -29.94
CA LEU A 812 -22.53 0.00 -30.92
C LEU A 812 -23.93 0.44 -31.34
N GLY A 813 -24.71 0.95 -30.41
CA GLY A 813 -26.06 1.40 -30.74
C GLY A 813 -26.06 2.59 -31.68
N MET A 814 -25.26 3.62 -31.36
CA MET A 814 -25.17 4.79 -32.22
C MET A 814 -24.49 4.48 -33.55
N LEU A 815 -23.73 3.37 -33.62
CA LEU A 815 -23.14 2.98 -34.89
C LEU A 815 -24.12 2.20 -35.76
N TYR A 816 -24.93 1.33 -35.15
CA TYR A 816 -25.79 0.43 -35.89
C TYR A 816 -27.22 0.95 -36.04
N MET A 817 -27.55 2.09 -35.44
CA MET A 817 -28.91 2.64 -35.61
C MET A 817 -29.23 2.96 -37.07
N PRO A 818 -28.41 3.71 -37.82
CA PRO A 818 -28.73 3.90 -39.24
C PRO A 818 -28.70 2.61 -40.03
N LYS A 819 -27.83 1.67 -39.67
CA LYS A 819 -27.77 0.39 -40.37
C LYS A 819 -29.09 -0.36 -40.25
N VAL A 820 -29.56 -0.57 -39.03
CA VAL A 820 -30.83 -1.28 -38.85
C VAL A 820 -32.00 -0.45 -39.39
N TYR A 821 -31.88 0.87 -39.37
CA TYR A 821 -32.94 1.71 -39.92
C TYR A 821 -33.08 1.49 -41.42
N ILE A 822 -31.97 1.52 -42.16
CA ILE A 822 -32.05 1.32 -43.59
C ILE A 822 -32.35 -0.14 -43.92
N ILE A 823 -31.98 -1.07 -43.04
CA ILE A 823 -32.34 -2.47 -43.24
C ILE A 823 -33.85 -2.64 -43.15
N LEU A 824 -34.47 -2.04 -42.13
CA LEU A 824 -35.92 -2.07 -42.02
C LEU A 824 -36.59 -1.32 -43.17
N PHE A 825 -35.97 -0.24 -43.64
CA PHE A 825 -36.53 0.49 -44.77
C PHE A 825 -36.33 -0.28 -46.07
N HIS A 826 -35.12 -0.78 -46.31
CA HIS A 826 -34.79 -1.54 -47.52
C HIS A 826 -35.09 -0.75 -48.79
N ASN B 19 29.50 -19.01 87.29
CA ASN B 19 28.75 -19.20 88.53
C ASN B 19 27.62 -18.18 88.64
N SER B 20 27.82 -17.17 89.49
CA SER B 20 26.83 -16.11 89.70
C SER B 20 27.50 -14.98 90.45
N ILE B 21 26.79 -13.85 90.52
CA ILE B 21 27.25 -12.68 91.27
C ILE B 21 26.37 -12.52 92.48
N ARG B 22 26.99 -12.37 93.66
CA ARG B 22 26.25 -12.19 94.91
C ARG B 22 26.97 -11.12 95.73
N ILE B 23 26.41 -9.91 95.74
CA ILE B 23 26.93 -8.81 96.54
C ILE B 23 26.06 -8.71 97.78
N ASP B 24 26.65 -8.97 98.94
CA ASP B 24 25.90 -8.98 100.18
C ASP B 24 25.57 -7.56 100.62
N GLY B 25 24.42 -7.43 101.30
CA GLY B 25 23.98 -6.14 101.78
C GLY B 25 22.74 -6.29 102.63
N ASP B 26 22.39 -5.20 103.32
CA ASP B 26 21.21 -5.22 104.17
C ASP B 26 19.93 -5.35 103.35
N ILE B 27 19.90 -4.74 102.17
CA ILE B 27 18.74 -4.78 101.28
C ILE B 27 19.25 -5.33 99.95
N THR B 28 19.01 -6.61 99.71
CA THR B 28 19.50 -7.27 98.51
C THR B 28 18.52 -7.09 97.35
N LEU B 29 19.08 -7.14 96.14
CA LEU B 29 18.31 -6.99 94.90
C LEU B 29 18.49 -8.24 94.04
N GLY B 30 17.95 -8.20 92.84
CA GLY B 30 18.07 -9.30 91.91
C GLY B 30 18.24 -8.79 90.49
N GLY B 31 18.91 -9.58 89.67
CA GLY B 31 19.17 -9.20 88.31
C GLY B 31 19.02 -10.30 87.30
N LEU B 32 18.44 -9.98 86.14
CA LEU B 32 18.29 -10.91 85.02
C LEU B 32 19.06 -10.33 83.84
N PHE B 33 20.24 -10.87 83.56
CA PHE B 33 21.12 -10.36 82.51
C PHE B 33 21.56 -11.52 81.63
N PRO B 34 21.31 -11.46 80.32
CA PRO B 34 21.68 -12.56 79.40
C PRO B 34 23.18 -12.58 79.08
N VAL B 35 23.95 -13.19 79.98
CA VAL B 35 25.40 -13.31 79.78
C VAL B 35 25.78 -14.39 78.79
N HIS B 36 24.80 -15.15 78.28
CA HIS B 36 25.05 -16.19 77.30
C HIS B 36 23.97 -16.10 76.22
N GLY B 37 24.20 -16.84 75.13
CA GLY B 37 23.28 -16.86 74.01
C GLY B 37 22.42 -18.12 73.99
N ARG B 38 21.39 -18.07 73.14
CA ARG B 38 20.50 -19.21 72.97
C ARG B 38 21.21 -20.32 72.21
N GLY B 39 21.12 -21.55 72.73
CA GLY B 39 21.76 -22.69 72.12
C GLY B 39 20.86 -23.43 71.14
N SER B 40 21.37 -24.54 70.65
CA SER B 40 20.65 -25.38 69.71
C SER B 40 19.77 -26.37 70.48
N GLU B 41 19.25 -27.37 69.78
CA GLU B 41 18.39 -28.36 70.44
C GLU B 41 19.14 -29.17 71.49
N GLY B 42 20.44 -29.36 71.30
CA GLY B 42 21.25 -30.08 72.27
C GLY B 42 21.65 -29.30 73.50
N LYS B 43 21.24 -28.03 73.59
CA LYS B 43 21.55 -27.13 74.70
C LYS B 43 23.06 -27.06 74.96
N PRO B 44 23.83 -26.48 74.05
CA PRO B 44 25.28 -26.34 74.29
C PRO B 44 25.60 -25.08 75.07
N CYS B 45 26.89 -24.82 75.28
CA CYS B 45 27.31 -23.60 75.96
C CYS B 45 26.98 -22.38 75.09
N GLY B 46 26.16 -21.48 75.62
CA GLY B 46 25.77 -20.32 74.84
C GLY B 46 26.92 -19.36 74.62
N GLU B 47 26.84 -18.64 73.51
CA GLU B 47 27.87 -17.66 73.16
C GLU B 47 27.70 -16.42 74.02
N LEU B 48 28.76 -16.05 74.75
CA LEU B 48 28.71 -14.87 75.59
C LEU B 48 28.65 -13.62 74.73
N LYS B 49 27.84 -12.65 75.16
CA LYS B 49 27.69 -11.38 74.48
C LYS B 49 28.28 -10.26 75.32
N LYS B 50 28.92 -9.30 74.66
CA LYS B 50 29.59 -8.22 75.37
C LYS B 50 28.62 -7.10 75.75
N GLU B 51 27.76 -6.70 74.81
CA GLU B 51 26.89 -5.55 75.04
C GLU B 51 25.81 -5.87 76.07
N LYS B 52 24.96 -6.86 75.77
CA LYS B 52 23.86 -7.20 76.65
C LYS B 52 24.29 -8.09 77.82
N GLY B 53 25.50 -8.66 77.78
CA GLY B 53 25.92 -9.58 78.81
C GLY B 53 26.71 -8.95 79.93
N ILE B 54 27.76 -8.20 79.59
CA ILE B 54 28.69 -7.69 80.59
C ILE B 54 28.53 -6.19 80.83
N HIS B 55 28.21 -5.41 79.80
CA HIS B 55 28.10 -3.97 79.96
C HIS B 55 27.01 -3.61 80.96
N ARG B 56 25.84 -4.26 80.84
CA ARG B 56 24.74 -3.97 81.75
C ARG B 56 25.05 -4.43 83.17
N LEU B 57 25.74 -5.57 83.31
CA LEU B 57 26.18 -6.00 84.63
C LEU B 57 27.09 -4.96 85.28
N GLU B 58 28.11 -4.51 84.55
CA GLU B 58 29.03 -3.54 85.14
C GLU B 58 28.33 -2.22 85.40
N ALA B 59 27.36 -1.85 84.58
CA ALA B 59 26.59 -0.63 84.84
C ALA B 59 25.79 -0.76 86.13
N MET B 60 25.11 -1.88 86.33
CA MET B 60 24.36 -2.10 87.56
C MET B 60 25.27 -2.09 88.77
N LEU B 61 26.45 -2.73 88.65
CA LEU B 61 27.38 -2.77 89.78
C LEU B 61 27.92 -1.39 90.10
N PHE B 62 28.29 -0.62 89.07
CA PHE B 62 28.77 0.75 89.29
C PHE B 62 27.69 1.61 89.91
N ALA B 63 26.44 1.45 89.47
CA ALA B 63 25.35 2.24 90.03
C ALA B 63 25.09 1.86 91.48
N LEU B 64 25.16 0.57 91.81
CA LEU B 64 25.02 0.15 93.20
C LEU B 64 26.14 0.72 94.06
N ASP B 65 27.38 0.70 93.56
CA ASP B 65 28.48 1.26 94.31
C ASP B 65 28.30 2.76 94.53
N ARG B 66 27.88 3.48 93.48
CA ARG B 66 27.69 4.92 93.60
C ARG B 66 26.52 5.27 94.50
N ILE B 67 25.48 4.44 94.52
CA ILE B 67 24.32 4.70 95.37
C ILE B 67 24.57 4.26 96.81
N ASN B 68 25.56 3.40 97.04
CA ASN B 68 25.97 3.06 98.40
C ASN B 68 27.02 4.01 98.95
N ASN B 69 27.79 4.67 98.09
CA ASN B 69 28.85 5.56 98.56
C ASN B 69 28.28 6.91 99.01
N ASP B 70 27.35 7.47 98.26
CA ASP B 70 26.84 8.80 98.59
C ASP B 70 25.94 8.72 99.81
N PRO B 71 25.99 9.73 100.70
CA PRO B 71 25.13 9.72 101.89
C PRO B 71 23.77 10.36 101.68
N ASP B 72 23.50 10.94 100.51
CA ASP B 72 22.22 11.61 100.29
C ASP B 72 21.08 10.60 100.15
N LEU B 73 21.35 9.44 99.55
CA LEU B 73 20.35 8.40 99.34
C LEU B 73 20.70 7.21 100.22
N LEU B 74 19.75 6.83 101.09
CA LEU B 74 19.90 5.69 102.00
C LEU B 74 21.15 5.85 102.86
N PRO B 75 21.17 6.78 103.80
CA PRO B 75 22.35 6.94 104.66
C PRO B 75 22.49 5.75 105.60
N ASN B 76 23.74 5.30 105.77
CA ASN B 76 24.09 4.18 106.64
C ASN B 76 23.38 2.89 106.25
N ILE B 77 22.97 2.77 104.99
CA ILE B 77 22.27 1.59 104.49
C ILE B 77 22.98 1.13 103.21
N THR B 78 23.33 -0.15 103.15
CA THR B 78 23.98 -0.72 101.99
C THR B 78 22.99 -1.52 101.16
N LEU B 79 23.31 -1.66 99.87
CA LEU B 79 22.46 -2.37 98.92
C LEU B 79 23.24 -3.51 98.29
N GLY B 80 22.66 -4.71 98.33
CA GLY B 80 23.23 -5.87 97.68
C GLY B 80 22.37 -6.33 96.51
N ALA B 81 22.85 -7.38 95.85
CA ALA B 81 22.15 -7.91 94.68
C ALA B 81 22.65 -9.32 94.40
N ARG B 82 21.95 -9.98 93.48
CA ARG B 82 22.35 -11.31 93.01
C ARG B 82 21.93 -11.47 91.56
N ILE B 83 22.86 -11.91 90.72
CA ILE B 83 22.64 -12.07 89.29
C ILE B 83 23.07 -13.47 88.89
N LEU B 84 22.23 -14.14 88.09
CA LEU B 84 22.47 -15.49 87.63
C LEU B 84 22.49 -15.52 86.10
N ASP B 85 22.83 -16.70 85.55
CA ASP B 85 22.97 -16.88 84.12
C ASP B 85 21.58 -16.95 83.48
N THR B 86 21.17 -15.86 82.82
CA THR B 86 19.88 -15.85 82.15
C THR B 86 19.88 -16.78 80.94
N CYS B 87 20.93 -16.71 80.13
CA CYS B 87 21.15 -17.56 78.96
C CYS B 87 20.07 -17.39 77.89
N SER B 88 19.20 -16.38 78.03
CA SER B 88 18.14 -16.09 77.06
C SER B 88 17.26 -17.32 76.81
N ARG B 89 16.98 -18.07 77.88
CA ARG B 89 16.16 -19.26 77.81
C ARG B 89 15.08 -19.19 78.87
N ASP B 90 13.87 -19.64 78.53
CA ASP B 90 12.77 -19.60 79.48
C ASP B 90 12.98 -20.59 80.61
N THR B 91 13.59 -21.75 80.32
CA THR B 91 13.85 -22.74 81.36
C THR B 91 14.84 -22.19 82.39
N HIS B 92 15.97 -21.65 81.93
CA HIS B 92 16.92 -21.04 82.84
C HIS B 92 16.31 -19.84 83.55
N ALA B 93 15.44 -19.09 82.88
CA ALA B 93 14.76 -17.98 83.51
C ALA B 93 13.92 -18.45 84.69
N LEU B 94 13.14 -19.51 84.50
CA LEU B 94 12.33 -20.04 85.58
C LEU B 94 13.19 -20.65 86.69
N GLU B 95 14.33 -21.25 86.33
CA GLU B 95 15.24 -21.77 87.35
C GLU B 95 15.77 -20.65 88.22
N GLN B 96 16.23 -19.56 87.60
CA GLN B 96 16.70 -18.41 88.36
C GLN B 96 15.58 -17.79 89.18
N SER B 97 14.35 -17.81 88.64
CA SER B 97 13.21 -17.26 89.37
C SER B 97 12.91 -18.08 90.62
N LEU B 98 12.96 -19.41 90.52
CA LEU B 98 12.71 -20.23 91.70
C LEU B 98 13.84 -20.07 92.70
N THR B 99 15.08 -19.97 92.23
CA THR B 99 16.19 -19.75 93.15
C THR B 99 16.13 -18.37 93.81
N PHE B 100 15.44 -17.41 93.18
CA PHE B 100 15.23 -16.12 93.82
C PHE B 100 14.17 -16.16 94.91
N VAL B 101 13.28 -17.14 94.88
CA VAL B 101 12.19 -17.24 95.86
C VAL B 101 12.26 -18.59 96.57
N GLN B 102 13.48 -19.15 96.70
CA GLN B 102 13.62 -20.43 97.39
C GLN B 102 13.23 -20.32 98.86
N ALA B 103 13.45 -19.17 99.47
CA ALA B 103 13.09 -19.00 100.88
C ALA B 103 11.57 -18.91 101.04
N LEU B 104 10.92 -18.08 100.23
CA LEU B 104 9.47 -17.91 100.31
C LEU B 104 8.79 -18.44 99.05
N GLU B 126 18.52 -12.11 102.39
CA GLU B 126 18.37 -13.30 101.57
C GLU B 126 17.12 -13.22 100.70
N ARG B 127 16.17 -12.39 101.11
CA ARG B 127 14.93 -12.20 100.37
C ARG B 127 15.08 -11.01 99.42
N VAL B 128 14.95 -11.28 98.12
CA VAL B 128 15.09 -10.24 97.11
C VAL B 128 13.90 -9.30 97.22
N VAL B 129 14.15 -8.06 97.63
CA VAL B 129 13.08 -7.08 97.74
C VAL B 129 12.64 -6.57 96.38
N GLY B 130 13.50 -6.69 95.36
CA GLY B 130 13.17 -6.24 94.03
C GLY B 130 14.16 -6.73 93.01
N VAL B 131 13.67 -7.29 91.91
CA VAL B 131 14.51 -7.86 90.88
C VAL B 131 14.53 -6.92 89.68
N ILE B 132 15.65 -6.90 88.96
CA ILE B 132 15.78 -6.14 87.73
C ILE B 132 15.38 -7.02 86.57
N GLY B 133 14.64 -6.45 85.61
CA GLY B 133 14.10 -7.22 84.51
C GLY B 133 15.13 -7.84 83.59
N ALA B 134 14.68 -8.56 82.58
CA ALA B 134 15.53 -9.26 81.63
C ALA B 134 15.52 -8.54 80.29
N SER B 135 16.25 -9.11 79.33
CA SER B 135 16.32 -8.55 77.98
C SER B 135 15.29 -9.19 77.04
N GLY B 136 15.35 -10.51 76.90
CA GLY B 136 14.40 -11.19 76.03
C GLY B 136 12.99 -11.06 76.56
N SER B 137 12.04 -10.84 75.64
CA SER B 137 10.66 -10.58 76.05
C SER B 137 10.01 -11.82 76.65
N SER B 138 10.34 -13.00 76.13
CA SER B 138 9.78 -14.23 76.70
C SER B 138 10.34 -14.50 78.09
N VAL B 139 11.66 -14.39 78.24
CA VAL B 139 12.29 -14.54 79.55
C VAL B 139 11.76 -13.48 80.51
N SER B 140 11.59 -12.25 80.02
CA SER B 140 11.08 -11.18 80.87
C SER B 140 9.65 -11.46 81.32
N ILE B 141 8.82 -11.98 80.42
CA ILE B 141 7.45 -12.33 80.77
C ILE B 141 7.44 -13.44 81.82
N MET B 142 8.27 -14.46 81.62
CA MET B 142 8.34 -15.56 82.58
C MET B 142 8.73 -15.07 83.96
N VAL B 143 9.85 -14.34 84.05
CA VAL B 143 10.30 -13.88 85.35
C VAL B 143 9.32 -12.88 85.94
N ALA B 144 8.66 -12.08 85.11
CA ALA B 144 7.71 -11.09 85.62
C ALA B 144 6.52 -11.77 86.27
N ASN B 145 5.93 -12.75 85.59
CA ASN B 145 4.78 -13.43 86.18
C ASN B 145 5.19 -14.24 87.41
N ILE B 146 6.36 -14.87 87.37
CA ILE B 146 6.79 -15.65 88.54
C ILE B 146 7.04 -14.74 89.74
N LEU B 147 7.61 -13.56 89.51
CA LEU B 147 7.92 -12.66 90.62
C LEU B 147 6.69 -11.92 91.11
N ARG B 148 5.71 -11.65 90.26
CA ARG B 148 4.46 -11.08 90.75
C ARG B 148 3.59 -12.13 91.43
N LEU B 149 3.83 -13.42 91.16
CA LEU B 149 3.20 -14.48 91.95
C LEU B 149 3.58 -14.34 93.42
N PHE B 150 4.86 -14.19 93.71
CA PHE B 150 5.37 -14.07 95.08
C PHE B 150 5.37 -12.64 95.58
N LYS B 151 4.69 -11.72 94.87
CA LYS B 151 4.58 -10.33 95.28
C LYS B 151 5.95 -9.67 95.44
N ILE B 152 6.68 -9.61 94.32
CA ILE B 152 7.98 -8.95 94.26
C ILE B 152 8.02 -8.07 93.03
N PRO B 153 8.35 -6.79 93.16
CA PRO B 153 8.37 -5.90 92.00
C PRO B 153 9.53 -6.23 91.07
N GLN B 154 9.43 -5.69 89.85
CA GLN B 154 10.44 -5.92 88.82
C GLN B 154 10.52 -4.71 87.91
N ILE B 155 11.74 -4.26 87.66
CA ILE B 155 12.00 -3.12 86.77
C ILE B 155 12.91 -3.60 85.65
N SER B 156 12.46 -3.44 84.41
CA SER B 156 13.21 -3.88 83.25
C SER B 156 13.93 -2.70 82.59
N TYR B 157 14.83 -3.03 81.66
CA TYR B 157 15.63 -2.03 80.98
C TYR B 157 15.62 -2.24 79.48
N ALA B 158 15.39 -3.48 79.03
CA ALA B 158 15.45 -3.80 77.61
C ALA B 158 14.30 -4.73 77.20
N SER B 159 13.14 -4.60 77.83
CA SER B 159 11.96 -5.37 77.48
C SER B 159 10.83 -4.37 77.21
N THR B 160 10.68 -3.99 75.95
CA THR B 160 9.71 -2.98 75.53
C THR B 160 8.46 -3.59 74.91
N ALA B 161 8.18 -4.85 75.20
CA ALA B 161 7.04 -5.52 74.59
C ALA B 161 5.73 -4.87 75.05
N PRO B 162 4.79 -4.63 74.14
CA PRO B 162 3.54 -3.96 74.53
C PRO B 162 2.63 -4.81 75.39
N ASP B 163 2.68 -6.14 75.25
CA ASP B 163 1.87 -7.01 76.10
C ASP B 163 2.39 -7.08 77.53
N LEU B 164 3.44 -6.35 77.86
CA LEU B 164 3.97 -6.27 79.22
C LEU B 164 3.64 -4.95 79.89
N SER B 165 2.86 -4.08 79.24
CA SER B 165 2.53 -2.77 79.77
C SER B 165 1.17 -2.75 80.48
N ASP B 166 0.43 -3.84 80.46
CA ASP B 166 -0.87 -3.88 81.13
C ASP B 166 -0.69 -4.11 82.62
N ASN B 167 -1.50 -3.40 83.41
CA ASN B 167 -1.42 -3.47 84.87
C ASN B 167 -2.22 -4.62 85.46
N SER B 168 -2.82 -5.47 84.63
CA SER B 168 -3.64 -6.58 85.13
C SER B 168 -2.85 -7.88 85.21
N ARG B 169 -1.99 -8.15 84.24
CA ARG B 169 -1.22 -9.40 84.20
C ARG B 169 0.22 -9.23 84.68
N TYR B 170 0.80 -8.04 84.51
CA TYR B 170 2.18 -7.76 84.89
C TYR B 170 2.25 -6.49 85.73
N ASP B 171 1.40 -6.44 86.76
CA ASP B 171 1.34 -5.26 87.62
C ASP B 171 2.67 -4.96 88.31
N PHE B 172 3.53 -5.96 88.48
CA PHE B 172 4.84 -5.79 89.11
C PHE B 172 5.96 -5.70 88.08
N PHE B 173 5.69 -5.09 86.93
CA PHE B 173 6.64 -4.97 85.84
C PHE B 173 6.80 -3.51 85.42
N SER B 174 7.00 -2.64 86.40
CA SER B 174 7.21 -1.21 86.13
C SER B 174 8.60 -1.02 85.54
N ARG B 175 8.66 -0.85 84.23
CA ARG B 175 9.93 -0.66 83.54
C ARG B 175 10.23 0.82 83.37
N VAL B 176 11.48 1.11 82.96
CA VAL B 176 11.94 2.48 82.79
C VAL B 176 12.10 2.86 81.32
N VAL B 177 11.71 1.97 80.40
CA VAL B 177 11.83 2.26 78.98
C VAL B 177 10.44 2.27 78.36
N PRO B 178 10.18 3.09 77.33
CA PRO B 178 8.87 3.10 76.70
C PRO B 178 8.58 1.78 75.98
N SER B 179 7.31 1.61 75.62
CA SER B 179 6.84 0.36 75.04
C SER B 179 7.11 0.32 73.54
N ASP B 180 6.65 -0.77 72.91
CA ASP B 180 6.80 -0.92 71.47
C ASP B 180 5.70 -0.22 70.67
N THR B 181 4.65 0.27 71.34
CA THR B 181 3.65 1.06 70.64
C THR B 181 4.25 2.36 70.10
N TYR B 182 5.03 3.04 70.93
CA TYR B 182 5.76 4.21 70.46
C TYR B 182 6.76 3.84 69.37
N GLN B 183 7.34 2.64 69.45
CA GLN B 183 8.25 2.20 68.40
C GLN B 183 7.52 2.02 67.07
N ALA B 184 6.33 1.43 67.09
CA ALA B 184 5.55 1.28 65.87
C ALA B 184 5.10 2.63 65.33
N GLN B 185 4.72 3.55 66.23
CA GLN B 185 4.40 4.90 65.79
C GLN B 185 5.61 5.57 65.12
N ALA B 186 6.79 5.37 65.68
CA ALA B 186 8.00 5.91 65.08
C ALA B 186 8.26 5.29 63.71
N MET B 187 8.06 3.98 63.60
CA MET B 187 8.27 3.30 62.32
C MET B 187 7.32 3.84 61.26
N VAL B 188 6.05 3.99 61.60
CA VAL B 188 5.09 4.48 60.60
C VAL B 188 5.36 5.94 60.27
N ASP B 189 5.78 6.75 61.25
CA ASP B 189 6.14 8.13 60.94
C ASP B 189 7.36 8.20 60.02
N ILE B 190 8.32 7.29 60.22
CA ILE B 190 9.50 7.27 59.37
C ILE B 190 9.13 6.86 57.95
N VAL B 191 8.32 5.81 57.80
CA VAL B 191 7.94 5.38 56.46
C VAL B 191 6.98 6.37 55.80
N ARG B 192 6.31 7.22 56.57
CA ARG B 192 5.55 8.31 55.98
C ARG B 192 6.47 9.42 55.49
N ALA B 193 7.44 9.81 56.32
CA ALA B 193 8.37 10.87 55.93
C ALA B 193 9.29 10.44 54.80
N LEU B 194 9.67 9.16 54.76
CA LEU B 194 10.50 8.64 53.67
C LEU B 194 9.68 8.29 52.43
N LYS B 195 8.36 8.50 52.46
CA LYS B 195 7.48 8.20 51.33
C LYS B 195 7.53 6.73 50.96
N TRP B 196 7.48 5.87 51.97
CA TRP B 196 7.47 4.43 51.79
C TRP B 196 6.08 3.88 52.10
N ASN B 197 5.60 2.97 51.25
CA ASN B 197 4.30 2.37 51.43
C ASN B 197 4.28 0.85 51.26
N TYR B 198 5.36 0.24 50.80
CA TYR B 198 5.45 -1.20 50.62
C TYR B 198 6.61 -1.73 51.47
N VAL B 199 6.28 -2.47 52.53
CA VAL B 199 7.27 -2.96 53.48
C VAL B 199 6.95 -4.42 53.78
N SER B 200 7.97 -5.16 54.21
CA SER B 200 7.84 -6.57 54.53
C SER B 200 8.22 -6.79 55.99
N THR B 201 7.33 -7.44 56.74
CA THR B 201 7.54 -7.68 58.16
C THR B 201 8.23 -9.02 58.36
N VAL B 202 9.32 -9.01 59.14
CA VAL B 202 10.01 -10.24 59.51
C VAL B 202 10.41 -10.16 60.98
N ALA B 203 10.32 -11.28 61.68
CA ALA B 203 10.68 -11.35 63.09
C ALA B 203 10.82 -12.81 63.49
N SER B 204 11.48 -13.04 64.62
CA SER B 204 11.65 -14.37 65.17
C SER B 204 10.49 -14.67 66.13
N GLU B 205 10.61 -15.74 66.89
CA GLU B 205 9.58 -16.10 67.87
C GLU B 205 9.72 -15.21 69.10
N GLY B 206 8.96 -15.53 70.15
CA GLY B 206 8.95 -14.73 71.36
C GLY B 206 7.94 -13.60 71.29
N SER B 207 7.70 -13.01 72.46
CA SER B 207 6.73 -11.92 72.53
C SER B 207 7.23 -10.67 71.80
N TYR B 208 8.54 -10.43 71.81
CA TYR B 208 9.08 -9.18 71.25
C TYR B 208 8.77 -9.07 69.77
N GLY B 209 9.22 -10.03 68.96
CA GLY B 209 9.07 -9.92 67.52
C GLY B 209 7.62 -9.89 67.07
N GLU B 210 6.82 -10.84 67.57
CA GLU B 210 5.42 -10.90 67.18
C GLU B 210 4.66 -9.66 67.62
N SER B 211 4.84 -9.24 68.86
CA SER B 211 4.16 -8.05 69.35
C SER B 211 4.57 -6.81 68.57
N GLY B 212 5.86 -6.70 68.24
CA GLY B 212 6.33 -5.54 67.49
C GLY B 212 5.77 -5.50 66.08
N VAL B 213 5.76 -6.64 65.39
CA VAL B 213 5.26 -6.65 64.02
C VAL B 213 3.75 -6.42 64.01
N GLU B 214 3.04 -6.93 65.02
CA GLU B 214 1.60 -6.69 65.09
C GLU B 214 1.31 -5.22 65.38
N ALA B 215 2.07 -4.60 66.30
CA ALA B 215 1.88 -3.19 66.57
C ALA B 215 2.20 -2.35 65.33
N PHE B 216 3.24 -2.72 64.59
CA PHE B 216 3.59 -2.00 63.37
C PHE B 216 2.49 -2.13 62.33
N ILE B 217 1.95 -3.33 62.15
CA ILE B 217 0.85 -3.53 61.19
C ILE B 217 -0.36 -2.70 61.59
N GLN B 218 -0.68 -2.69 62.89
CA GLN B 218 -1.84 -1.92 63.36
C GLN B 218 -1.64 -0.43 63.16
N LYS B 219 -0.46 0.09 63.51
CA LYS B 219 -0.20 1.51 63.34
C LYS B 219 -0.09 1.91 61.87
N SER B 220 0.26 0.97 61.00
CA SER B 220 0.34 1.28 59.58
C SER B 220 -1.03 1.25 58.92
N ARG B 221 -1.91 0.35 59.36
CA ARG B 221 -3.25 0.29 58.80
C ARG B 221 -4.20 1.29 59.44
N GLU B 222 -3.85 1.82 60.61
CA GLU B 222 -4.73 2.76 61.29
C GLU B 222 -4.94 4.03 60.47
N ASP B 223 -3.87 4.79 60.24
CA ASP B 223 -3.98 6.02 59.48
C ASP B 223 -2.88 6.23 58.44
N GLY B 224 -1.80 5.46 58.47
CA GLY B 224 -0.72 5.67 57.52
C GLY B 224 -0.97 5.12 56.13
N GLY B 225 -1.82 4.11 56.02
CA GLY B 225 -2.12 3.50 54.73
C GLY B 225 -1.05 2.59 54.19
N VAL B 226 0.06 2.42 54.90
CA VAL B 226 1.11 1.50 54.46
C VAL B 226 0.65 0.07 54.70
N CYS B 227 0.74 -0.77 53.67
CA CYS B 227 0.42 -2.18 53.78
C CYS B 227 1.71 -3.00 53.82
N ILE B 228 1.55 -4.32 53.95
CA ILE B 228 2.68 -5.21 54.17
C ILE B 228 2.68 -6.27 53.09
N ALA B 229 3.85 -6.49 52.47
CA ALA B 229 3.97 -7.51 51.43
C ALA B 229 3.69 -8.89 51.98
N GLN B 230 4.49 -9.34 52.95
CA GLN B 230 4.32 -10.66 53.52
C GLN B 230 4.96 -10.69 54.90
N SER B 231 4.43 -11.56 55.76
CA SER B 231 4.89 -11.70 57.14
C SER B 231 5.40 -13.14 57.32
N VAL B 232 6.71 -13.31 57.20
CA VAL B 232 7.35 -14.61 57.42
C VAL B 232 8.18 -14.52 58.70
N LYS B 233 8.16 -15.60 59.48
CA LYS B 233 8.86 -15.66 60.75
C LYS B 233 10.08 -16.57 60.65
N ILE B 234 11.03 -16.32 61.53
CA ILE B 234 12.26 -17.12 61.61
C ILE B 234 12.05 -18.20 62.68
N PRO B 235 12.24 -19.47 62.34
CA PRO B 235 12.03 -20.54 63.33
C PRO B 235 13.04 -20.47 64.46
N ARG B 236 12.76 -21.22 65.52
CA ARG B 236 13.66 -21.26 66.67
C ARG B 236 14.96 -21.99 66.32
N GLU B 237 14.86 -23.25 65.90
CA GLU B 237 16.01 -24.08 65.53
C GLU B 237 15.84 -24.52 64.09
N PRO B 238 16.23 -23.71 63.12
CA PRO B 238 16.11 -24.11 61.71
C PRO B 238 17.11 -25.21 61.37
N LYS B 239 16.61 -26.33 60.87
CA LYS B 239 17.43 -27.47 60.52
C LYS B 239 17.19 -27.85 59.06
N ALA B 240 18.17 -28.56 58.48
CA ALA B 240 18.12 -29.01 57.10
C ALA B 240 17.96 -27.84 56.12
N GLY B 241 18.40 -26.65 56.53
CA GLY B 241 18.38 -25.50 55.66
C GLY B 241 17.01 -24.90 55.41
N GLU B 242 16.39 -24.35 56.45
CA GLU B 242 15.13 -23.63 56.32
C GLU B 242 15.30 -22.12 56.45
N PHE B 243 16.54 -21.63 56.38
CA PHE B 243 16.80 -20.20 56.51
C PHE B 243 16.97 -19.50 55.17
N ASP B 244 17.47 -20.20 54.14
CA ASP B 244 17.60 -19.58 52.84
C ASP B 244 16.25 -19.26 52.22
N LYS B 245 15.21 -20.04 52.55
CA LYS B 245 13.88 -19.78 52.02
C LYS B 245 13.32 -18.47 52.55
N ILE B 246 13.68 -18.10 53.80
CA ILE B 246 13.18 -16.86 54.38
C ILE B 246 13.67 -15.66 53.58
N ILE B 247 14.95 -15.65 53.21
CA ILE B 247 15.48 -14.52 52.44
C ILE B 247 15.09 -14.65 50.96
N ARG B 248 14.86 -15.87 50.47
CA ARG B 248 14.43 -16.04 49.09
C ARG B 248 13.01 -15.51 48.89
N ARG B 249 12.15 -15.67 49.92
CA ARG B 249 10.79 -15.15 49.83
C ARG B 249 10.77 -13.63 49.77
N LEU B 250 11.80 -12.97 50.31
CA LEU B 250 11.91 -11.52 50.21
C LEU B 250 12.60 -11.08 48.94
N LEU B 251 13.56 -11.85 48.44
CA LEU B 251 14.24 -11.51 47.19
C LEU B 251 13.37 -11.77 45.97
N GLU B 252 12.39 -12.68 46.06
CA GLU B 252 11.54 -12.95 44.92
C GLU B 252 10.58 -11.80 44.62
N THR B 253 10.33 -10.93 45.59
CA THR B 253 9.48 -9.75 45.40
C THR B 253 10.38 -8.53 45.39
N SER B 254 10.63 -7.98 44.19
CA SER B 254 11.52 -6.84 44.05
C SER B 254 10.88 -5.53 44.51
N ASN B 255 9.54 -5.47 44.55
CA ASN B 255 8.86 -4.24 44.95
C ASN B 255 9.02 -3.96 46.43
N ALA B 256 9.31 -4.97 47.25
CA ALA B 256 9.45 -4.81 48.70
C ALA B 256 10.88 -4.37 49.02
N ARG B 257 11.16 -3.10 48.68
CA ARG B 257 12.46 -2.52 48.95
C ARG B 257 12.63 -2.08 50.40
N ALA B 258 11.58 -2.19 51.22
CA ALA B 258 11.65 -1.84 52.63
C ALA B 258 11.29 -3.08 53.46
N VAL B 259 12.13 -3.39 54.43
CA VAL B 259 11.97 -4.57 55.27
C VAL B 259 12.12 -4.16 56.73
N ILE B 260 11.05 -4.35 57.50
CA ILE B 260 11.05 -4.10 58.94
C ILE B 260 11.34 -5.41 59.68
N ILE B 261 12.40 -5.42 60.46
CA ILE B 261 12.83 -6.59 61.22
C ILE B 261 12.54 -6.34 62.69
N PHE B 262 12.23 -7.42 63.40
CA PHE B 262 11.97 -7.33 64.84
C PHE B 262 12.57 -8.51 65.61
N ALA B 263 13.61 -9.14 65.08
CA ALA B 263 14.25 -10.26 65.74
C ALA B 263 15.35 -9.77 66.67
N ASN B 264 16.04 -10.71 67.31
CA ASN B 264 17.15 -10.36 68.19
C ASN B 264 18.42 -10.18 67.36
N GLU B 265 19.57 -10.06 68.04
CA GLU B 265 20.81 -9.83 67.33
C GLU B 265 21.21 -11.04 66.49
N ASP B 266 21.01 -12.24 67.02
CA ASP B 266 21.45 -13.45 66.32
C ASP B 266 20.70 -13.65 65.02
N ASP B 267 19.36 -13.63 65.06
CA ASP B 267 18.58 -13.83 63.85
C ASP B 267 18.76 -12.69 62.86
N ILE B 268 18.95 -11.46 63.34
CA ILE B 268 19.19 -10.34 62.44
C ILE B 268 20.52 -10.51 61.72
N ARG B 269 21.57 -10.91 62.45
CA ARG B 269 22.85 -11.17 61.81
C ARG B 269 22.76 -12.32 60.81
N ARG B 270 21.98 -13.35 61.14
CA ARG B 270 21.82 -14.48 60.23
C ARG B 270 21.08 -14.07 58.97
N VAL B 271 20.05 -13.23 59.10
CA VAL B 271 19.33 -12.72 57.94
C VAL B 271 20.23 -11.86 57.08
N LEU B 272 21.06 -11.02 57.71
CA LEU B 272 21.98 -10.19 56.94
C LEU B 272 23.02 -11.05 56.21
N GLU B 273 23.49 -12.11 56.86
CA GLU B 273 24.44 -13.01 56.21
C GLU B 273 23.80 -13.76 55.05
N ALA B 274 22.54 -14.17 55.20
CA ALA B 274 21.84 -14.84 54.10
C ALA B 274 21.57 -13.88 52.95
N ALA B 275 21.33 -12.61 53.26
CA ALA B 275 21.11 -11.62 52.21
C ALA B 275 22.40 -11.22 51.51
N ARG B 276 23.53 -11.28 52.22
CA ARG B 276 24.81 -10.95 51.59
C ARG B 276 25.19 -11.98 50.53
N ARG B 277 24.75 -13.22 50.69
CA ARG B 277 25.09 -14.28 49.76
C ARG B 277 24.22 -14.16 48.51
N ALA B 278 24.32 -15.16 47.62
CA ALA B 278 23.55 -15.21 46.37
C ALA B 278 23.79 -14.00 45.48
N ASN B 279 24.99 -13.42 45.58
CA ASN B 279 25.39 -12.26 44.79
C ASN B 279 24.39 -11.11 44.95
N GLN B 280 24.25 -10.66 46.19
CA GLN B 280 23.32 -9.59 46.53
C GLN B 280 24.00 -8.59 47.44
N THR B 281 23.91 -7.31 47.07
CA THR B 281 24.49 -6.24 47.88
C THR B 281 23.65 -4.98 47.71
N GLY B 282 23.11 -4.48 48.81
CA GLY B 282 22.31 -3.27 48.77
C GLY B 282 21.03 -3.39 47.97
N HIS B 283 20.42 -4.58 47.94
CA HIS B 283 19.18 -4.76 47.20
C HIS B 283 18.04 -3.99 47.85
N PHE B 284 17.90 -4.11 49.17
CA PHE B 284 16.86 -3.40 49.90
C PHE B 284 17.39 -3.05 51.28
N PHE B 285 16.96 -1.90 51.78
CA PHE B 285 17.41 -1.45 53.09
C PHE B 285 16.57 -2.09 54.19
N TRP B 286 17.11 -2.04 55.41
CA TRP B 286 16.47 -2.64 56.59
C TRP B 286 16.03 -1.55 57.55
N MET B 287 14.81 -1.69 58.07
CA MET B 287 14.29 -0.81 59.11
C MET B 287 14.58 -1.46 60.45
N GLY B 288 15.61 -0.96 61.14
CA GLY B 288 16.07 -1.61 62.35
C GLY B 288 15.19 -1.27 63.56
N SER B 289 14.94 -2.29 64.37
CA SER B 289 14.14 -2.15 65.57
C SER B 289 15.05 -1.82 66.77
N ASP B 290 14.49 -1.90 67.98
CA ASP B 290 15.24 -1.58 69.18
C ASP B 290 16.34 -2.61 69.48
N SER B 291 16.31 -3.78 68.84
CA SER B 291 17.27 -4.82 69.16
C SER B 291 18.69 -4.40 68.83
N TRP B 292 18.88 -3.63 67.75
CA TRP B 292 20.19 -3.21 67.29
C TRP B 292 20.19 -1.72 66.94
N GLY B 293 19.68 -0.91 67.87
CA GLY B 293 19.64 0.52 67.63
C GLY B 293 21.01 1.12 67.44
N SER B 294 21.95 0.79 68.34
CA SER B 294 23.32 1.29 68.25
C SER B 294 24.33 0.20 68.58
N LYS B 295 24.02 -1.06 68.27
CA LYS B 295 24.90 -2.16 68.61
C LYS B 295 26.04 -2.28 67.61
N ILE B 296 27.22 -2.63 68.11
CA ILE B 296 28.40 -2.81 67.27
C ILE B 296 28.49 -4.22 66.69
N ALA B 297 27.63 -5.14 67.15
CA ALA B 297 27.67 -6.50 66.63
C ALA B 297 27.29 -6.58 65.15
N PRO B 298 26.19 -5.98 64.70
CA PRO B 298 25.81 -6.13 63.28
C PRO B 298 26.44 -5.12 62.32
N VAL B 299 27.47 -4.38 62.75
CA VAL B 299 28.09 -3.42 61.85
C VAL B 299 28.99 -4.07 60.81
N LEU B 300 29.41 -5.31 61.03
CA LEU B 300 30.24 -6.00 60.04
C LEU B 300 29.45 -6.26 58.77
N HIS B 301 28.29 -6.93 58.89
CA HIS B 301 27.43 -7.15 57.73
C HIS B 301 26.89 -5.84 57.20
N LEU B 302 26.76 -4.81 58.05
CA LEU B 302 26.32 -3.51 57.58
C LEU B 302 27.35 -2.89 56.64
N GLU B 303 28.62 -2.91 57.03
CA GLU B 303 29.69 -2.47 56.13
C GLU B 303 29.84 -3.40 54.94
N GLU B 304 29.39 -4.65 55.06
CA GLU B 304 29.48 -5.58 53.95
C GLU B 304 28.33 -5.41 52.97
N VAL B 305 27.09 -5.59 53.43
CA VAL B 305 25.91 -5.56 52.57
C VAL B 305 24.89 -4.53 53.04
N ALA B 306 24.63 -4.46 54.34
CA ALA B 306 23.57 -3.61 54.88
C ALA B 306 24.07 -2.19 55.10
N GLU B 307 24.51 -1.56 54.00
CA GLU B 307 25.03 -0.20 54.06
C GLU B 307 23.89 0.78 54.27
N GLY B 308 24.08 1.72 55.18
CA GLY B 308 23.07 2.73 55.46
C GLY B 308 21.81 2.20 56.09
N ALA B 309 21.93 1.28 57.04
CA ALA B 309 20.77 0.71 57.70
C ALA B 309 20.28 1.65 58.80
N VAL B 310 18.95 1.83 58.85
CA VAL B 310 18.32 2.74 59.78
C VAL B 310 17.74 1.95 60.95
N THR B 311 18.00 2.41 62.17
CA THR B 311 17.54 1.75 63.39
C THR B 311 16.97 2.79 64.34
N ILE B 312 16.39 2.31 65.43
CA ILE B 312 15.74 3.15 66.43
C ILE B 312 16.28 2.79 67.81
N LEU B 313 16.37 3.80 68.69
CA LEU B 313 16.87 3.55 70.04
C LEU B 313 16.32 4.62 70.96
N PRO B 314 15.84 4.28 72.15
CA PRO B 314 15.30 5.30 73.06
C PRO B 314 16.36 6.33 73.44
N LYS B 315 15.88 7.46 73.95
CA LYS B 315 16.76 8.57 74.27
C LYS B 315 17.67 8.21 75.43
N ARG B 316 18.98 8.19 75.17
CA ARG B 316 19.99 7.90 76.18
C ARG B 316 21.18 8.84 75.96
N MET B 317 22.22 8.65 76.76
CA MET B 317 23.41 9.48 76.65
C MET B 317 24.60 8.72 77.23
N SER B 318 25.79 9.04 76.73
CA SER B 318 27.00 8.43 77.24
C SER B 318 27.30 8.90 78.66
N VAL B 319 27.57 7.97 79.55
CA VAL B 319 27.84 8.25 80.95
C VAL B 319 29.35 8.21 81.17
N ARG B 320 29.92 9.34 81.58
CA ARG B 320 31.36 9.39 81.84
C ARG B 320 31.74 8.58 83.06
N GLY B 321 30.87 8.55 84.08
CA GLY B 321 31.16 7.76 85.27
C GLY B 321 31.24 6.28 84.97
N PHE B 322 30.29 5.77 84.19
CA PHE B 322 30.32 4.35 83.82
C PHE B 322 31.53 4.04 82.94
N ASP B 323 31.93 4.98 82.08
CA ASP B 323 33.10 4.77 81.26
C ASP B 323 34.36 4.68 82.11
N ARG B 324 34.50 5.60 83.07
CA ARG B 324 35.66 5.55 83.97
C ARG B 324 35.63 4.32 84.85
N TYR B 325 34.45 3.81 85.19
CA TYR B 325 34.36 2.62 86.03
C TYR B 325 34.70 1.36 85.23
N PHE B 326 34.28 1.30 83.97
CA PHE B 326 34.54 0.12 83.15
C PHE B 326 35.95 0.10 82.59
N SER B 327 36.56 1.27 82.40
CA SER B 327 37.90 1.33 81.82
C SER B 327 38.98 0.88 82.79
N SER B 328 38.66 0.61 84.04
CA SER B 328 39.62 0.19 85.05
C SER B 328 39.23 -1.15 85.66
N ARG B 329 38.81 -2.10 84.83
CA ARG B 329 38.40 -3.42 85.28
C ARG B 329 39.27 -4.47 84.58
N THR B 330 39.99 -5.24 85.38
CA THR B 330 40.86 -6.31 84.88
C THR B 330 40.29 -7.67 85.29
N LEU B 331 40.95 -8.73 84.80
CA LEU B 331 40.51 -10.09 85.12
C LEU B 331 40.73 -10.44 86.58
N ASP B 332 41.57 -9.69 87.29
CA ASP B 332 41.82 -9.94 88.70
C ASP B 332 41.43 -8.76 89.59
N ASN B 333 40.93 -7.67 89.01
CA ASN B 333 40.52 -6.52 89.81
C ASN B 333 39.24 -6.81 90.58
N ASN B 334 38.22 -7.30 89.88
CA ASN B 334 36.93 -7.61 90.48
C ASN B 334 36.73 -9.12 90.54
N ARG B 335 36.49 -9.63 91.74
CA ARG B 335 36.23 -11.06 91.95
C ARG B 335 34.75 -11.40 92.02
N ARG B 336 33.88 -10.39 92.01
CA ARG B 336 32.44 -10.64 92.09
C ARG B 336 31.89 -11.15 90.76
N ASN B 337 32.31 -10.53 89.65
CA ASN B 337 31.84 -10.92 88.33
C ASN B 337 32.57 -12.19 87.91
N ILE B 338 31.84 -13.32 87.90
CA ILE B 338 32.46 -14.59 87.57
C ILE B 338 32.66 -14.75 86.06
N TRP B 339 31.74 -14.20 85.26
CA TRP B 339 31.85 -14.32 83.81
C TRP B 339 32.77 -13.27 83.20
N PHE B 340 33.18 -12.26 83.96
CA PHE B 340 34.07 -11.22 83.44
C PHE B 340 35.33 -11.83 82.84
N ALA B 341 35.94 -12.80 83.54
CA ALA B 341 37.09 -13.51 82.98
C ALA B 341 36.75 -14.11 81.63
N GLU B 342 35.61 -14.80 81.54
CA GLU B 342 35.15 -15.31 80.25
C GLU B 342 34.96 -14.18 79.26
N PHE B 343 34.41 -13.05 79.72
CA PHE B 343 34.32 -11.86 78.87
C PHE B 343 35.69 -11.47 78.34
N TRP B 344 36.71 -11.58 79.20
CA TRP B 344 38.09 -11.34 78.74
C TRP B 344 38.44 -12.29 77.59
N GLU B 345 38.13 -13.58 77.76
CA GLU B 345 38.37 -14.54 76.68
C GLU B 345 37.54 -14.22 75.44
N ASP B 346 36.49 -13.43 75.57
CA ASP B 346 35.72 -13.00 74.42
C ASP B 346 36.34 -11.80 73.72
N ASN B 347 37.12 -10.99 74.44
CA ASN B 347 37.84 -9.88 73.82
C ASN B 347 39.23 -10.26 73.38
N PHE B 348 39.88 -11.18 74.08
CA PHE B 348 41.20 -11.68 73.73
C PHE B 348 41.18 -13.20 73.87
N HIS B 349 41.23 -13.89 72.74
CA HIS B 349 41.10 -15.35 72.73
C HIS B 349 42.31 -15.98 73.40
N CYS B 350 42.09 -16.56 74.58
CA CYS B 350 43.13 -17.22 75.34
C CYS B 350 42.49 -18.15 76.37
N LYS B 351 43.29 -18.67 77.27
CA LYS B 351 42.80 -19.55 78.33
C LYS B 351 43.05 -18.97 79.71
N LYS B 364 47.47 -19.69 71.84
CA LYS B 364 47.08 -18.29 71.79
C LYS B 364 46.94 -17.70 73.19
N LYS B 365 48.03 -17.67 73.94
CA LYS B 365 48.00 -17.14 75.29
C LYS B 365 47.84 -15.63 75.28
N CYS B 366 47.34 -15.10 76.39
CA CYS B 366 47.12 -13.66 76.55
C CYS B 366 47.91 -13.15 77.75
N THR B 367 47.96 -11.82 77.87
CA THR B 367 48.61 -11.16 78.98
C THR B 367 47.56 -10.55 79.91
N ASN B 368 48.01 -10.20 81.11
CA ASN B 368 47.15 -9.58 82.11
C ASN B 368 47.34 -8.07 82.19
N ARG B 369 48.17 -7.49 81.33
CA ARG B 369 48.39 -6.05 81.31
C ARG B 369 47.48 -5.32 80.33
N GLU B 370 46.91 -6.03 79.36
CA GLU B 370 46.04 -5.40 78.38
C GLU B 370 44.76 -4.89 79.03
N ARG B 371 44.11 -3.95 78.35
CA ARG B 371 42.88 -3.31 78.83
C ARG B 371 41.73 -3.67 77.92
N ILE B 372 40.54 -3.20 78.30
CA ILE B 372 39.34 -3.48 77.50
C ILE B 372 39.18 -2.48 76.37
N GLY B 373 39.55 -1.22 76.60
CA GLY B 373 39.42 -0.19 75.58
C GLY B 373 40.34 -0.37 74.38
N GLN B 374 41.28 -1.30 74.44
CA GLN B 374 42.17 -1.53 73.31
C GLN B 374 41.43 -2.09 72.10
N ASP B 375 40.40 -2.90 72.33
CA ASP B 375 39.61 -3.45 71.24
C ASP B 375 38.59 -2.43 70.76
N SER B 376 38.48 -2.28 69.43
CA SER B 376 37.53 -1.35 68.85
C SER B 376 36.08 -1.77 69.03
N ALA B 377 35.83 -3.02 69.42
CA ALA B 377 34.47 -3.49 69.64
C ALA B 377 33.86 -2.94 70.92
N TYR B 378 34.66 -2.33 71.79
CA TYR B 378 34.13 -1.77 73.04
C TYR B 378 33.35 -0.50 72.75
N GLU B 379 32.11 -0.44 73.25
CA GLU B 379 31.27 0.73 73.08
C GLU B 379 30.18 0.69 74.14
N GLN B 380 29.94 1.81 74.79
CA GLN B 380 28.91 1.89 75.83
C GLN B 380 27.54 1.69 75.20
N GLU B 381 26.85 0.62 75.59
CA GLU B 381 25.55 0.31 75.03
C GLU B 381 24.52 1.36 75.47
N GLY B 382 23.41 1.42 74.72
CA GLY B 382 22.34 2.34 75.05
C GLY B 382 21.42 1.88 76.16
N LYS B 383 21.58 0.64 76.63
CA LYS B 383 20.74 0.10 77.68
C LYS B 383 21.36 0.20 79.07
N VAL B 384 22.68 0.43 79.16
CA VAL B 384 23.32 0.52 80.47
C VAL B 384 22.83 1.74 81.22
N GLN B 385 22.57 2.84 80.51
CA GLN B 385 21.99 4.01 81.15
C GLN B 385 20.60 3.69 81.69
N PHE B 386 19.84 2.86 80.98
CA PHE B 386 18.54 2.44 81.47
C PHE B 386 18.67 1.56 82.71
N VAL B 387 19.66 0.68 82.73
CA VAL B 387 19.89 -0.16 83.92
C VAL B 387 20.22 0.71 85.12
N ILE B 388 21.10 1.70 84.92
CA ILE B 388 21.48 2.59 86.02
C ILE B 388 20.28 3.39 86.49
N ASP B 389 19.47 3.89 85.55
CA ASP B 389 18.27 4.64 85.93
C ASP B 389 17.28 3.77 86.67
N ALA B 390 17.16 2.50 86.28
CA ALA B 390 16.24 1.59 86.95
C ALA B 390 16.68 1.33 88.39
N VAL B 391 17.96 1.01 88.59
CA VAL B 391 18.41 0.73 89.93
C VAL B 391 18.41 2.01 90.78
N TYR B 392 18.63 3.18 90.17
CA TYR B 392 18.54 4.42 90.92
C TYR B 392 17.10 4.72 91.31
N ALA B 393 16.14 4.41 90.44
CA ALA B 393 14.73 4.56 90.79
C ALA B 393 14.34 3.63 91.93
N MET B 394 14.83 2.39 91.90
CA MET B 394 14.55 1.46 92.99
C MET B 394 15.18 1.96 94.29
N GLY B 395 16.40 2.51 94.23
CA GLY B 395 17.02 3.04 95.42
C GLY B 395 16.29 4.25 95.96
N HIS B 396 15.81 5.14 95.08
CA HIS B 396 15.03 6.28 95.51
C HIS B 396 13.71 5.84 96.14
N ALA B 397 13.09 4.80 95.59
CA ALA B 397 11.87 4.26 96.17
C ALA B 397 12.12 3.69 97.56
N LEU B 398 13.23 2.96 97.73
CA LEU B 398 13.59 2.44 99.04
C LEU B 398 13.85 3.57 100.03
N HIS B 399 14.53 4.64 99.57
CA HIS B 399 14.80 5.77 100.44
C HIS B 399 13.51 6.47 100.86
N ALA B 400 12.59 6.66 99.91
CA ALA B 400 11.31 7.30 100.25
C ALA B 400 10.50 6.43 101.19
N MET B 401 10.53 5.10 101.00
CA MET B 401 9.82 4.21 101.90
C MET B 401 10.42 4.26 103.30
N HIS B 402 11.75 4.33 103.39
CA HIS B 402 12.40 4.43 104.70
C HIS B 402 12.06 5.76 105.38
N ARG B 403 11.98 6.84 104.60
CA ARG B 403 11.64 8.14 105.17
C ARG B 403 10.20 8.18 105.64
N ASP B 404 9.29 7.58 104.88
CA ASP B 404 7.86 7.65 105.23
C ASP B 404 7.52 6.71 106.38
N LEU B 405 7.94 5.44 106.29
CA LEU B 405 7.59 4.47 107.32
C LEU B 405 8.34 4.75 108.62
N CYS B 406 9.61 5.15 108.53
CA CYS B 406 10.46 5.37 109.69
C CYS B 406 11.05 6.77 109.61
N PRO B 407 10.28 7.80 109.98
CA PRO B 407 10.80 9.16 109.89
C PRO B 407 11.87 9.46 110.94
N GLY B 408 11.68 9.01 112.17
CA GLY B 408 12.62 9.28 113.23
C GLY B 408 13.55 8.11 113.52
N ARG B 409 13.91 7.36 112.47
CA ARG B 409 14.80 6.21 112.60
C ARG B 409 15.88 6.31 111.53
N VAL B 410 17.12 6.50 111.95
CA VAL B 410 18.25 6.60 111.03
C VAL B 410 18.83 5.21 110.79
N GLY B 411 19.27 4.97 109.56
CA GLY B 411 19.83 3.67 109.23
C GLY B 411 18.76 2.63 108.95
N LEU B 412 19.09 1.38 109.25
CA LEU B 412 18.15 0.28 109.04
C LEU B 412 16.99 0.37 110.02
N CYS B 413 15.79 0.08 109.52
CA CYS B 413 14.57 0.15 110.32
C CYS B 413 14.03 -1.25 110.58
N PRO B 414 13.61 -1.54 111.82
CA PRO B 414 13.13 -2.91 112.11
C PRO B 414 11.83 -3.26 111.42
N ARG B 415 10.96 -2.27 111.15
CA ARG B 415 9.69 -2.56 110.50
C ARG B 415 9.82 -2.76 108.99
N MET B 416 10.99 -2.49 108.41
CA MET B 416 11.20 -2.66 106.98
C MET B 416 11.71 -4.05 106.61
N ASP B 417 12.00 -4.90 107.59
CA ASP B 417 12.44 -6.26 107.28
C ASP B 417 11.36 -7.08 106.57
N PRO B 418 10.09 -7.11 107.03
CA PRO B 418 9.08 -7.80 106.24
C PRO B 418 8.68 -6.99 105.00
N VAL B 419 9.53 -7.05 103.97
CA VAL B 419 9.29 -6.25 102.78
C VAL B 419 8.07 -6.78 102.03
N ASP B 420 7.32 -5.86 101.43
CA ASP B 420 6.13 -6.19 100.67
C ASP B 420 6.26 -5.64 99.26
N GLY B 421 5.81 -6.42 98.28
CA GLY B 421 5.90 -5.99 96.90
C GLY B 421 5.03 -4.80 96.59
N THR B 422 3.80 -4.79 97.14
CA THR B 422 2.89 -3.67 96.90
C THR B 422 3.40 -2.38 97.53
N GLN B 423 3.95 -2.48 98.75
CA GLN B 423 4.45 -1.28 99.42
C GLN B 423 5.64 -0.69 98.66
N LEU B 424 6.50 -1.54 98.10
CA LEU B 424 7.64 -1.04 97.33
C LEU B 424 7.20 -0.51 95.98
N LEU B 425 6.21 -1.15 95.35
CA LEU B 425 5.71 -0.65 94.08
C LEU B 425 5.01 0.69 94.24
N LYS B 426 4.38 0.93 95.39
CA LYS B 426 3.71 2.21 95.63
C LYS B 426 4.70 3.36 95.59
N TYR B 427 5.97 3.12 95.92
CA TYR B 427 6.99 4.15 95.84
C TYR B 427 7.75 4.10 94.52
N ILE B 428 7.87 2.93 93.90
CA ILE B 428 8.50 2.84 92.59
C ILE B 428 7.68 3.58 91.54
N ARG B 429 6.35 3.48 91.62
CA ARG B 429 5.46 4.18 90.70
C ARG B 429 5.36 5.67 91.00
N ASN B 430 6.11 6.17 91.99
CA ASN B 430 6.07 7.59 92.35
C ASN B 430 7.48 8.19 92.40
N VAL B 431 8.45 7.55 91.78
CA VAL B 431 9.83 8.03 91.81
C VAL B 431 9.97 9.20 90.85
N ASN B 432 10.74 10.21 91.27
CA ASN B 432 10.97 11.40 90.45
C ASN B 432 12.30 12.00 90.87
N PHE B 433 13.31 11.89 90.01
CA PHE B 433 14.64 12.38 90.34
C PHE B 433 15.37 12.67 89.04
N SER B 434 16.48 13.41 89.16
CA SER B 434 17.32 13.72 88.01
C SER B 434 18.26 12.56 87.74
N GLY B 435 18.13 11.96 86.56
CA GLY B 435 18.95 10.83 86.20
C GLY B 435 20.39 11.22 85.93
N ILE B 436 21.18 10.22 85.52
CA ILE B 436 22.58 10.45 85.24
C ILE B 436 22.75 11.32 84.00
N ALA B 437 21.85 11.16 83.03
CA ALA B 437 21.89 11.94 81.80
C ALA B 437 21.04 13.20 81.89
N GLY B 438 20.65 13.62 83.09
CA GLY B 438 19.82 14.79 83.27
C GLY B 438 18.36 14.60 82.97
N ASN B 439 17.94 13.42 82.53
CA ASN B 439 16.54 13.19 82.22
C ASN B 439 15.77 12.75 83.46
N PRO B 440 14.63 13.37 83.75
CA PRO B 440 13.84 12.94 84.92
C PRO B 440 13.11 11.64 84.64
N VAL B 441 13.25 10.69 85.55
CA VAL B 441 12.57 9.41 85.43
C VAL B 441 11.09 9.62 85.77
N THR B 442 10.24 9.63 84.75
CA THR B 442 8.83 9.90 84.95
C THR B 442 8.15 8.75 85.69
N PHE B 443 7.11 9.09 86.44
CA PHE B 443 6.35 8.12 87.23
C PHE B 443 4.90 8.14 86.78
N ASN B 444 4.28 6.96 86.75
CA ASN B 444 2.89 6.84 86.34
C ASN B 444 2.33 5.54 86.92
N GLU B 445 1.01 5.45 86.96
CA GLU B 445 0.34 4.26 87.46
C GLU B 445 0.44 3.08 86.52
N ASN B 446 0.84 3.30 85.26
CA ASN B 446 0.92 2.21 84.30
C ASN B 446 2.23 1.44 84.46
N GLY B 447 3.34 2.16 84.59
CA GLY B 447 4.63 1.52 84.76
C GLY B 447 5.54 1.66 83.55
N ASP B 448 5.40 2.76 82.82
CA ASP B 448 6.21 3.01 81.64
C ASP B 448 6.74 4.44 81.68
N ALA B 449 7.79 4.68 80.91
CA ALA B 449 8.40 6.01 80.82
C ALA B 449 8.28 6.53 79.40
N PRO B 450 7.48 7.55 79.15
CA PRO B 450 7.31 8.09 77.78
C PRO B 450 8.50 8.94 77.31
N GLY B 451 9.54 8.26 76.85
CA GLY B 451 10.74 8.90 76.37
C GLY B 451 10.80 8.97 74.85
N ARG B 452 11.79 9.72 74.36
CA ARG B 452 11.99 9.87 72.93
C ARG B 452 12.56 8.59 72.33
N TYR B 453 12.49 8.50 71.00
CA TYR B 453 13.01 7.35 70.25
C TYR B 453 13.88 7.88 69.12
N ASP B 454 15.16 8.13 69.43
CA ASP B 454 16.06 8.69 68.43
C ASP B 454 16.30 7.69 67.30
N ILE B 455 16.24 8.19 66.08
CA ILE B 455 16.44 7.40 64.88
C ILE B 455 17.89 7.52 64.45
N TYR B 456 18.63 6.42 64.48
CA TYR B 456 20.02 6.38 64.09
C TYR B 456 20.15 5.71 62.72
N GLN B 457 21.28 5.96 62.07
CA GLN B 457 21.58 5.32 60.80
C GLN B 457 23.06 5.00 60.71
N TYR B 458 23.36 3.81 60.19
CA TYR B 458 24.74 3.35 60.01
C TYR B 458 25.04 3.34 58.52
N GLN B 459 25.95 4.22 58.10
CA GLN B 459 26.36 4.30 56.70
C GLN B 459 27.87 4.41 56.63
N LEU B 460 28.43 4.01 55.49
CA LEU B 460 29.87 4.04 55.28
C LEU B 460 30.28 5.41 54.74
N ARG B 461 31.26 6.03 55.41
CA ARG B 461 31.76 7.34 55.02
C ARG B 461 33.22 7.28 54.56
N ASN B 462 33.80 6.08 54.47
CA ASN B 462 35.17 5.82 54.04
C ASN B 462 36.22 6.32 55.03
N ASP B 463 35.82 6.98 56.11
CA ASP B 463 36.73 7.44 57.14
C ASP B 463 36.46 6.79 58.49
N SER B 464 35.21 6.84 58.95
CA SER B 464 34.84 6.22 60.22
C SER B 464 33.35 5.94 60.18
N ALA B 465 32.97 4.67 60.13
CA ALA B 465 31.57 4.28 60.06
C ALA B 465 31.01 4.10 61.46
N GLU B 466 29.90 4.78 61.75
CA GLU B 466 29.27 4.71 63.06
C GLU B 466 27.82 5.13 62.92
N TYR B 467 27.05 4.88 63.98
CA TYR B 467 25.64 5.25 64.00
C TYR B 467 25.50 6.75 64.22
N LYS B 468 24.96 7.44 63.23
CA LYS B 468 24.72 8.87 63.30
C LYS B 468 23.25 9.13 63.62
N VAL B 469 23.01 10.06 64.55
CA VAL B 469 21.66 10.42 64.94
C VAL B 469 21.11 11.47 63.97
N ILE B 470 19.79 11.53 63.86
CA ILE B 470 19.11 12.43 62.94
C ILE B 470 18.41 13.56 63.69
N GLY B 471 17.46 13.24 64.56
CA GLY B 471 16.74 14.29 65.27
C GLY B 471 16.06 13.74 66.51
N SER B 472 15.54 14.68 67.31
CA SER B 472 14.87 14.35 68.54
C SER B 472 13.42 13.97 68.28
N TRP B 473 12.69 13.66 69.36
CA TRP B 473 11.30 13.21 69.26
C TRP B 473 10.45 13.91 70.32
N THR B 474 10.57 15.23 70.41
CA THR B 474 9.80 16.02 71.36
C THR B 474 8.36 16.10 70.88
N ASP B 475 7.61 15.03 71.15
CA ASP B 475 6.19 14.86 70.85
C ASP B 475 5.87 14.75 69.37
N HIS B 476 6.86 14.86 68.48
CA HIS B 476 6.63 14.71 67.05
C HIS B 476 7.96 14.41 66.38
N LEU B 477 7.95 14.39 65.05
CA LEU B 477 9.11 13.99 64.27
C LEU B 477 10.04 15.19 64.04
N HIS B 478 11.34 14.92 64.05
CA HIS B 478 12.35 15.95 63.82
C HIS B 478 13.44 15.44 62.87
N LEU B 479 13.01 14.80 61.78
CA LEU B 479 13.96 14.31 60.79
C LEU B 479 14.68 15.47 60.13
N ARG B 480 15.92 15.21 59.70
CA ARG B 480 16.75 16.20 59.03
C ARG B 480 17.09 15.70 57.64
N ILE B 481 16.76 16.52 56.63
CA ILE B 481 16.99 16.13 55.25
C ILE B 481 18.50 16.12 54.96
N GLU B 482 18.87 15.38 53.90
CA GLU B 482 20.23 15.26 53.41
C GLU B 482 21.16 14.55 54.38
N ARG B 483 20.61 13.86 55.39
CA ARG B 483 21.42 13.11 56.34
C ARG B 483 21.09 11.62 56.35
N MET B 484 20.22 11.16 55.45
CA MET B 484 19.85 9.75 55.39
C MET B 484 20.13 9.21 53.99
N HIS B 485 20.38 7.91 53.92
CA HIS B 485 20.59 7.19 52.66
C HIS B 485 21.74 7.81 51.86
N TRP B 486 22.91 7.86 52.50
CA TRP B 486 24.11 8.46 51.92
C TRP B 486 23.87 9.90 51.50
N LEU B 493 17.08 9.36 47.13
CA LEU B 493 16.37 8.70 48.22
C LEU B 493 15.59 7.49 47.71
N PRO B 494 16.08 6.29 48.02
CA PRO B 494 15.36 5.08 47.60
C PRO B 494 14.00 5.00 48.26
N ARG B 495 12.97 4.74 47.44
CA ARG B 495 11.59 4.66 47.89
C ARG B 495 11.02 3.30 47.52
N SER B 496 10.25 2.72 48.45
CA SER B 496 9.60 1.44 48.26
C SER B 496 8.12 1.68 48.04
N ILE B 497 7.65 1.46 46.80
CA ILE B 497 6.26 1.67 46.43
C ILE B 497 5.71 0.35 45.91
N CYS B 498 4.46 0.04 46.31
CA CYS B 498 3.85 -1.21 45.89
C CYS B 498 3.62 -1.24 44.38
N SER B 499 3.08 -0.16 43.83
CA SER B 499 2.86 -0.03 42.40
C SER B 499 3.34 1.34 41.95
N LEU B 500 4.24 1.37 40.98
CA LEU B 500 4.79 2.62 40.49
C LEU B 500 3.68 3.47 39.86
N PRO B 501 3.65 4.78 40.11
CA PRO B 501 2.64 5.63 39.47
C PRO B 501 2.90 5.77 37.98
N CYS B 502 2.60 4.70 37.23
CA CYS B 502 2.91 4.66 35.81
C CYS B 502 2.10 5.68 35.02
N GLN B 503 0.84 5.88 35.38
CA GLN B 503 -0.05 6.75 34.61
C GLN B 503 0.34 8.22 34.80
N PRO B 504 0.74 8.92 33.75
CA PRO B 504 1.01 10.37 33.86
C PRO B 504 -0.20 11.26 33.65
N GLY B 505 -1.41 10.70 33.62
CA GLY B 505 -2.61 11.47 33.34
C GLY B 505 -3.42 10.89 32.21
N GLU B 506 -2.89 9.84 31.57
CA GLU B 506 -3.55 9.18 30.45
C GLU B 506 -3.99 7.77 30.76
N ARG B 507 -3.17 6.99 31.45
CA ARG B 507 -3.52 5.62 31.80
C ARG B 507 -4.36 5.59 33.07
N LYS B 508 -4.89 4.42 33.39
CA LYS B 508 -5.76 4.24 34.55
C LYS B 508 -5.03 3.49 35.65
N LYS B 509 -5.38 3.80 36.90
CA LYS B 509 -4.83 3.15 38.08
C LYS B 509 -5.99 2.57 38.87
N THR B 510 -6.36 1.33 38.57
CA THR B 510 -7.53 0.72 39.20
C THR B 510 -7.16 0.08 40.53
N VAL B 511 -8.10 0.15 41.48
CA VAL B 511 -7.87 -0.45 42.79
C VAL B 511 -7.85 -1.97 42.64
N LYS B 512 -6.71 -2.57 43.00
CA LYS B 512 -6.58 -4.02 42.95
C LYS B 512 -7.18 -4.65 44.20
N GLY B 513 -6.96 -5.95 44.37
CA GLY B 513 -7.47 -6.64 45.55
C GLY B 513 -6.93 -6.07 46.84
N MET B 514 -5.63 -5.82 46.91
CA MET B 514 -5.05 -5.19 48.08
C MET B 514 -5.32 -3.69 48.04
N PRO B 515 -5.98 -3.12 49.05
CA PRO B 515 -6.40 -1.71 48.94
C PRO B 515 -5.28 -0.69 49.04
N CYS B 516 -4.06 -1.10 49.39
CA CYS B 516 -2.99 -0.13 49.63
C CYS B 516 -2.53 0.50 48.32
N CYS B 517 -2.09 -0.32 47.37
CA CYS B 517 -1.59 0.17 46.09
C CYS B 517 -2.50 -0.29 44.96
N TRP B 518 -2.48 0.46 43.87
CA TRP B 518 -3.35 0.23 42.73
C TRP B 518 -2.65 -0.67 41.70
N HIS B 519 -3.23 -0.75 40.51
CA HIS B 519 -2.72 -1.54 39.40
C HIS B 519 -2.90 -0.77 38.11
N CYS B 520 -1.84 -0.73 37.30
CA CYS B 520 -1.89 0.02 36.04
C CYS B 520 -2.74 -0.72 35.01
N GLU B 521 -3.56 0.04 34.29
CA GLU B 521 -4.30 -0.45 33.14
C GLU B 521 -4.63 0.73 32.22
N PRO B 522 -4.08 0.75 31.01
CA PRO B 522 -4.40 1.83 30.07
C PRO B 522 -5.75 1.59 29.41
N CYS B 523 -6.63 2.58 29.51
CA CYS B 523 -7.94 2.51 28.87
C CYS B 523 -7.80 2.92 27.40
N THR B 524 -8.92 3.15 26.74
CA THR B 524 -8.91 3.49 25.32
C THR B 524 -8.22 4.84 25.08
N GLY B 525 -7.85 5.08 23.83
CA GLY B 525 -7.13 6.29 23.47
C GLY B 525 -8.03 7.50 23.31
N TYR B 526 -9.22 7.30 22.73
CA TYR B 526 -10.14 8.41 22.51
C TYR B 526 -10.75 8.94 23.78
N GLN B 527 -10.57 8.25 24.91
CA GLN B 527 -11.10 8.69 26.20
C GLN B 527 -10.00 9.39 27.00
N TYR B 528 -10.36 10.51 27.62
CA TYR B 528 -9.43 11.29 28.43
C TYR B 528 -9.61 10.96 29.90
N GLN B 529 -8.50 10.94 30.64
CA GLN B 529 -8.51 10.57 32.05
C GLN B 529 -8.55 11.84 32.88
N VAL B 530 -9.75 12.24 33.30
CA VAL B 530 -9.89 13.40 34.17
C VAL B 530 -9.61 13.03 35.62
N ASP B 531 -9.98 11.83 36.05
CA ASP B 531 -9.74 11.35 37.40
C ASP B 531 -9.12 9.97 37.36
N ARG B 532 -8.70 9.49 38.53
CA ARG B 532 -8.04 8.19 38.63
C ARG B 532 -9.03 7.03 38.65
N TYR B 533 -10.32 7.30 38.80
CA TYR B 533 -11.29 6.21 38.83
C TYR B 533 -11.48 5.60 37.46
N THR B 534 -11.91 6.40 36.48
CA THR B 534 -12.07 5.93 35.10
C THR B 534 -11.89 7.12 34.17
N CYS B 535 -11.31 6.85 32.99
CA CYS B 535 -11.10 7.88 32.00
C CYS B 535 -12.43 8.26 31.35
N LYS B 536 -12.76 9.55 31.38
CA LYS B 536 -14.02 10.04 30.84
C LYS B 536 -13.94 10.15 29.32
N THR B 537 -15.07 10.52 28.71
CA THR B 537 -15.18 10.62 27.26
C THR B 537 -15.68 12.00 26.89
N CYS B 538 -14.88 12.74 26.12
CA CYS B 538 -15.29 14.04 25.62
C CYS B 538 -16.17 13.86 24.39
N PRO B 539 -17.00 14.86 24.07
CA PRO B 539 -17.92 14.74 22.93
C PRO B 539 -17.17 14.56 21.61
N TYR B 540 -17.94 14.28 20.57
CA TYR B 540 -17.37 14.01 19.25
C TYR B 540 -16.74 15.28 18.67
N ASP B 541 -15.90 15.08 17.67
CA ASP B 541 -15.17 16.16 17.00
C ASP B 541 -14.29 16.94 17.98
N MET B 542 -13.83 16.27 19.03
CA MET B 542 -12.96 16.86 20.04
C MET B 542 -11.77 15.93 20.28
N ARG B 543 -10.56 16.46 20.13
CA ARG B 543 -9.33 15.70 20.27
C ARG B 543 -8.71 15.94 21.65
N PRO B 544 -8.25 14.88 22.31
CA PRO B 544 -7.61 15.06 23.63
C PRO B 544 -6.19 15.59 23.50
N THR B 545 -5.70 16.11 24.62
CA THR B 545 -4.36 16.67 24.70
C THR B 545 -3.36 15.59 25.10
N GLU B 546 -2.14 16.00 25.45
CA GLU B 546 -1.10 15.02 25.74
C GLU B 546 -1.31 14.34 27.10
N ASN B 547 -1.70 15.11 28.11
CA ASN B 547 -1.96 14.56 29.43
C ASN B 547 -3.44 14.29 29.67
N ARG B 548 -4.29 14.47 28.63
CA ARG B 548 -5.72 14.19 28.71
C ARG B 548 -6.41 14.98 29.81
N THR B 549 -5.90 16.17 30.11
CA THR B 549 -6.55 17.02 31.09
C THR B 549 -7.71 17.80 30.48
N GLY B 550 -7.58 18.21 29.22
CA GLY B 550 -8.65 18.89 28.53
C GLY B 550 -8.79 18.45 27.07
N CYS B 551 -9.97 17.99 26.70
CA CYS B 551 -10.24 17.55 25.33
C CYS B 551 -10.70 18.76 24.53
N ARG B 552 -9.80 19.26 23.64
CA ARG B 552 -10.03 20.52 22.94
C ARG B 552 -10.61 20.27 21.55
N PRO B 553 -11.38 21.22 21.01
CA PRO B 553 -11.96 21.03 19.69
C PRO B 553 -10.89 20.97 18.60
N ILE B 554 -11.19 20.19 17.57
CA ILE B 554 -10.26 20.02 16.45
C ILE B 554 -10.35 21.25 15.55
N PRO B 555 -9.22 21.84 15.16
CA PRO B 555 -9.27 23.00 14.26
C PRO B 555 -9.86 22.63 12.91
N ILE B 556 -10.89 23.37 12.50
CA ILE B 556 -11.56 23.12 11.23
C ILE B 556 -10.81 23.84 10.11
N ILE B 557 -10.65 23.15 8.98
CA ILE B 557 -9.97 23.75 7.84
C ILE B 557 -10.86 24.82 7.22
N LYS B 558 -10.25 25.95 6.85
CA LYS B 558 -11.01 27.05 6.27
C LYS B 558 -11.45 26.74 4.84
N LEU B 559 -10.63 26.02 4.09
CA LEU B 559 -10.92 25.66 2.70
C LEU B 559 -11.20 26.90 1.84
N GLU B 560 -10.18 27.75 1.75
CA GLU B 560 -10.26 29.00 0.99
C GLU B 560 -9.72 28.86 -0.42
N TRP B 561 -8.64 28.09 -0.61
CA TRP B 561 -8.05 27.91 -1.93
C TRP B 561 -8.64 26.73 -2.69
N GLY B 562 -9.49 25.94 -2.06
CA GLY B 562 -10.09 24.79 -2.72
C GLY B 562 -9.32 23.51 -2.48
N SER B 563 -10.03 22.43 -2.18
CA SER B 563 -9.38 21.15 -1.94
C SER B 563 -8.89 20.56 -3.26
N PRO B 564 -7.84 19.73 -3.22
CA PRO B 564 -7.37 19.09 -4.45
C PRO B 564 -8.38 18.16 -5.08
N TRP B 565 -9.37 17.68 -4.31
CA TRP B 565 -10.39 16.81 -4.87
C TRP B 565 -11.42 17.59 -5.67
N ALA B 566 -11.73 18.82 -5.26
CA ALA B 566 -12.68 19.67 -5.96
C ALA B 566 -12.01 20.71 -6.84
N VAL B 567 -10.84 20.38 -7.40
CA VAL B 567 -10.13 21.34 -8.24
C VAL B 567 -10.68 21.32 -9.66
N LEU B 568 -11.13 20.16 -10.15
CA LEU B 568 -11.68 20.03 -11.49
C LEU B 568 -12.99 20.81 -11.66
N PRO B 569 -13.93 20.75 -10.71
CA PRO B 569 -15.13 21.59 -10.86
C PRO B 569 -14.83 23.07 -10.94
N LEU B 570 -13.89 23.57 -10.13
CA LEU B 570 -13.54 24.99 -10.18
C LEU B 570 -12.81 25.33 -11.48
N PHE B 571 -11.93 24.43 -11.93
CA PHE B 571 -11.21 24.67 -13.18
C PHE B 571 -12.14 24.63 -14.38
N LEU B 572 -13.26 23.92 -14.27
CA LEU B 572 -14.26 23.96 -15.34
C LEU B 572 -15.14 25.20 -15.22
N ALA B 573 -15.49 25.59 -13.99
CA ALA B 573 -16.34 26.75 -13.80
C ALA B 573 -15.66 28.04 -14.22
N VAL B 574 -14.35 28.16 -14.01
CA VAL B 574 -13.67 29.39 -14.41
C VAL B 574 -13.68 29.55 -15.92
N VAL B 575 -13.39 28.47 -16.66
CA VAL B 575 -13.42 28.57 -18.12
C VAL B 575 -14.85 28.72 -18.62
N GLY B 576 -15.83 28.17 -17.89
CA GLY B 576 -17.21 28.38 -18.28
C GLY B 576 -17.65 29.82 -18.15
N ILE B 577 -17.31 30.45 -17.02
CA ILE B 577 -17.68 31.85 -16.83
C ILE B 577 -16.87 32.75 -17.76
N ALA B 578 -15.64 32.35 -18.11
CA ALA B 578 -14.87 33.12 -19.09
C ALA B 578 -15.52 33.05 -20.46
N ALA B 579 -15.95 31.85 -20.88
CA ALA B 579 -16.66 31.72 -22.15
C ALA B 579 -17.96 32.50 -22.14
N THR B 580 -18.66 32.50 -21.01
CA THR B 580 -19.90 33.27 -20.91
C THR B 580 -19.64 34.76 -21.03
N LEU B 581 -18.57 35.24 -20.38
CA LEU B 581 -18.21 36.65 -20.48
C LEU B 581 -17.83 37.01 -21.91
N PHE B 582 -17.10 36.14 -22.60
CA PHE B 582 -16.76 36.38 -24.00
C PHE B 582 -18.02 36.43 -24.87
N VAL B 583 -18.96 35.51 -24.62
CA VAL B 583 -20.17 35.47 -25.42
C VAL B 583 -21.01 36.73 -25.22
N VAL B 584 -21.15 37.17 -23.97
CA VAL B 584 -21.94 38.38 -23.73
C VAL B 584 -21.21 39.60 -24.26
N ILE B 585 -19.87 39.58 -24.26
CA ILE B 585 -19.11 40.70 -24.82
C ILE B 585 -19.35 40.81 -26.31
N THR B 586 -19.32 39.67 -27.02
CA THR B 586 -19.65 39.70 -28.45
C THR B 586 -21.11 40.07 -28.69
N PHE B 587 -22.00 39.69 -27.77
CA PHE B 587 -23.41 40.06 -27.92
C PHE B 587 -23.59 41.57 -27.84
N VAL B 588 -23.03 42.20 -26.81
CA VAL B 588 -23.12 43.65 -26.68
C VAL B 588 -22.30 44.36 -27.76
N ARG B 589 -21.31 43.68 -28.34
CA ARG B 589 -20.48 44.31 -29.37
C ARG B 589 -21.30 44.65 -30.61
N TYR B 590 -22.13 43.71 -31.07
CA TYR B 590 -22.97 43.90 -32.24
C TYR B 590 -24.43 43.59 -31.92
N ASN B 591 -24.91 44.17 -30.83
CA ASN B 591 -26.28 43.94 -30.38
C ASN B 591 -27.29 44.41 -31.44
N ASP B 592 -28.51 43.89 -31.31
CA ASP B 592 -29.65 44.21 -32.17
C ASP B 592 -29.47 43.66 -33.59
N THR B 593 -28.31 43.05 -33.86
CA THR B 593 -28.09 42.40 -35.14
C THR B 593 -28.71 41.00 -35.19
N PRO B 594 -28.49 40.13 -34.19
CA PRO B 594 -29.10 38.79 -34.24
C PRO B 594 -30.49 38.68 -33.64
N ILE B 595 -31.15 39.80 -33.33
CA ILE B 595 -32.49 39.75 -32.74
C ILE B 595 -33.57 39.41 -33.75
N VAL B 596 -33.21 39.23 -35.03
CA VAL B 596 -34.21 38.88 -36.05
C VAL B 596 -34.60 37.42 -36.02
N LYS B 597 -33.95 36.61 -35.18
CA LYS B 597 -34.27 35.20 -35.09
C LYS B 597 -35.51 34.99 -34.23
N ALA B 598 -35.90 33.73 -34.05
CA ALA B 598 -37.07 33.40 -33.25
C ALA B 598 -36.81 33.54 -31.75
N SER B 599 -35.55 33.59 -31.34
CA SER B 599 -35.23 33.71 -29.91
C SER B 599 -35.59 35.09 -29.39
N GLY B 600 -34.99 36.13 -29.96
CA GLY B 600 -35.25 37.49 -29.55
C GLY B 600 -34.12 38.10 -28.74
N ARG B 601 -34.45 39.05 -27.88
CA ARG B 601 -33.46 39.73 -27.04
C ARG B 601 -33.60 39.41 -25.56
N GLU B 602 -34.83 39.35 -25.03
CA GLU B 602 -35.01 39.08 -23.62
C GLU B 602 -34.63 37.63 -23.27
N LEU B 603 -34.96 36.69 -24.15
CA LEU B 603 -34.64 35.29 -23.89
C LEU B 603 -33.13 35.09 -23.83
N SER B 604 -32.39 35.70 -24.76
CA SER B 604 -30.93 35.60 -24.72
C SER B 604 -30.37 36.23 -23.45
N TYR B 605 -30.93 37.36 -23.03
CA TYR B 605 -30.46 38.01 -21.81
C TYR B 605 -30.68 37.13 -20.58
N VAL B 606 -31.87 36.55 -20.45
CA VAL B 606 -32.15 35.73 -19.28
C VAL B 606 -31.35 34.42 -19.33
N LEU B 607 -31.09 33.89 -20.53
CA LEU B 607 -30.26 32.68 -20.62
C LEU B 607 -28.83 32.98 -20.24
N LEU B 608 -28.29 34.13 -20.67
CA LEU B 608 -26.95 34.52 -20.27
C LEU B 608 -26.87 34.75 -18.77
N ALA B 609 -27.89 35.37 -18.20
CA ALA B 609 -27.92 35.58 -16.75
C ALA B 609 -27.94 34.24 -16.00
N GLY B 610 -28.75 33.29 -16.48
CA GLY B 610 -28.80 31.99 -15.85
C GLY B 610 -27.48 31.25 -15.93
N ILE B 611 -26.82 31.31 -17.10
CA ILE B 611 -25.53 30.64 -17.24
C ILE B 611 -24.48 31.30 -16.36
N PHE B 612 -24.50 32.63 -16.28
CA PHE B 612 -23.56 33.32 -15.41
C PHE B 612 -23.79 32.97 -13.95
N LEU B 613 -25.05 32.86 -13.54
CA LEU B 613 -25.35 32.49 -12.15
C LEU B 613 -24.91 31.06 -11.85
N CYS B 614 -25.19 30.13 -12.77
CA CYS B 614 -24.79 28.74 -12.57
C CYS B 614 -23.28 28.55 -12.64
N TYR B 615 -22.56 29.46 -13.31
CA TYR B 615 -21.11 29.39 -13.33
C TYR B 615 -20.47 30.09 -12.13
N ALA B 616 -21.15 31.09 -11.56
CA ALA B 616 -20.61 31.82 -10.42
C ALA B 616 -20.97 31.17 -9.09
N THR B 617 -22.04 30.37 -9.03
CA THR B 617 -22.38 29.71 -7.78
C THR B 617 -21.31 28.70 -7.37
N THR B 618 -20.57 28.14 -8.32
CA THR B 618 -19.49 27.23 -8.00
C THR B 618 -18.40 27.94 -7.21
N PHE B 619 -17.96 29.10 -7.70
CA PHE B 619 -16.93 29.85 -7.00
C PHE B 619 -17.47 30.48 -5.71
N LEU B 620 -18.76 30.78 -5.68
CA LEU B 620 -19.35 31.38 -4.48
C LEU B 620 -19.56 30.35 -3.38
N MET B 621 -19.73 29.08 -3.73
CA MET B 621 -19.87 28.03 -2.73
C MET B 621 -18.59 27.86 -1.93
N ILE B 622 -17.44 27.87 -2.61
CA ILE B 622 -16.14 27.73 -1.95
C ILE B 622 -15.78 29.10 -1.39
N ALA B 623 -16.01 29.30 -0.10
CA ALA B 623 -15.75 30.57 0.57
C ALA B 623 -15.55 30.30 2.06
N GLU B 624 -15.60 31.37 2.85
CA GLU B 624 -15.43 31.23 4.29
C GLU B 624 -16.56 30.39 4.87
N PRO B 625 -16.28 29.52 5.84
CA PRO B 625 -17.33 28.67 6.43
C PRO B 625 -18.20 29.45 7.40
N ASP B 626 -19.41 29.76 6.97
CA ASP B 626 -20.41 30.42 7.83
C ASP B 626 -21.76 30.31 7.11
N LEU B 627 -22.81 30.65 7.85
CA LEU B 627 -24.17 30.53 7.31
C LEU B 627 -24.44 31.55 6.22
N GLY B 628 -23.81 32.73 6.28
CA GLY B 628 -24.11 33.78 5.32
C GLY B 628 -23.77 33.38 3.89
N THR B 629 -22.53 32.94 3.66
CA THR B 629 -22.11 32.59 2.31
C THR B 629 -22.83 31.37 1.78
N CYS B 630 -23.09 30.38 2.64
CA CYS B 630 -23.88 29.23 2.22
C CYS B 630 -25.29 29.63 1.82
N SER B 631 -25.94 30.49 2.61
CA SER B 631 -27.29 30.92 2.25
C SER B 631 -27.28 31.72 0.95
N LEU B 632 -26.24 32.55 0.76
CA LEU B 632 -26.11 33.28 -0.49
C LEU B 632 -25.94 32.33 -1.67
N ARG B 633 -25.09 31.32 -1.53
CA ARG B 633 -24.89 30.34 -2.59
C ARG B 633 -26.17 29.57 -2.87
N ARG B 634 -26.91 29.22 -1.83
CA ARG B 634 -28.16 28.48 -1.99
C ARG B 634 -29.18 29.30 -2.77
N ILE B 635 -29.41 30.54 -2.35
CA ILE B 635 -30.39 31.37 -3.05
C ILE B 635 -29.91 31.71 -4.45
N PHE B 636 -28.60 31.84 -4.66
CA PHE B 636 -28.08 32.14 -5.99
C PHE B 636 -28.31 30.96 -6.94
N LEU B 637 -27.97 29.75 -6.50
CA LEU B 637 -28.19 28.58 -7.35
C LEU B 637 -29.68 28.35 -7.59
N GLY B 638 -30.50 28.61 -6.57
CA GLY B 638 -31.94 28.49 -6.77
C GLY B 638 -32.47 29.44 -7.81
N LEU B 639 -32.09 30.72 -7.70
CA LEU B 639 -32.54 31.71 -8.69
C LEU B 639 -32.01 31.39 -10.07
N GLY B 640 -30.75 30.95 -10.17
CA GLY B 640 -30.20 30.62 -11.47
C GLY B 640 -30.92 29.46 -12.13
N MET B 641 -31.12 28.37 -11.37
CA MET B 641 -31.83 27.23 -11.92
C MET B 641 -33.27 27.60 -12.28
N SER B 642 -33.91 28.44 -11.47
CA SER B 642 -35.29 28.83 -11.74
C SER B 642 -35.39 29.64 -13.03
N ILE B 643 -34.53 30.63 -13.19
CA ILE B 643 -34.62 31.47 -14.39
C ILE B 643 -34.16 30.71 -15.62
N SER B 644 -33.23 29.76 -15.47
CA SER B 644 -32.84 28.93 -16.61
C SER B 644 -33.99 28.01 -17.02
N TYR B 645 -34.68 27.41 -16.05
CA TYR B 645 -35.86 26.61 -16.34
C TYR B 645 -36.94 27.44 -17.02
N ALA B 646 -37.16 28.67 -16.53
CA ALA B 646 -38.16 29.54 -17.15
C ALA B 646 -37.78 29.88 -18.59
N ALA B 647 -36.50 30.17 -18.83
CA ALA B 647 -36.05 30.49 -20.18
C ALA B 647 -36.21 29.31 -21.11
N LEU B 648 -35.80 28.12 -20.67
CA LEU B 648 -35.93 26.93 -21.52
C LEU B 648 -37.40 26.62 -21.80
N LEU B 649 -38.26 26.79 -20.79
CA LEU B 649 -39.68 26.52 -20.97
C LEU B 649 -40.32 27.50 -21.93
N THR B 650 -40.02 28.80 -21.79
CA THR B 650 -40.60 29.76 -22.73
C THR B 650 -40.05 29.56 -24.14
N LYS B 651 -38.79 29.14 -24.26
CA LYS B 651 -38.23 28.85 -25.58
C LYS B 651 -38.95 27.67 -26.23
N THR B 652 -39.12 26.57 -25.49
CA THR B 652 -39.78 25.41 -26.08
C THR B 652 -41.25 25.68 -26.36
N ASN B 653 -41.92 26.50 -25.52
CA ASN B 653 -43.31 26.86 -25.81
C ASN B 653 -43.41 27.74 -27.04
N ARG B 654 -42.47 28.68 -27.21
CA ARG B 654 -42.49 29.53 -28.39
C ARG B 654 -42.22 28.74 -29.66
N ILE B 655 -41.33 27.74 -29.58
CA ILE B 655 -41.00 27.00 -30.80
C ILE B 655 -42.07 25.94 -31.09
N TYR B 656 -42.79 25.47 -30.08
CA TYR B 656 -43.84 24.48 -30.30
C TYR B 656 -45.19 25.10 -30.63
N ARG B 657 -45.42 26.35 -30.22
CA ARG B 657 -46.72 26.98 -30.46
C ARG B 657 -46.91 27.31 -31.94
N ILE B 658 -45.85 27.72 -32.62
CA ILE B 658 -45.96 28.06 -34.03
C ILE B 658 -46.25 26.82 -34.85
N PHE B 659 -45.66 25.69 -34.49
CA PHE B 659 -45.91 24.45 -35.22
C PHE B 659 -47.31 23.92 -34.98
N GLU B 660 -47.90 24.21 -33.81
CA GLU B 660 -49.22 23.73 -33.46
C GLU B 660 -50.34 24.60 -34.03
N GLN B 661 -50.02 25.52 -34.95
CA GLN B 661 -51.03 26.37 -35.55
C GLN B 661 -51.60 25.73 -36.82
N ARG B 670 -51.42 31.49 -26.65
CA ARG B 670 -51.36 32.13 -27.96
C ARG B 670 -51.72 33.61 -27.86
N PHE B 671 -50.69 34.46 -27.81
CA PHE B 671 -50.87 35.90 -27.70
C PHE B 671 -50.25 36.58 -28.92
N ILE B 672 -50.71 37.81 -29.18
CA ILE B 672 -50.18 38.57 -30.31
C ILE B 672 -48.91 39.32 -29.96
N SER B 673 -48.63 39.54 -28.68
CA SER B 673 -47.46 40.26 -28.25
C SER B 673 -46.57 39.38 -27.37
N PRO B 674 -45.25 39.52 -27.45
CA PRO B 674 -44.35 38.70 -26.62
C PRO B 674 -44.29 39.12 -25.17
N ALA B 675 -45.11 40.10 -24.74
CA ALA B 675 -45.08 40.53 -23.35
C ALA B 675 -45.68 39.48 -22.42
N SER B 676 -46.62 38.67 -22.93
CA SER B 676 -47.24 37.65 -22.09
C SER B 676 -46.23 36.58 -21.67
N GLN B 677 -45.33 36.20 -22.58
CA GLN B 677 -44.31 35.22 -22.24
C GLN B 677 -43.36 35.78 -21.18
N LEU B 678 -42.95 37.04 -21.32
CA LEU B 678 -42.11 37.66 -20.30
C LEU B 678 -42.83 37.72 -18.96
N ALA B 679 -44.12 38.04 -18.98
CA ALA B 679 -44.88 38.12 -17.73
C ALA B 679 -44.99 36.77 -17.04
N ILE B 680 -45.29 35.72 -17.81
CA ILE B 680 -45.45 34.41 -17.20
C ILE B 680 -44.10 33.87 -16.73
N THR B 681 -43.01 34.18 -17.44
CA THR B 681 -41.69 33.77 -16.97
C THR B 681 -41.31 34.49 -15.69
N PHE B 682 -41.61 35.78 -15.60
CA PHE B 682 -41.34 36.51 -14.36
C PHE B 682 -42.18 35.97 -13.21
N SER B 683 -43.44 35.61 -13.48
CA SER B 683 -44.29 35.04 -12.45
C SER B 683 -43.76 33.69 -11.98
N LEU B 684 -43.32 32.85 -12.91
CA LEU B 684 -42.75 31.55 -12.53
C LEU B 684 -41.46 31.72 -11.74
N ILE B 685 -40.63 32.69 -12.13
CA ILE B 685 -39.40 32.94 -11.40
C ILE B 685 -39.70 33.41 -9.98
N SER B 686 -40.68 34.31 -9.84
CA SER B 686 -41.06 34.78 -8.50
C SER B 686 -41.63 33.64 -7.66
N LEU B 687 -42.43 32.77 -8.27
CA LEU B 687 -42.99 31.64 -7.54
C LEU B 687 -41.90 30.68 -7.07
N GLN B 688 -40.93 30.40 -7.94
CA GLN B 688 -39.82 29.53 -7.56
C GLN B 688 -38.96 30.16 -6.48
N LEU B 689 -38.77 31.49 -6.55
CA LEU B 689 -38.01 32.17 -5.52
C LEU B 689 -38.72 32.12 -4.18
N LEU B 690 -40.04 32.32 -4.18
CA LEU B 690 -40.80 32.22 -2.94
C LEU B 690 -40.77 30.80 -2.39
N GLY B 691 -40.84 29.80 -3.27
CA GLY B 691 -40.74 28.42 -2.81
C GLY B 691 -39.40 28.12 -2.18
N ILE B 692 -38.32 28.58 -2.81
CA ILE B 692 -36.98 28.39 -2.24
C ILE B 692 -36.87 29.13 -0.90
N CYS B 693 -37.46 30.31 -0.81
CA CYS B 693 -37.40 31.08 0.43
C CYS B 693 -38.11 30.36 1.57
N VAL B 694 -39.32 29.84 1.30
CA VAL B 694 -40.04 29.13 2.36
C VAL B 694 -39.37 27.80 2.67
N TRP B 695 -38.73 27.17 1.69
CA TRP B 695 -38.01 25.93 1.96
C TRP B 695 -36.77 26.18 2.80
N PHE B 696 -36.15 27.35 2.66
CA PHE B 696 -35.01 27.70 3.50
C PHE B 696 -35.44 28.17 4.89
N VAL B 697 -36.60 28.82 4.99
CA VAL B 697 -37.05 29.36 6.26
C VAL B 697 -37.86 28.37 7.10
N VAL B 698 -38.31 27.26 6.51
CA VAL B 698 -39.11 26.32 7.28
C VAL B 698 -38.25 25.59 8.30
N ASP B 699 -36.97 25.38 8.01
CA ASP B 699 -36.06 24.68 8.92
C ASP B 699 -34.65 25.16 8.64
N PRO B 700 -34.17 26.17 9.37
CA PRO B 700 -32.79 26.65 9.18
C PRO B 700 -31.80 25.81 9.97
N SER B 701 -30.91 25.13 9.25
CA SER B 701 -29.88 24.29 9.87
C SER B 701 -28.54 24.52 9.18
N HIS B 702 -28.22 25.78 8.94
CA HIS B 702 -26.98 26.10 8.25
C HIS B 702 -25.75 25.78 9.09
N SER B 703 -25.75 26.23 10.35
CA SER B 703 -24.61 26.00 11.23
C SER B 703 -24.58 24.53 11.65
N VAL B 704 -23.66 23.76 11.04
CA VAL B 704 -23.46 22.36 11.39
C VAL B 704 -21.98 22.18 11.75
N VAL B 705 -21.73 21.50 12.87
CA VAL B 705 -20.37 21.29 13.35
C VAL B 705 -19.89 19.91 12.90
N ASP B 706 -20.61 18.87 13.30
CA ASP B 706 -20.24 17.49 12.99
C ASP B 706 -21.38 16.81 12.23
N PHE B 707 -21.00 15.92 11.32
CA PHE B 707 -21.97 15.19 10.52
C PHE B 707 -21.74 13.69 10.61
N GLN B 708 -20.51 13.29 10.86
CA GLN B 708 -20.14 11.87 10.95
C GLN B 708 -20.34 11.34 12.37
N ASP B 709 -21.55 11.52 12.91
CA ASP B 709 -21.85 11.04 14.26
C ASP B 709 -22.17 9.56 14.28
N GLN B 710 -22.69 9.02 13.17
CA GLN B 710 -23.05 7.60 13.12
C GLN B 710 -21.81 6.72 13.00
N ARG B 711 -20.84 7.13 12.19
CA ARG B 711 -19.61 6.37 11.97
C ARG B 711 -18.43 7.19 12.47
N THR B 712 -17.72 6.65 13.45
CA THR B 712 -16.54 7.29 14.04
C THR B 712 -15.41 6.29 14.09
N LEU B 713 -14.24 6.71 13.61
CA LEU B 713 -13.07 5.82 13.61
C LEU B 713 -12.55 5.62 15.02
N ASP B 714 -11.66 4.63 15.18
CA ASP B 714 -11.09 4.36 16.49
C ASP B 714 -10.15 5.46 16.95
N PRO B 715 -9.19 5.93 16.16
CA PRO B 715 -8.36 7.06 16.62
C PRO B 715 -9.18 8.34 16.71
N ARG B 716 -8.99 9.06 17.82
CA ARG B 716 -9.75 10.28 18.04
C ARG B 716 -9.23 11.42 17.17
N PHE B 717 -7.92 11.42 16.87
CA PHE B 717 -7.34 12.46 16.03
C PHE B 717 -7.77 12.26 14.58
N ALA B 718 -8.43 13.27 14.01
CA ALA B 718 -8.90 13.21 12.63
C ALA B 718 -9.03 14.63 12.11
N ARG B 719 -9.42 14.74 10.84
CA ARG B 719 -9.58 16.04 10.21
C ARG B 719 -10.89 16.69 10.65
N GLY B 720 -11.05 17.96 10.30
CA GLY B 720 -12.23 18.72 10.63
C GLY B 720 -13.06 18.99 9.38
N VAL B 721 -14.34 18.64 9.46
CA VAL B 721 -15.28 18.83 8.37
C VAL B 721 -16.33 19.84 8.80
N LEU B 722 -16.82 20.61 7.83
CA LEU B 722 -17.85 21.58 8.09
C LEU B 722 -18.69 21.77 6.84
N LYS B 723 -19.97 21.45 6.94
CA LYS B 723 -20.92 21.70 5.87
C LYS B 723 -22.09 22.48 6.44
N CYS B 724 -22.85 23.10 5.55
CA CYS B 724 -24.04 23.86 5.91
C CYS B 724 -25.30 23.03 5.64
N ASP B 725 -26.43 23.71 5.52
CA ASP B 725 -27.74 23.06 5.51
C ASP B 725 -27.93 22.31 4.20
N ILE B 726 -27.66 21.00 4.22
CA ILE B 726 -27.93 20.11 3.09
C ILE B 726 -28.95 19.07 3.56
N SER B 727 -30.04 18.93 2.81
CA SER B 727 -31.10 18.01 3.16
C SER B 727 -31.36 17.05 2.01
N ASP B 728 -31.76 15.83 2.35
CA ASP B 728 -32.05 14.82 1.33
C ASP B 728 -33.31 15.15 0.55
N LEU B 729 -34.29 15.77 1.21
CA LEU B 729 -35.54 16.11 0.53
C LEU B 729 -35.31 17.14 -0.57
N SER B 730 -34.42 18.11 -0.33
CA SER B 730 -34.13 19.12 -1.34
C SER B 730 -33.49 18.49 -2.57
N LEU B 731 -32.49 17.63 -2.36
CA LEU B 731 -31.86 16.96 -3.49
C LEU B 731 -32.85 16.06 -4.22
N ILE B 732 -33.74 15.39 -3.47
CA ILE B 732 -34.70 14.50 -4.09
C ILE B 732 -35.68 15.27 -4.96
N CYS B 733 -36.21 16.39 -4.45
CA CYS B 733 -37.15 17.17 -5.23
C CYS B 733 -36.47 17.85 -6.42
N LEU B 734 -35.21 18.26 -6.26
CA LEU B 734 -34.48 18.81 -7.40
C LEU B 734 -34.26 17.77 -8.48
N LEU B 735 -33.92 16.54 -8.07
CA LEU B 735 -33.73 15.46 -9.05
C LEU B 735 -35.04 15.13 -9.75
N GLY B 736 -36.15 15.11 -9.00
CA GLY B 736 -37.44 14.86 -9.62
C GLY B 736 -37.83 15.96 -10.59
N TYR B 737 -37.57 17.21 -10.23
CA TYR B 737 -37.87 18.32 -11.13
C TYR B 737 -37.04 18.24 -12.40
N SER B 738 -35.75 17.93 -12.27
CA SER B 738 -34.90 17.79 -13.45
C SER B 738 -35.34 16.62 -14.31
N MET B 739 -35.77 15.51 -13.69
CA MET B 739 -36.23 14.36 -14.45
C MET B 739 -37.52 14.68 -15.20
N LEU B 740 -38.44 15.39 -14.56
CA LEU B 740 -39.67 15.80 -15.24
C LEU B 740 -39.38 16.76 -16.39
N LEU B 741 -38.44 17.68 -16.18
CA LEU B 741 -38.04 18.59 -17.24
C LEU B 741 -37.44 17.84 -18.42
N MET B 742 -36.58 16.87 -18.14
CA MET B 742 -36.00 16.07 -19.21
C MET B 742 -37.07 15.27 -19.94
N VAL B 743 -38.06 14.75 -19.20
CA VAL B 743 -39.12 13.95 -19.81
C VAL B 743 -39.93 14.82 -20.77
N THR B 744 -40.38 15.98 -20.30
CA THR B 744 -41.18 16.84 -21.18
C THR B 744 -40.35 17.40 -22.32
N CYS B 745 -39.03 17.58 -22.13
CA CYS B 745 -38.20 18.08 -23.21
C CYS B 745 -38.02 17.03 -24.29
N THR B 746 -37.78 15.77 -23.91
CA THR B 746 -37.72 14.70 -24.93
C THR B 746 -39.07 14.50 -25.59
N VAL B 747 -40.16 14.71 -24.85
CA VAL B 747 -41.49 14.61 -25.45
C VAL B 747 -41.68 15.68 -26.52
N TYR B 748 -41.31 16.92 -26.20
CA TYR B 748 -41.42 18.01 -27.17
C TYR B 748 -40.47 17.79 -28.35
N ALA B 749 -39.31 17.19 -28.11
CA ALA B 749 -38.37 16.93 -29.21
C ALA B 749 -38.90 15.85 -30.14
N ILE B 750 -39.50 14.79 -29.58
CA ILE B 750 -40.07 13.75 -30.40
C ILE B 750 -41.31 14.25 -31.12
N LYS B 751 -42.01 15.23 -30.55
CA LYS B 751 -43.18 15.78 -31.21
C LYS B 751 -42.81 16.67 -32.38
N THR B 752 -41.61 17.24 -32.37
CA THR B 752 -41.12 18.12 -33.43
C THR B 752 -39.89 17.52 -34.11
N ARG B 753 -39.94 16.23 -34.41
CA ARG B 753 -38.81 15.57 -35.08
C ARG B 753 -38.62 16.13 -36.48
N GLY B 754 -39.70 16.20 -37.26
CA GLY B 754 -39.66 16.73 -38.61
C GLY B 754 -40.18 18.15 -38.68
N VAL B 755 -40.49 18.57 -39.91
CA VAL B 755 -41.01 19.91 -40.20
C VAL B 755 -40.06 20.96 -39.61
N PRO B 756 -38.91 21.20 -40.23
CA PRO B 756 -37.99 22.20 -39.68
C PRO B 756 -38.59 23.59 -39.68
N GLU B 757 -38.25 24.35 -38.64
CA GLU B 757 -38.79 25.70 -38.44
C GLU B 757 -37.63 26.67 -38.29
N THR B 758 -37.56 27.63 -39.20
CA THR B 758 -36.45 28.59 -39.27
C THR B 758 -35.10 27.88 -39.35
N PHE B 759 -34.91 27.17 -40.46
CA PHE B 759 -33.65 26.49 -40.76
C PHE B 759 -33.31 25.45 -39.70
N ASN B 760 -34.30 24.63 -39.35
CA ASN B 760 -34.13 23.52 -38.41
C ASN B 760 -33.59 24.00 -37.06
N GLU B 761 -34.40 24.84 -36.40
CA GLU B 761 -34.02 25.36 -35.09
C GLU B 761 -34.30 24.35 -33.98
N ALA B 762 -35.27 23.47 -34.18
CA ALA B 762 -35.62 22.48 -33.16
C ALA B 762 -34.61 21.35 -33.05
N LYS B 763 -33.81 21.12 -34.10
CA LYS B 763 -32.86 20.01 -34.04
C LYS B 763 -31.76 20.22 -32.99
N PRO B 764 -31.08 21.37 -32.92
CA PRO B 764 -30.10 21.55 -31.85
C PRO B 764 -30.72 21.53 -30.47
N ILE B 765 -31.93 22.06 -30.31
CA ILE B 765 -32.61 22.03 -29.03
C ILE B 765 -32.88 20.59 -28.60
N GLY B 766 -33.40 19.78 -29.52
CA GLY B 766 -33.63 18.38 -29.20
C GLY B 766 -32.35 17.63 -28.90
N PHE B 767 -31.27 17.96 -29.63
CA PHE B 767 -29.99 17.31 -29.39
C PHE B 767 -29.46 17.62 -28.00
N THR B 768 -29.41 18.90 -27.64
CA THR B 768 -28.90 19.27 -26.32
C THR B 768 -29.81 18.77 -25.21
N MET B 769 -31.13 18.68 -25.46
CA MET B 769 -32.02 18.13 -24.46
C MET B 769 -31.80 16.62 -24.28
N TYR B 770 -31.50 15.92 -25.38
CA TYR B 770 -31.15 14.51 -25.26
C TYR B 770 -29.86 14.32 -24.48
N THR B 771 -28.87 15.18 -24.72
CA THR B 771 -27.63 15.11 -23.94
C THR B 771 -27.88 15.39 -22.47
N THR B 772 -28.71 16.39 -22.16
CA THR B 772 -29.03 16.69 -20.78
C THR B 772 -29.78 15.53 -20.12
N CYS B 773 -30.66 14.87 -20.88
CA CYS B 773 -31.38 13.72 -20.35
C CYS B 773 -30.43 12.56 -20.05
N ILE B 774 -29.46 12.32 -20.94
CA ILE B 774 -28.46 11.28 -20.68
C ILE B 774 -27.63 11.64 -19.45
N VAL B 775 -27.28 12.92 -19.31
CA VAL B 775 -26.50 13.36 -18.15
C VAL B 775 -27.26 13.10 -16.87
N TRP B 776 -28.54 13.50 -16.82
CA TRP B 776 -29.33 13.28 -15.61
C TRP B 776 -29.65 11.81 -15.38
N LEU B 777 -29.69 11.00 -16.43
CA LEU B 777 -29.86 9.56 -16.24
C LEU B 777 -28.59 8.95 -15.66
N ALA B 778 -27.42 9.51 -16.00
CA ALA B 778 -26.17 9.05 -15.41
C ALA B 778 -25.96 9.57 -13.99
N PHE B 779 -26.87 10.39 -13.47
CA PHE B 779 -26.73 10.94 -12.12
C PHE B 779 -27.37 10.05 -11.06
N ILE B 780 -28.22 9.11 -11.45
CA ILE B 780 -28.88 8.21 -10.50
C ILE B 780 -27.93 7.11 -10.02
N PRO B 781 -27.19 6.42 -10.91
CA PRO B 781 -26.28 5.37 -10.41
C PRO B 781 -25.16 5.90 -9.55
N ILE B 782 -24.64 7.10 -9.83
CA ILE B 782 -23.55 7.64 -9.01
C ILE B 782 -24.03 7.92 -7.58
N PHE B 783 -25.30 8.27 -7.40
CA PHE B 783 -25.84 8.52 -6.08
C PHE B 783 -26.37 7.26 -5.41
N PHE B 784 -26.75 6.24 -6.18
CA PHE B 784 -27.24 5.00 -5.60
C PHE B 784 -26.11 4.07 -5.20
N GLY B 785 -24.99 4.09 -5.95
CA GLY B 785 -23.89 3.20 -5.63
C GLY B 785 -23.06 3.64 -4.44
N THR B 786 -22.90 4.94 -4.25
CA THR B 786 -22.11 5.46 -3.14
C THR B 786 -22.85 5.24 -1.83
N SER B 787 -22.32 4.37 -0.98
CA SER B 787 -22.93 4.08 0.31
C SER B 787 -21.87 3.59 1.27
N GLN B 788 -22.04 3.94 2.54
CA GLN B 788 -21.13 3.53 3.62
C GLN B 788 -19.70 4.01 3.35
N SER B 789 -19.55 5.33 3.24
CA SER B 789 -18.26 5.95 3.00
C SER B 789 -18.17 7.24 3.82
N ALA B 790 -17.01 7.45 4.44
CA ALA B 790 -16.79 8.65 5.23
C ALA B 790 -16.61 9.89 4.37
N ASP B 791 -16.33 9.71 3.08
CA ASP B 791 -16.16 10.82 2.14
C ASP B 791 -17.42 11.03 1.29
N LYS B 792 -18.58 10.82 1.89
CA LYS B 792 -19.83 10.82 1.13
C LYS B 792 -20.24 12.23 0.72
N LEU B 793 -20.36 13.15 1.70
CA LEU B 793 -20.91 14.47 1.40
C LEU B 793 -19.97 15.28 0.51
N TYR B 794 -18.66 15.12 0.68
CA TYR B 794 -17.70 15.85 -0.15
C TYR B 794 -17.88 15.49 -1.62
N ILE B 795 -17.81 14.19 -1.94
CA ILE B 795 -17.95 13.78 -3.33
C ILE B 795 -19.37 14.06 -3.84
N GLN B 796 -20.36 14.04 -2.94
CA GLN B 796 -21.73 14.32 -3.35
C GLN B 796 -21.87 15.76 -3.82
N THR B 797 -21.43 16.72 -2.99
CA THR B 797 -21.50 18.12 -3.40
C THR B 797 -20.58 18.41 -4.58
N THR B 798 -19.45 17.70 -4.68
CA THR B 798 -18.55 17.89 -5.81
C THR B 798 -19.22 17.46 -7.12
N THR B 799 -19.84 16.27 -7.11
CA THR B 799 -20.49 15.80 -8.33
C THR B 799 -21.73 16.63 -8.65
N LEU B 800 -22.44 17.12 -7.64
CA LEU B 800 -23.57 18.01 -7.92
C LEU B 800 -23.11 19.31 -8.55
N THR B 801 -22.02 19.90 -8.03
CA THR B 801 -21.51 21.14 -8.59
C THR B 801 -21.00 20.95 -10.02
N VAL B 802 -20.24 19.87 -10.25
CA VAL B 802 -19.74 19.66 -11.62
C VAL B 802 -20.90 19.33 -12.56
N SER B 803 -21.95 18.68 -12.05
CA SER B 803 -23.09 18.35 -12.89
C SER B 803 -23.85 19.62 -13.31
N VAL B 804 -24.13 20.51 -12.36
CA VAL B 804 -24.83 21.74 -12.72
C VAL B 804 -23.95 22.62 -13.60
N SER B 805 -22.63 22.61 -13.36
CA SER B 805 -21.72 23.39 -14.19
C SER B 805 -21.72 22.88 -15.64
N LEU B 806 -21.62 21.57 -15.82
CA LEU B 806 -21.62 21.01 -17.17
C LEU B 806 -22.98 21.18 -17.84
N SER B 807 -24.07 21.11 -17.06
CA SER B 807 -25.38 21.36 -17.65
C SER B 807 -25.54 22.80 -18.10
N ALA B 808 -24.96 23.75 -17.37
CA ALA B 808 -24.97 25.13 -17.83
C ALA B 808 -24.03 25.36 -19.00
N SER B 809 -22.95 24.57 -19.08
CA SER B 809 -21.98 24.76 -20.15
C SER B 809 -22.48 24.19 -21.47
N VAL B 810 -23.08 22.99 -21.46
CA VAL B 810 -23.57 22.37 -22.69
C VAL B 810 -24.78 23.09 -23.26
N SER B 811 -25.45 23.93 -22.47
CA SER B 811 -26.54 24.74 -23.01
C SER B 811 -26.05 25.77 -24.01
N LEU B 812 -24.78 26.16 -23.93
CA LEU B 812 -24.18 27.09 -24.88
C LEU B 812 -23.18 26.42 -25.83
N GLY B 813 -22.48 25.38 -25.37
CA GLY B 813 -21.53 24.69 -26.22
C GLY B 813 -22.17 23.91 -27.35
N MET B 814 -23.46 23.57 -27.22
CA MET B 814 -24.18 22.82 -28.24
C MET B 814 -25.30 23.64 -28.88
N LEU B 815 -25.44 24.91 -28.52
CA LEU B 815 -26.49 25.76 -29.11
C LEU B 815 -25.89 27.03 -29.70
N TYR B 816 -24.80 27.52 -29.11
CA TYR B 816 -24.16 28.74 -29.58
C TYR B 816 -22.95 28.48 -30.46
N MET B 817 -22.53 27.22 -30.61
CA MET B 817 -21.45 26.91 -31.56
C MET B 817 -21.84 27.26 -32.99
N PRO B 818 -23.02 26.91 -33.50
CA PRO B 818 -23.41 27.42 -34.83
C PRO B 818 -23.59 28.93 -34.84
N LYS B 819 -23.97 29.53 -33.71
CA LYS B 819 -24.05 30.99 -33.65
C LYS B 819 -22.67 31.60 -33.85
N VAL B 820 -21.66 31.10 -33.13
CA VAL B 820 -20.30 31.58 -33.30
C VAL B 820 -19.82 31.33 -34.72
N TYR B 821 -20.22 30.20 -35.30
CA TYR B 821 -19.79 29.86 -36.65
C TYR B 821 -20.35 30.85 -37.67
N ILE B 822 -21.67 31.10 -37.63
CA ILE B 822 -22.27 32.04 -38.55
C ILE B 822 -21.83 33.47 -38.28
N ILE B 823 -21.36 33.75 -37.06
CA ILE B 823 -20.72 35.04 -36.80
C ILE B 823 -19.36 35.11 -37.50
N LEU B 824 -18.59 34.02 -37.43
CA LEU B 824 -17.26 33.99 -38.03
C LEU B 824 -17.30 33.97 -39.55
N PHE B 825 -18.41 33.54 -40.16
CA PHE B 825 -18.55 33.67 -41.61
C PHE B 825 -18.41 35.12 -42.04
N HIS B 826 -19.31 35.98 -41.58
CA HIS B 826 -19.30 37.38 -41.98
C HIS B 826 -19.85 38.28 -40.87
N SER C 6 33.97 5.20 -62.03
CA SER C 6 34.64 6.38 -62.58
C SER C 6 33.96 7.67 -62.12
N ALA C 7 34.52 8.81 -62.53
CA ALA C 7 33.92 10.09 -62.17
C ALA C 7 32.62 10.32 -62.91
N GLU C 8 32.59 9.99 -64.21
CA GLU C 8 31.35 10.15 -64.98
C GLU C 8 30.25 9.21 -64.47
N ASP C 9 30.60 7.96 -64.19
CA ASP C 9 29.61 7.01 -63.68
C ASP C 9 29.14 7.40 -62.29
N LYS C 10 29.98 8.07 -61.50
CA LYS C 10 29.56 8.51 -60.18
C LYS C 10 28.66 9.73 -60.26
N ALA C 11 28.99 10.69 -61.14
CA ALA C 11 28.13 11.85 -61.33
C ALA C 11 26.82 11.49 -62.01
N ALA C 12 26.79 10.38 -62.76
CA ALA C 12 25.54 9.94 -63.36
C ALA C 12 24.49 9.59 -62.32
N VAL C 13 24.92 9.08 -61.16
CA VAL C 13 23.97 8.77 -60.10
C VAL C 13 23.32 10.05 -59.57
N GLU C 14 24.11 11.09 -59.34
CA GLU C 14 23.55 12.35 -58.87
C GLU C 14 22.67 13.00 -59.93
N ARG C 15 23.07 12.89 -61.20
CA ARG C 15 22.24 13.42 -62.28
C ARG C 15 20.90 12.68 -62.35
N SER C 16 20.93 11.36 -62.18
CA SER C 16 19.69 10.59 -62.18
C SER C 16 18.81 10.96 -60.99
N LYS C 17 19.42 11.15 -59.82
CA LYS C 17 18.65 11.56 -58.64
C LYS C 17 17.99 12.92 -58.88
N MET C 18 18.74 13.87 -59.44
CA MET C 18 18.17 15.20 -59.69
C MET C 18 17.06 15.16 -60.72
N ILE C 19 17.26 14.41 -61.81
CA ILE C 19 16.23 14.36 -62.85
C ILE C 19 15.00 13.59 -62.36
N ASP C 20 15.18 12.60 -61.49
CA ASP C 20 14.04 11.90 -60.94
C ASP C 20 13.28 12.78 -59.96
N ARG C 21 13.99 13.60 -59.18
CA ARG C 21 13.33 14.56 -58.31
C ARG C 21 12.54 15.57 -59.13
N ASN C 22 13.11 16.04 -60.24
CA ASN C 22 12.40 16.98 -61.10
C ASN C 22 11.17 16.33 -61.73
N LEU C 23 11.29 15.07 -62.16
CA LEU C 23 10.15 14.37 -62.74
C LEU C 23 9.06 14.15 -61.69
N ARG C 24 9.45 13.83 -60.46
CA ARG C 24 8.46 13.65 -59.39
C ARG C 24 7.77 14.97 -59.06
N GLU C 25 8.52 16.08 -59.05
CA GLU C 25 7.91 17.38 -58.82
C GLU C 25 6.94 17.74 -59.93
N ASP C 26 7.30 17.45 -61.19
CA ASP C 26 6.40 17.72 -62.30
C ASP C 26 5.15 16.85 -62.21
N GLY C 27 5.31 15.58 -61.83
CA GLY C 27 4.15 14.72 -61.68
C GLY C 27 3.24 15.15 -60.55
N GLU C 28 3.82 15.64 -59.45
CA GLU C 28 3.01 16.13 -58.35
C GLU C 28 2.29 17.41 -58.73
N LYS C 29 2.93 18.27 -59.52
CA LYS C 29 2.28 19.48 -59.99
C LYS C 29 1.16 19.19 -60.98
N ALA C 30 1.34 18.15 -61.81
CA ALA C 30 0.31 17.78 -62.77
C ALA C 30 -0.79 16.91 -62.16
N ALA C 31 -0.55 16.32 -60.98
CA ALA C 31 -1.55 15.48 -60.34
C ALA C 31 -2.61 16.27 -59.61
N LYS C 32 -2.46 17.58 -59.47
CA LYS C 32 -3.46 18.43 -58.83
C LYS C 32 -4.26 19.23 -59.83
N GLU C 33 -4.09 18.98 -61.13
CA GLU C 33 -4.80 19.69 -62.18
C GLU C 33 -5.78 18.73 -62.83
N VAL C 34 -7.07 19.01 -62.67
CA VAL C 34 -8.11 18.18 -63.27
C VAL C 34 -8.11 18.37 -64.78
N LYS C 35 -8.17 17.26 -65.51
CA LYS C 35 -8.10 17.28 -66.96
C LYS C 35 -9.51 17.18 -67.54
N LEU C 36 -9.96 18.26 -68.18
CA LEU C 36 -11.27 18.32 -68.82
C LEU C 36 -11.09 18.06 -70.31
N LEU C 37 -11.97 17.24 -70.89
CA LEU C 37 -11.91 16.91 -72.30
C LEU C 37 -13.21 17.38 -72.96
N LEU C 38 -13.16 18.48 -73.69
CA LEU C 38 -14.34 19.03 -74.34
C LEU C 38 -14.51 18.44 -75.73
N LEU C 39 -15.76 18.13 -76.08
CA LEU C 39 -16.09 17.69 -77.43
C LEU C 39 -17.53 18.09 -77.73
N GLY C 40 -17.91 17.95 -78.98
CA GLY C 40 -19.26 18.26 -79.39
C GLY C 40 -19.47 17.96 -80.86
N ALA C 41 -20.56 18.49 -81.39
CA ALA C 41 -20.90 18.31 -82.79
C ALA C 41 -20.19 19.38 -83.62
N GLY C 42 -20.56 19.48 -84.90
CA GLY C 42 -19.96 20.47 -85.77
C GLY C 42 -20.41 21.88 -85.47
N GLU C 43 -19.48 22.72 -85.02
CA GLU C 43 -19.75 24.11 -84.67
C GLU C 43 -20.86 24.21 -83.62
N SER C 44 -20.80 23.32 -82.62
CA SER C 44 -21.79 23.30 -81.54
C SER C 44 -21.35 24.15 -80.36
N GLY C 45 -21.07 25.43 -80.63
CA GLY C 45 -20.61 26.33 -79.59
C GLY C 45 -19.23 25.98 -79.07
N LYS C 46 -18.30 25.73 -79.98
CA LYS C 46 -16.94 25.36 -79.57
C LYS C 46 -16.12 26.55 -79.13
N ASN C 47 -16.43 27.75 -79.63
CA ASN C 47 -15.67 28.94 -79.31
C ASN C 47 -16.36 29.85 -78.30
N THR C 48 -17.69 29.77 -78.18
CA THR C 48 -18.40 30.63 -77.25
C THR C 48 -18.28 30.17 -75.80
N ILE C 49 -17.86 28.93 -75.57
CA ILE C 49 -17.72 28.43 -74.20
C ILE C 49 -16.35 28.77 -73.63
N VAL C 50 -15.31 28.78 -74.45
CA VAL C 50 -13.98 29.11 -73.95
C VAL C 50 -13.78 30.61 -73.83
N LYS C 51 -14.62 31.42 -74.46
CA LYS C 51 -14.54 32.88 -74.38
C LYS C 51 -15.30 33.44 -73.18
N GLN C 52 -15.67 32.60 -72.22
CA GLN C 52 -16.40 33.03 -71.03
C GLN C 52 -15.50 33.25 -69.83
N MET C 53 -14.71 32.24 -69.47
CA MET C 53 -13.79 32.33 -68.33
C MET C 53 -12.45 32.94 -68.71
N LYS C 54 -12.25 33.33 -69.97
CA LYS C 54 -10.98 33.92 -70.37
C LYS C 54 -10.81 35.33 -69.80
N ILE C 55 -11.91 36.04 -69.58
CA ILE C 55 -11.82 37.39 -69.02
C ILE C 55 -11.80 37.38 -67.50
N ILE C 56 -12.37 36.36 -66.87
CA ILE C 56 -12.38 36.26 -65.41
C ILE C 56 -11.72 34.97 -64.96
N GLY C 183 -5.32 18.50 -84.31
CA GLY C 183 -5.42 19.90 -83.94
C GLY C 183 -6.28 20.14 -82.71
N ILE C 184 -5.69 19.96 -81.53
CA ILE C 184 -6.40 20.15 -80.28
C ILE C 184 -6.06 21.53 -79.73
N VAL C 185 -6.90 22.02 -78.84
CA VAL C 185 -6.74 23.33 -78.22
C VAL C 185 -6.44 23.14 -76.73
N GLU C 186 -5.48 23.91 -76.24
CA GLU C 186 -5.03 23.84 -74.85
C GLU C 186 -5.40 25.15 -74.16
N THR C 187 -6.21 25.05 -73.09
CA THR C 187 -6.61 26.24 -72.36
C THR C 187 -6.41 26.05 -70.86
N HIS C 188 -6.25 27.17 -70.16
CA HIS C 188 -6.01 27.18 -68.73
C HIS C 188 -6.77 28.33 -68.09
N PHE C 189 -7.34 28.07 -66.91
CA PHE C 189 -8.01 29.10 -66.13
C PHE C 189 -8.12 28.61 -64.70
N THR C 190 -7.75 29.47 -63.74
CA THR C 190 -7.73 29.12 -62.33
C THR C 190 -8.93 29.76 -61.62
N ASP C 191 -9.63 28.96 -60.82
CA ASP C 191 -10.77 29.44 -60.04
C ASP C 191 -10.62 28.97 -58.61
N LYS C 192 -10.86 29.88 -57.66
CA LYS C 192 -10.75 29.65 -56.22
C LYS C 192 -9.55 28.76 -55.88
N ASP C 193 -8.37 29.17 -56.36
CA ASP C 193 -7.11 28.50 -56.08
C ASP C 193 -7.13 27.04 -56.54
N LEU C 194 -7.55 26.84 -57.80
CA LEU C 194 -7.58 25.51 -58.40
C LEU C 194 -7.21 25.67 -59.88
N TYR C 195 -5.94 25.49 -60.19
CA TYR C 195 -5.45 25.59 -61.55
C TYR C 195 -5.50 24.22 -62.23
N PHE C 196 -5.88 24.22 -63.51
CA PHE C 196 -5.97 22.99 -64.27
C PHE C 196 -5.98 23.30 -65.76
N LYS C 197 -5.70 22.29 -66.56
CA LYS C 197 -5.67 22.40 -68.00
C LYS C 197 -6.92 21.78 -68.60
N MET C 198 -7.28 22.22 -69.80
CA MET C 198 -8.47 21.73 -70.48
C MET C 198 -8.16 21.56 -71.96
N PHE C 199 -8.59 20.44 -72.52
CA PHE C 199 -8.26 20.04 -73.89
C PHE C 199 -9.52 20.04 -74.73
N ASP C 200 -9.55 20.87 -75.77
CA ASP C 200 -10.61 20.87 -76.75
C ASP C 200 -10.19 20.02 -77.94
N VAL C 201 -11.11 19.18 -78.42
CA VAL C 201 -10.78 18.28 -79.52
C VAL C 201 -10.59 19.06 -80.81
N GLY C 202 -11.23 20.22 -80.95
CA GLY C 202 -11.08 21.03 -82.14
C GLY C 202 -11.67 20.35 -83.37
N ALA C 203 -11.03 20.61 -84.51
CA ALA C 203 -11.44 20.04 -85.79
C ALA C 203 -10.59 18.80 -86.08
N GLN C 204 -11.22 17.63 -86.05
CA GLN C 204 -10.52 16.37 -86.29
C GLN C 204 -11.49 15.40 -86.96
N ARG C 205 -11.16 14.99 -88.18
CA ARG C 205 -11.98 14.05 -88.94
C ARG C 205 -11.23 12.72 -88.97
N SER C 206 -11.45 11.89 -87.95
CA SER C 206 -10.82 10.59 -87.85
C SER C 206 -11.79 9.63 -87.17
N GLU C 207 -11.39 8.36 -87.10
CA GLU C 207 -12.21 7.35 -86.47
C GLU C 207 -12.07 7.43 -84.94
N ARG C 208 -12.89 6.65 -84.25
CA ARG C 208 -12.89 6.61 -82.80
C ARG C 208 -12.12 5.41 -82.24
N LYS C 209 -11.68 4.49 -83.09
CA LYS C 209 -10.96 3.31 -82.60
C LYS C 209 -9.54 3.67 -82.19
N LYS C 210 -8.91 4.59 -82.91
CA LYS C 210 -7.53 4.98 -82.62
C LYS C 210 -7.41 6.35 -81.98
N TRP C 211 -8.51 7.08 -81.83
CA TRP C 211 -8.47 8.41 -81.23
C TRP C 211 -8.67 8.39 -79.72
N ILE C 212 -9.43 7.42 -79.20
CA ILE C 212 -9.66 7.34 -77.75
C ILE C 212 -8.52 6.69 -77.00
N HIS C 213 -7.61 6.00 -77.70
CA HIS C 213 -6.49 5.36 -77.04
C HIS C 213 -5.56 6.41 -76.40
N CYS C 214 -5.42 7.56 -77.05
CA CYS C 214 -4.64 8.65 -76.45
C CYS C 214 -5.35 9.27 -75.27
N PHE C 215 -6.68 9.23 -75.26
CA PHE C 215 -7.49 9.85 -74.21
C PHE C 215 -8.01 8.83 -73.22
N GLU C 216 -7.20 7.82 -72.91
CA GLU C 216 -7.56 6.80 -71.93
C GLU C 216 -7.18 7.29 -70.53
N GLY C 217 -8.17 7.41 -69.67
CA GLY C 217 -7.96 7.87 -68.30
C GLY C 217 -8.37 9.30 -68.03
N VAL C 218 -9.13 9.94 -68.92
CA VAL C 218 -9.61 11.28 -68.65
C VAL C 218 -10.70 11.23 -67.59
N THR C 219 -10.64 12.13 -66.62
CA THR C 219 -11.57 12.09 -65.50
C THR C 219 -12.94 12.65 -65.87
N ALA C 220 -12.98 13.68 -66.73
CA ALA C 220 -14.24 14.34 -67.07
C ALA C 220 -14.27 14.68 -68.54
N ILE C 221 -15.33 14.22 -69.22
CA ILE C 221 -15.54 14.48 -70.63
C ILE C 221 -16.78 15.36 -70.77
N ILE C 222 -16.59 16.60 -71.19
CA ILE C 222 -17.67 17.57 -71.32
C ILE C 222 -18.17 17.54 -72.77
N PHE C 223 -19.41 17.11 -72.95
CA PHE C 223 -20.05 17.09 -74.25
C PHE C 223 -20.95 18.32 -74.38
N CYS C 224 -20.75 19.08 -75.45
CA CYS C 224 -21.56 20.27 -75.73
C CYS C 224 -22.52 19.92 -76.86
N VAL C 225 -23.71 19.44 -76.49
CA VAL C 225 -24.70 19.06 -77.49
C VAL C 225 -25.25 20.31 -78.17
N ALA C 226 -25.60 20.16 -79.45
CA ALA C 226 -26.12 21.26 -80.25
C ALA C 226 -27.64 21.27 -80.21
N LEU C 227 -28.23 22.46 -80.15
CA LEU C 227 -29.67 22.64 -80.17
C LEU C 227 -30.17 23.22 -81.49
N SER C 228 -29.33 23.20 -82.53
CA SER C 228 -29.70 23.72 -83.84
C SER C 228 -29.47 22.67 -84.92
N ASP C 229 -29.49 21.39 -84.55
CA ASP C 229 -29.25 20.31 -85.49
C ASP C 229 -30.50 19.49 -85.82
N TYR C 230 -31.56 19.61 -85.02
CA TYR C 230 -32.79 18.87 -85.28
C TYR C 230 -33.69 19.55 -86.31
N ASP C 231 -33.41 20.81 -86.66
CA ASP C 231 -34.21 21.54 -87.63
C ASP C 231 -33.62 21.52 -89.03
N LEU C 232 -32.31 21.37 -89.16
CA LEU C 232 -31.67 21.36 -90.47
C LEU C 232 -32.02 20.09 -91.23
N VAL C 233 -31.99 20.19 -92.56
CA VAL C 233 -32.37 19.08 -93.44
C VAL C 233 -31.26 18.04 -93.45
N LEU C 234 -31.56 16.86 -93.99
CA LEU C 234 -30.59 15.78 -94.04
C LEU C 234 -29.41 16.17 -94.92
N ALA C 235 -28.21 15.80 -94.48
CA ALA C 235 -26.99 16.12 -95.23
C ALA C 235 -26.86 15.22 -96.46
N GLU C 236 -26.03 15.68 -97.40
CA GLU C 236 -25.82 14.91 -98.63
C GLU C 236 -24.95 13.69 -98.38
N ASP C 237 -23.99 13.78 -97.46
CA ASP C 237 -23.10 12.66 -97.17
C ASP C 237 -23.61 11.79 -96.04
N GLU C 238 -24.18 12.39 -95.00
CA GLU C 238 -24.71 11.63 -93.87
C GLU C 238 -26.05 11.02 -94.24
N GLU C 239 -26.29 9.81 -93.72
CA GLU C 239 -27.55 9.13 -93.99
C GLU C 239 -28.72 9.82 -93.30
N MET C 240 -28.46 10.49 -92.18
CA MET C 240 -29.52 11.20 -91.46
C MET C 240 -29.08 12.64 -91.18
N ASN C 241 -29.85 13.37 -90.38
CA ASN C 241 -29.55 14.75 -90.07
C ASN C 241 -28.40 14.83 -89.07
N ARG C 242 -28.08 16.05 -88.63
CA ARG C 242 -26.96 16.25 -87.72
C ARG C 242 -27.30 15.80 -86.30
N MET C 243 -28.59 15.80 -85.94
CA MET C 243 -28.98 15.37 -84.60
C MET C 243 -28.79 13.87 -84.42
N HIS C 244 -29.05 13.09 -85.48
CA HIS C 244 -28.80 11.65 -85.40
C HIS C 244 -27.31 11.37 -85.30
N ALA C 245 -26.48 12.12 -86.03
CA ALA C 245 -25.04 11.97 -85.88
C ALA C 245 -24.59 12.37 -84.48
N SER C 246 -25.23 13.39 -83.89
CA SER C 246 -24.88 13.80 -82.53
C SER C 246 -25.21 12.71 -81.53
N MET C 247 -26.41 12.13 -81.62
CA MET C 247 -26.76 11.06 -80.68
C MET C 247 -25.92 9.81 -80.92
N LYS C 248 -25.52 9.54 -82.16
CA LYS C 248 -24.65 8.41 -82.43
C LYS C 248 -23.26 8.63 -81.82
N LEU C 249 -22.73 9.84 -81.94
CA LEU C 249 -21.45 10.15 -81.32
C LEU C 249 -21.55 10.06 -79.79
N PHE C 250 -22.67 10.52 -79.24
CA PHE C 250 -22.87 10.40 -77.79
C PHE C 250 -22.94 8.94 -77.35
N ASP C 251 -23.62 8.11 -78.13
CA ASP C 251 -23.70 6.69 -77.80
C ASP C 251 -22.33 6.03 -77.89
N SER C 252 -21.55 6.37 -78.91
CA SER C 252 -20.23 5.77 -79.05
C SER C 252 -19.27 6.26 -77.97
N ILE C 253 -19.42 7.50 -77.50
CA ILE C 253 -18.54 8.01 -76.46
C ILE C 253 -19.01 7.60 -75.07
N CYS C 254 -20.25 7.16 -74.92
CA CYS C 254 -20.78 6.72 -73.63
C CYS C 254 -20.72 5.20 -73.47
N ASN C 255 -21.28 4.46 -74.42
CA ASN C 255 -21.27 2.99 -74.37
C ASN C 255 -19.94 2.48 -74.93
N ASN C 256 -18.87 2.79 -74.19
CA ASN C 256 -17.52 2.39 -74.55
C ASN C 256 -16.97 1.43 -73.51
N LYS C 257 -16.26 0.40 -73.98
CA LYS C 257 -15.69 -0.61 -73.08
C LYS C 257 -14.33 -0.22 -72.54
N TRP C 258 -13.68 0.79 -73.14
CA TRP C 258 -12.36 1.19 -72.67
C TRP C 258 -12.43 1.95 -71.36
N PHE C 259 -13.16 3.06 -71.35
CA PHE C 259 -13.33 3.89 -70.15
C PHE C 259 -14.77 3.75 -69.66
N THR C 260 -14.92 3.27 -68.43
CA THR C 260 -16.23 3.11 -67.82
C THR C 260 -16.30 3.82 -66.47
N GLU C 261 -15.16 3.85 -65.76
CA GLU C 261 -15.12 4.50 -64.45
C GLU C 261 -15.12 6.01 -64.56
N THR C 262 -14.84 6.56 -65.75
CA THR C 262 -14.84 8.00 -65.94
C THR C 262 -16.26 8.55 -65.98
N SER C 263 -16.39 9.85 -66.23
CA SER C 263 -17.69 10.49 -66.22
C SER C 263 -17.81 11.48 -67.38
N ILE C 264 -19.02 11.59 -67.90
CA ILE C 264 -19.36 12.49 -68.98
C ILE C 264 -20.37 13.51 -68.48
N ILE C 265 -20.01 14.78 -68.54
CA ILE C 265 -20.91 15.87 -68.21
C ILE C 265 -21.46 16.43 -69.52
N LEU C 266 -22.64 17.05 -69.42
CA LEU C 266 -23.30 17.63 -70.58
C LEU C 266 -23.53 19.11 -70.34
N PHE C 267 -23.14 19.94 -71.32
CA PHE C 267 -23.34 21.38 -71.24
C PHE C 267 -24.38 21.80 -72.27
N LEU C 268 -25.38 22.55 -71.82
CA LEU C 268 -26.46 23.03 -72.69
C LEU C 268 -26.18 24.49 -73.02
N ASN C 269 -25.80 24.74 -74.27
CA ASN C 269 -25.50 26.08 -74.75
C ASN C 269 -26.52 26.50 -75.80
N LYS C 270 -26.58 27.81 -76.06
CA LYS C 270 -27.50 28.40 -77.02
C LYS C 270 -28.95 28.05 -76.68
N LYS C 271 -29.36 28.47 -75.48
CA LYS C 271 -30.70 28.18 -75.00
C LYS C 271 -31.73 29.20 -75.48
N ASP C 272 -31.33 30.46 -75.64
CA ASP C 272 -32.27 31.50 -76.06
C ASP C 272 -32.78 31.23 -77.47
N LEU C 273 -31.86 31.01 -78.42
CA LEU C 273 -32.28 30.71 -79.78
C LEU C 273 -33.02 29.39 -79.87
N PHE C 274 -32.68 28.43 -79.01
CA PHE C 274 -33.41 27.17 -78.99
C PHE C 274 -34.86 27.38 -78.56
N GLU C 275 -35.07 28.15 -77.49
CA GLU C 275 -36.42 28.47 -77.05
C GLU C 275 -37.17 29.24 -78.12
N GLU C 276 -36.49 30.17 -78.81
CA GLU C 276 -37.13 30.93 -79.87
C GLU C 276 -37.60 30.02 -80.99
N LYS C 277 -36.71 29.16 -81.49
CA LYS C 277 -37.06 28.28 -82.60
C LYS C 277 -38.05 27.20 -82.19
N ILE C 278 -38.12 26.85 -80.90
CA ILE C 278 -39.11 25.88 -80.45
C ILE C 278 -40.45 26.52 -80.17
N LYS C 279 -40.50 27.83 -79.93
CA LYS C 279 -41.78 28.53 -79.84
C LYS C 279 -42.30 28.91 -81.23
N ARG C 280 -41.41 29.10 -82.20
CA ARG C 280 -41.85 29.35 -83.56
C ARG C 280 -42.26 28.06 -84.26
N SER C 281 -41.39 27.03 -84.19
CA SER C 281 -41.67 25.74 -84.81
C SER C 281 -41.81 24.67 -83.75
N PRO C 282 -42.74 23.73 -83.91
CA PRO C 282 -42.92 22.67 -82.92
C PRO C 282 -41.73 21.72 -82.87
N LEU C 283 -41.70 20.91 -81.81
CA LEU C 283 -40.63 19.93 -81.61
C LEU C 283 -41.10 18.50 -81.78
N THR C 284 -42.39 18.23 -81.62
CA THR C 284 -42.91 16.86 -81.77
C THR C 284 -43.10 16.45 -83.22
N ILE C 285 -42.91 17.37 -84.17
CA ILE C 285 -43.07 17.02 -85.58
C ILE C 285 -41.96 16.09 -86.04
N CYS C 286 -40.77 16.19 -85.43
CA CYS C 286 -39.65 15.33 -85.77
C CYS C 286 -39.47 14.17 -84.81
N TYR C 287 -40.10 14.21 -83.63
CA TYR C 287 -40.00 13.16 -82.62
C TYR C 287 -41.39 12.59 -82.38
N PRO C 288 -41.84 11.63 -83.19
CA PRO C 288 -43.14 11.00 -82.98
C PRO C 288 -43.18 9.98 -81.84
N GLU C 289 -42.12 9.87 -81.04
CA GLU C 289 -42.09 8.87 -79.98
C GLU C 289 -42.94 9.28 -78.79
N TYR C 290 -43.06 10.57 -78.52
CA TYR C 290 -43.84 11.07 -77.40
C TYR C 290 -44.84 12.11 -77.88
N THR C 291 -45.78 12.45 -77.01
CA THR C 291 -46.83 13.43 -77.30
C THR C 291 -46.83 14.53 -76.27
N GLY C 292 -45.65 15.02 -75.90
CA GLY C 292 -45.54 16.07 -74.91
C GLY C 292 -45.90 17.44 -75.45
N SER C 293 -46.04 18.39 -74.53
CA SER C 293 -46.38 19.75 -74.89
C SER C 293 -45.15 20.47 -75.44
N ASN C 294 -45.37 21.70 -75.92
CA ASN C 294 -44.32 22.52 -76.52
C ASN C 294 -44.14 23.76 -75.65
N THR C 295 -43.31 23.63 -74.59
CA THR C 295 -42.98 24.74 -73.72
C THR C 295 -41.47 24.86 -73.58
N TYR C 296 -41.02 25.75 -72.69
CA TYR C 296 -39.60 25.94 -72.46
C TYR C 296 -39.05 25.05 -71.36
N GLU C 297 -39.83 24.83 -70.30
CA GLU C 297 -39.36 24.00 -69.19
C GLU C 297 -39.47 22.52 -69.51
N GLU C 298 -40.58 22.10 -70.12
CA GLU C 298 -40.75 20.69 -70.45
C GLU C 298 -39.72 20.23 -71.47
N ALA C 299 -39.42 21.07 -72.46
CA ALA C 299 -38.42 20.71 -73.46
C ALA C 299 -37.02 20.66 -72.84
N ALA C 300 -36.72 21.59 -71.93
CA ALA C 300 -35.43 21.59 -71.27
C ALA C 300 -35.30 20.51 -70.20
N ALA C 301 -36.41 19.87 -69.82
CA ALA C 301 -36.38 18.81 -68.82
C ALA C 301 -36.48 17.42 -69.43
N TYR C 302 -37.07 17.28 -70.62
CA TYR C 302 -37.21 15.98 -71.24
C TYR C 302 -35.93 15.49 -71.91
N ILE C 303 -35.04 16.41 -72.29
CA ILE C 303 -33.82 16.03 -73.00
C ILE C 303 -32.81 15.34 -72.10
N GLN C 304 -33.04 15.29 -70.79
CA GLN C 304 -32.12 14.64 -69.87
C GLN C 304 -32.41 13.16 -69.69
N CYS C 305 -33.68 12.81 -69.50
CA CYS C 305 -34.05 11.40 -69.29
C CYS C 305 -33.88 10.56 -70.55
N GLN C 306 -33.81 11.20 -71.72
CA GLN C 306 -33.64 10.47 -72.98
C GLN C 306 -32.19 10.05 -73.24
N PHE C 307 -31.28 10.33 -72.31
CA PHE C 307 -29.87 10.00 -72.50
C PHE C 307 -29.42 8.80 -71.67
N GLU C 308 -30.14 8.45 -70.62
CA GLU C 308 -29.78 7.30 -69.79
C GLU C 308 -30.37 5.99 -70.30
N ASP C 309 -31.29 6.05 -71.27
CA ASP C 309 -31.88 4.82 -71.80
C ASP C 309 -30.91 4.07 -72.69
N LEU C 310 -29.94 4.77 -73.29
CA LEU C 310 -28.97 4.14 -74.16
C LEU C 310 -27.79 3.56 -73.41
N ASN C 311 -27.62 3.87 -72.14
CA ASN C 311 -26.52 3.36 -71.35
C ASN C 311 -26.89 2.00 -70.75
N ARG C 312 -25.95 1.06 -70.82
CA ARG C 312 -26.14 -0.29 -70.29
C ARG C 312 -25.59 -0.44 -68.87
N ARG C 313 -24.41 0.10 -68.60
CA ARG C 313 -23.79 0.02 -67.28
C ARG C 313 -24.10 1.31 -66.51
N LYS C 314 -24.90 1.19 -65.46
CA LYS C 314 -25.28 2.33 -64.65
C LYS C 314 -24.71 2.29 -63.23
N ASP C 315 -24.29 1.12 -62.75
CA ASP C 315 -23.74 1.03 -61.40
C ASP C 315 -22.36 1.66 -61.28
N THR C 316 -21.66 1.87 -62.40
CA THR C 316 -20.33 2.46 -62.40
C THR C 316 -20.22 3.62 -63.37
N LYS C 317 -21.34 4.16 -63.83
CA LYS C 317 -21.35 5.27 -64.77
C LYS C 317 -22.47 6.22 -64.42
N GLU C 318 -22.20 7.53 -64.57
CA GLU C 318 -23.19 8.56 -64.29
C GLU C 318 -23.04 9.68 -65.31
N ILE C 319 -24.13 10.42 -65.50
CA ILE C 319 -24.17 11.52 -66.45
C ILE C 319 -24.70 12.75 -65.73
N TYR C 320 -23.95 13.85 -65.81
CA TYR C 320 -24.33 15.11 -65.19
C TYR C 320 -24.75 16.10 -66.27
N THR C 321 -25.83 16.83 -66.01
CA THR C 321 -26.36 17.82 -66.95
C THR C 321 -26.60 19.12 -66.20
N HIS C 322 -26.12 20.23 -66.75
CA HIS C 322 -26.27 21.53 -66.14
C HIS C 322 -26.71 22.55 -67.19
N PHE C 323 -27.20 23.67 -66.72
CA PHE C 323 -27.65 24.77 -67.58
C PHE C 323 -26.58 25.84 -67.62
N THR C 324 -26.09 26.15 -68.82
CA THR C 324 -25.05 27.15 -69.03
C THR C 324 -25.63 28.26 -69.89
N CYS C 325 -26.01 29.38 -69.26
CA CYS C 325 -26.56 30.50 -69.99
C CYS C 325 -25.46 31.23 -70.75
N SER C 326 -25.85 31.89 -71.84
CA SER C 326 -24.93 32.64 -72.69
C SER C 326 -25.00 34.14 -72.48
N THR C 327 -25.90 34.62 -71.62
CA THR C 327 -26.06 36.04 -71.38
C THR C 327 -25.28 36.54 -70.17
N ASP C 328 -25.02 35.68 -69.20
CA ASP C 328 -24.32 36.07 -67.98
C ASP C 328 -23.04 35.25 -67.81
N THR C 329 -22.05 35.87 -67.18
CA THR C 329 -20.78 35.22 -66.93
C THR C 329 -20.72 34.54 -65.56
N LYS C 330 -21.63 34.89 -64.65
CA LYS C 330 -21.65 34.33 -63.29
C LYS C 330 -22.17 32.89 -63.25
N ASN C 331 -22.39 32.23 -64.39
CA ASN C 331 -22.85 30.85 -64.40
C ASN C 331 -21.72 29.84 -64.31
N VAL C 332 -20.47 30.27 -64.54
CA VAL C 332 -19.34 29.34 -64.49
C VAL C 332 -19.20 28.74 -63.09
N GLN C 333 -19.26 29.59 -62.07
CA GLN C 333 -19.22 29.09 -60.69
C GLN C 333 -20.44 28.23 -60.36
N PHE C 334 -21.49 28.28 -61.18
CA PHE C 334 -22.62 27.37 -60.99
C PHE C 334 -22.31 25.95 -61.43
N VAL C 335 -21.32 25.78 -62.32
CA VAL C 335 -20.92 24.45 -62.76
C VAL C 335 -19.51 24.09 -62.32
N PHE C 336 -18.68 25.06 -61.95
CA PHE C 336 -17.33 24.76 -61.48
C PHE C 336 -17.38 23.89 -60.22
N ASP C 337 -18.23 24.26 -59.26
CA ASP C 337 -18.41 23.42 -58.08
C ASP C 337 -18.94 22.05 -58.46
N ALA C 338 -19.65 21.95 -59.59
CA ALA C 338 -20.10 20.65 -60.08
C ALA C 338 -18.92 19.71 -60.34
N VAL C 339 -17.78 20.26 -60.76
CA VAL C 339 -16.58 19.45 -60.92
C VAL C 339 -16.18 18.85 -59.57
N THR C 340 -16.28 19.64 -58.50
CA THR C 340 -15.98 19.14 -57.16
C THR C 340 -16.90 17.98 -56.78
N ASP C 341 -18.01 17.80 -57.50
CA ASP C 341 -18.89 16.66 -57.25
C ASP C 341 -18.34 15.40 -57.90
N VAL C 342 -17.76 15.53 -59.10
CA VAL C 342 -17.38 14.33 -59.85
C VAL C 342 -15.99 13.85 -59.46
N ILE C 343 -15.06 14.79 -59.16
CA ILE C 343 -13.68 14.40 -58.89
C ILE C 343 -13.60 13.47 -57.69
N ILE C 344 -14.30 13.83 -56.61
CA ILE C 344 -14.37 12.98 -55.43
C ILE C 344 -14.71 11.55 -55.81
N LYS C 345 -15.62 11.40 -56.78
CA LYS C 345 -15.99 10.08 -57.28
C LYS C 345 -14.76 9.26 -57.63
N ASN C 346 -13.95 9.76 -58.58
CA ASN C 346 -12.75 9.01 -58.94
C ASN C 346 -11.77 8.95 -57.78
N ASN C 347 -11.80 9.94 -56.89
CA ASN C 347 -11.01 9.85 -55.66
C ASN C 347 -11.47 8.64 -54.85
N LEU C 348 -12.79 8.49 -54.68
CA LEU C 348 -13.31 7.28 -54.05
C LEU C 348 -13.05 6.04 -54.88
N LYS C 349 -12.73 6.20 -56.17
CA LYS C 349 -12.28 5.05 -56.95
C LYS C 349 -11.01 4.45 -56.38
N GLU C 350 -10.19 5.27 -55.72
CA GLU C 350 -9.01 4.75 -55.03
C GLU C 350 -9.35 4.10 -53.70
N CYS C 351 -10.56 4.36 -53.18
CA CYS C 351 -10.95 3.77 -51.90
C CYS C 351 -11.38 2.31 -52.07
N GLY C 352 -12.17 2.03 -53.10
CA GLY C 352 -12.68 0.70 -53.31
C GLY C 352 -13.85 0.31 -52.44
N LEU C 353 -14.38 1.22 -51.63
CA LEU C 353 -15.50 0.90 -50.76
C LEU C 353 -16.83 0.87 -51.51
N TYR C 354 -16.94 1.60 -52.62
CA TYR C 354 -18.11 1.49 -53.49
C TYR C 354 -18.15 0.13 -54.19
N ASN D 46 7.19 -27.17 -92.68
CA ASN D 46 6.93 -28.48 -93.27
C ASN D 46 8.21 -29.09 -93.83
N ASN D 47 9.18 -28.24 -94.16
CA ASN D 47 10.45 -28.69 -94.70
C ASN D 47 11.61 -28.13 -93.89
N ILE D 48 11.42 -26.97 -93.29
CA ILE D 48 12.47 -26.32 -92.50
C ILE D 48 12.56 -27.00 -91.14
N ASP D 49 13.77 -27.14 -90.63
CA ASP D 49 13.97 -27.78 -89.33
C ASP D 49 13.41 -26.88 -88.23
N PRO D 50 12.56 -27.40 -87.35
CA PRO D 50 11.98 -26.56 -86.28
C PRO D 50 13.05 -26.13 -85.29
N VAL D 51 13.03 -24.84 -84.95
CA VAL D 51 14.01 -24.30 -84.00
C VAL D 51 13.72 -24.78 -82.58
N GLY D 52 12.50 -25.18 -82.29
CA GLY D 52 12.15 -25.66 -80.96
C GLY D 52 11.64 -24.55 -80.05
N ARG D 53 11.41 -24.92 -78.80
CA ARG D 53 10.92 -23.98 -77.80
C ARG D 53 12.09 -23.19 -77.23
N ILE D 54 12.00 -21.87 -77.31
CA ILE D 54 13.04 -20.96 -76.82
C ILE D 54 12.49 -20.22 -75.61
N GLN D 55 13.25 -20.24 -74.50
CA GLN D 55 12.85 -19.57 -73.28
C GLN D 55 13.37 -18.14 -73.28
N MET D 56 12.50 -17.20 -72.93
CA MET D 56 12.84 -15.78 -72.89
C MET D 56 12.77 -15.29 -71.45
N ARG D 57 13.83 -14.63 -70.99
CA ARG D 57 13.91 -14.12 -69.63
C ARG D 57 14.10 -12.60 -69.65
N THR D 58 13.82 -11.98 -68.52
CA THR D 58 13.94 -10.53 -68.40
C THR D 58 15.38 -10.16 -68.07
N ARG D 59 15.92 -9.18 -68.80
CA ARG D 59 17.28 -8.70 -68.59
C ARG D 59 17.34 -7.48 -67.68
N ARG D 60 16.41 -6.54 -67.84
CA ARG D 60 16.40 -5.34 -67.02
C ARG D 60 15.00 -4.75 -67.05
N THR D 61 14.72 -3.91 -66.04
CA THR D 61 13.43 -3.24 -65.92
C THR D 61 13.69 -1.75 -65.68
N LEU D 62 13.14 -0.91 -66.55
CA LEU D 62 13.32 0.53 -66.45
C LEU D 62 12.15 1.13 -65.67
N ARG D 63 12.45 1.73 -64.52
CA ARG D 63 11.46 2.35 -63.67
C ARG D 63 11.87 3.77 -63.36
N GLY D 64 10.88 4.65 -63.18
CA GLY D 64 11.14 6.04 -62.91
C GLY D 64 10.29 6.97 -63.76
N HIS D 65 9.30 6.41 -64.45
CA HIS D 65 8.38 7.16 -65.28
C HIS D 65 6.96 6.88 -64.86
N LEU D 66 6.11 7.91 -64.96
CA LEU D 66 4.71 7.79 -64.54
C LEU D 66 3.72 7.86 -65.70
N ALA D 67 4.11 8.47 -66.82
CA ALA D 67 3.21 8.57 -67.95
C ALA D 67 3.13 7.25 -68.72
N LYS D 68 2.20 7.18 -69.66
CA LYS D 68 1.99 5.97 -70.45
C LYS D 68 3.03 5.89 -71.56
N ILE D 69 3.63 4.72 -71.73
CA ILE D 69 4.65 4.49 -72.73
C ILE D 69 3.98 3.96 -73.99
N TYR D 70 3.97 4.78 -75.05
CA TYR D 70 3.37 4.39 -76.32
C TYR D 70 4.40 3.84 -77.30
N ALA D 71 5.42 4.62 -77.64
CA ALA D 71 6.43 4.22 -78.61
C ALA D 71 7.76 4.00 -77.92
N MET D 72 8.51 3.01 -78.40
CA MET D 72 9.84 2.68 -77.89
C MET D 72 10.76 2.49 -79.10
N HIS D 73 11.38 3.57 -79.54
CA HIS D 73 12.26 3.54 -80.71
C HIS D 73 13.67 3.22 -80.27
N TRP D 74 14.23 2.14 -80.81
CA TRP D 74 15.59 1.73 -80.49
C TRP D 74 16.56 2.27 -81.54
N GLY D 75 17.69 2.79 -81.08
CA GLY D 75 18.67 3.36 -81.97
C GLY D 75 19.44 2.31 -82.74
N THR D 76 20.13 2.77 -83.78
CA THR D 76 20.93 1.89 -84.63
C THR D 76 22.28 1.54 -84.01
N ASP D 77 22.61 2.10 -82.85
CA ASP D 77 23.87 1.81 -82.18
C ASP D 77 23.74 0.81 -81.06
N SER D 78 22.54 0.29 -80.81
CA SER D 78 22.29 -0.70 -79.76
C SER D 78 22.70 -0.19 -78.38
N ARG D 79 22.67 1.12 -78.19
CA ARG D 79 23.10 1.74 -76.95
C ARG D 79 21.99 2.53 -76.26
N LEU D 80 21.28 3.36 -77.01
CA LEU D 80 20.25 4.23 -76.45
C LEU D 80 18.91 3.95 -77.11
N LEU D 81 17.85 4.41 -76.46
CA LEU D 81 16.51 4.32 -77.01
C LEU D 81 15.65 5.43 -76.43
N VAL D 82 14.66 5.88 -77.19
CA VAL D 82 13.76 6.94 -76.79
C VAL D 82 12.35 6.39 -76.66
N SER D 83 11.60 6.96 -75.72
CA SER D 83 10.22 6.56 -75.47
C SER D 83 9.34 7.80 -75.36
N ALA D 84 8.05 7.60 -75.57
CA ALA D 84 7.07 8.68 -75.55
C ALA D 84 6.31 8.70 -74.23
N SER D 85 5.76 9.87 -73.91
CA SER D 85 5.01 10.05 -72.68
C SER D 85 3.64 10.67 -72.95
N GLN D 86 2.92 11.04 -71.90
CA GLN D 86 1.61 11.66 -72.03
C GLN D 86 1.52 13.06 -71.44
N ASP D 87 2.57 13.54 -70.79
CA ASP D 87 2.58 14.88 -70.21
C ASP D 87 3.67 15.76 -70.83
N GLY D 88 4.15 15.40 -72.02
CA GLY D 88 5.15 16.19 -72.69
C GLY D 88 6.53 16.08 -72.05
N LYS D 89 7.00 14.85 -71.83
CA LYS D 89 8.30 14.60 -71.23
C LYS D 89 9.11 13.73 -72.19
N LEU D 90 10.03 14.36 -72.93
CA LEU D 90 10.91 13.63 -73.84
C LEU D 90 11.91 12.84 -73.02
N ILE D 91 11.68 11.54 -72.89
CA ILE D 91 12.49 10.67 -72.04
C ILE D 91 13.32 9.74 -72.92
N ILE D 92 14.58 9.57 -72.54
CA ILE D 92 15.52 8.70 -73.25
C ILE D 92 16.11 7.73 -72.24
N TRP D 93 16.04 6.45 -72.55
CA TRP D 93 16.49 5.39 -71.65
C TRP D 93 17.68 4.64 -72.25
N ASP D 94 18.18 3.67 -71.50
CA ASP D 94 19.27 2.81 -71.94
C ASP D 94 19.12 1.45 -71.30
N SER D 95 19.86 0.48 -71.84
CA SER D 95 19.72 -0.92 -71.40
C SER D 95 20.75 -1.29 -70.33
N TYR D 96 22.04 -1.15 -70.65
CA TYR D 96 23.08 -1.59 -69.72
C TYR D 96 23.21 -0.64 -68.55
N THR D 97 23.34 0.66 -68.84
CA THR D 97 23.57 1.63 -67.76
C THR D 97 22.32 1.80 -66.90
N THR D 98 21.14 1.73 -67.50
CA THR D 98 19.85 1.90 -66.82
C THR D 98 19.81 3.26 -66.11
N ASN D 99 19.88 4.30 -66.92
CA ASN D 99 19.88 5.67 -66.43
C ASN D 99 19.41 6.60 -67.53
N LYS D 100 18.42 7.44 -67.22
CA LYS D 100 17.94 8.40 -68.19
C LYS D 100 18.94 9.55 -68.37
N VAL D 101 18.95 10.12 -69.56
CA VAL D 101 19.93 11.15 -69.90
C VAL D 101 19.30 12.50 -70.20
N HIS D 102 18.04 12.58 -70.62
CA HIS D 102 17.42 13.84 -70.97
C HIS D 102 15.93 13.79 -70.68
N ALA D 103 15.40 14.92 -70.21
CA ALA D 103 13.97 15.08 -69.97
C ALA D 103 13.65 16.56 -69.96
N ILE D 104 12.79 16.98 -70.89
CA ILE D 104 12.47 18.40 -71.04
C ILE D 104 10.96 18.55 -71.22
N PRO D 105 10.30 19.44 -70.48
CA PRO D 105 8.88 19.67 -70.71
C PRO D 105 8.62 20.19 -72.12
N LEU D 106 7.48 19.80 -72.67
CA LEU D 106 7.11 20.14 -74.03
C LEU D 106 5.85 21.00 -74.03
N ARG D 107 5.65 21.72 -75.14
CA ARG D 107 4.45 22.52 -75.28
C ARG D 107 3.22 21.65 -75.52
N SER D 108 3.38 20.56 -76.27
CA SER D 108 2.31 19.62 -76.53
C SER D 108 2.35 18.53 -75.45
N SER D 109 1.29 18.46 -74.65
CA SER D 109 1.25 17.46 -73.58
C SER D 109 1.15 16.05 -74.15
N TRP D 110 0.24 15.84 -75.10
CA TRP D 110 0.01 14.52 -75.68
C TRP D 110 1.08 14.21 -76.71
N VAL D 111 1.84 13.13 -76.49
CA VAL D 111 2.90 12.68 -77.38
C VAL D 111 2.55 11.29 -77.87
N MET D 112 2.49 11.11 -79.20
CA MET D 112 2.14 9.82 -79.79
C MET D 112 3.33 8.96 -80.14
N THR D 113 4.50 9.54 -80.39
CA THR D 113 5.63 8.77 -80.87
C THR D 113 6.92 9.52 -80.54
N CYS D 114 8.04 8.86 -80.82
CA CYS D 114 9.36 9.45 -80.64
C CYS D 114 10.30 8.85 -81.68
N ALA D 115 10.94 9.71 -82.46
CA ALA D 115 11.84 9.27 -83.52
C ALA D 115 13.27 9.58 -83.12
N TYR D 116 14.13 8.55 -83.18
CA TYR D 116 15.54 8.68 -82.81
C TYR D 116 16.40 8.62 -84.07
N ALA D 117 17.30 9.58 -84.20
CA ALA D 117 18.14 9.64 -85.39
C ALA D 117 19.18 8.53 -85.36
N PRO D 118 19.55 7.99 -86.53
CA PRO D 118 20.58 6.95 -86.57
C PRO D 118 21.93 7.43 -86.04
N SER D 119 22.25 8.71 -86.23
CA SER D 119 23.50 9.28 -85.73
C SER D 119 23.39 9.80 -84.30
N GLY D 120 22.19 9.83 -83.74
CA GLY D 120 22.01 10.32 -82.39
C GLY D 120 22.17 11.81 -82.24
N ASN D 121 21.68 12.58 -83.21
CA ASN D 121 21.79 14.04 -83.18
C ASN D 121 20.46 14.75 -83.08
N TYR D 122 19.42 14.22 -83.72
CA TYR D 122 18.10 14.83 -83.72
C TYR D 122 17.08 13.88 -83.11
N VAL D 123 16.00 14.46 -82.58
CA VAL D 123 14.91 13.69 -81.99
C VAL D 123 13.63 14.50 -82.15
N ALA D 124 12.54 13.80 -82.47
CA ALA D 124 11.25 14.44 -82.71
C ALA D 124 10.15 13.61 -82.10
N CYS D 125 9.15 14.29 -81.54
CA CYS D 125 8.00 13.65 -80.92
C CYS D 125 6.75 13.92 -81.75
N GLY D 126 5.72 13.11 -81.50
CA GLY D 126 4.45 13.25 -82.20
C GLY D 126 3.56 14.31 -81.58
N GLY D 127 2.26 14.04 -81.55
CA GLY D 127 1.30 14.97 -80.97
C GLY D 127 0.00 15.01 -81.76
N LEU D 128 -1.11 15.20 -81.05
CA LEU D 128 -2.42 15.29 -81.68
C LEU D 128 -2.73 16.68 -82.20
N ASP D 129 -1.98 17.71 -81.79
CA ASP D 129 -2.21 19.07 -82.21
C ASP D 129 -1.43 19.46 -83.46
N ASN D 130 -0.91 18.48 -84.19
CA ASN D 130 -0.16 18.72 -85.44
C ASN D 130 1.08 19.59 -85.20
N ILE D 131 1.72 19.38 -84.06
CA ILE D 131 2.95 20.10 -83.71
C ILE D 131 4.06 19.06 -83.61
N CYS D 132 4.81 18.89 -84.69
CA CYS D 132 5.92 17.95 -84.74
C CYS D 132 7.21 18.71 -84.44
N SER D 133 7.40 19.01 -83.16
CA SER D 133 8.58 19.76 -82.73
C SER D 133 9.82 18.90 -82.82
N ILE D 134 10.85 19.39 -83.51
CA ILE D 134 12.12 18.70 -83.66
C ILE D 134 13.08 19.20 -82.59
N TYR D 135 13.83 18.29 -81.99
CA TYR D 135 14.77 18.62 -80.93
C TYR D 135 16.12 17.98 -81.23
N ASN D 136 17.16 18.55 -80.61
CA ASN D 136 18.51 18.05 -80.76
C ASN D 136 19.15 17.88 -79.39
N LEU D 137 20.13 16.97 -79.33
CA LEU D 137 20.80 16.66 -78.07
C LEU D 137 22.06 17.51 -77.87
N LYS D 138 22.99 17.43 -78.82
CA LYS D 138 24.26 18.16 -78.73
C LYS D 138 24.00 19.63 -79.03
N THR D 139 23.92 20.44 -77.98
CA THR D 139 23.69 21.88 -78.11
C THR D 139 24.67 22.63 -77.22
N ARG D 140 25.13 23.78 -77.68
CA ARG D 140 26.05 24.62 -76.92
C ARG D 140 25.28 25.58 -76.04
N GLU D 141 25.67 25.65 -74.76
CA GLU D 141 25.02 26.51 -73.78
C GLU D 141 23.53 26.21 -73.68
N GLY D 142 23.20 24.92 -73.56
CA GLY D 142 21.82 24.49 -73.47
C GLY D 142 21.67 22.99 -73.61
N ASN D 143 20.68 22.42 -72.92
CA ASN D 143 20.47 20.98 -72.96
C ASN D 143 19.67 20.57 -74.20
N VAL D 144 18.44 21.07 -74.31
CA VAL D 144 17.56 20.75 -75.44
C VAL D 144 16.88 22.04 -75.88
N ARG D 145 16.98 22.35 -77.18
CA ARG D 145 16.37 23.54 -77.73
C ARG D 145 15.71 23.19 -79.06
N VAL D 146 14.92 24.12 -79.59
CA VAL D 146 14.23 23.96 -80.86
C VAL D 146 14.68 25.07 -81.80
N SER D 147 14.80 24.74 -83.08
CA SER D 147 15.19 25.69 -84.11
C SER D 147 14.13 25.87 -85.17
N ARG D 148 13.57 24.78 -85.70
CA ARG D 148 12.53 24.84 -86.72
C ARG D 148 11.25 24.24 -86.17
N GLU D 149 10.11 24.75 -86.66
CA GLU D 149 8.79 24.31 -86.24
C GLU D 149 8.08 23.71 -87.44
N LEU D 150 7.72 22.42 -87.34
CA LEU D 150 7.01 21.73 -88.40
C LEU D 150 5.51 21.88 -88.18
N ALA D 151 4.80 22.37 -89.20
CA ALA D 151 3.36 22.56 -89.12
C ALA D 151 2.78 22.51 -90.53
N GLY D 152 1.47 22.32 -90.60
CA GLY D 152 0.78 22.26 -91.87
C GLY D 152 -0.03 21.01 -92.06
N HIS D 153 -0.16 20.21 -91.01
CA HIS D 153 -0.91 18.97 -91.06
C HIS D 153 -2.33 19.18 -90.54
N THR D 154 -3.29 18.47 -91.14
CA THR D 154 -4.68 18.52 -90.70
C THR D 154 -5.06 17.33 -89.83
N GLY D 155 -4.50 16.15 -90.10
CA GLY D 155 -4.78 14.98 -89.29
C GLY D 155 -3.77 14.79 -88.17
N TYR D 156 -4.18 14.00 -87.17
CA TYR D 156 -3.32 13.75 -86.02
C TYR D 156 -2.11 12.91 -86.42
N LEU D 157 -0.96 13.23 -85.86
CA LEU D 157 0.26 12.49 -86.13
C LEU D 157 0.29 11.20 -85.31
N SER D 158 0.65 10.10 -85.96
CA SER D 158 0.68 8.79 -85.32
C SER D 158 2.10 8.34 -85.00
N CYS D 159 2.97 8.27 -86.02
CA CYS D 159 4.34 7.85 -85.82
C CYS D 159 5.25 8.67 -86.71
N CYS D 160 6.53 8.72 -86.33
CA CYS D 160 7.53 9.46 -87.08
C CYS D 160 8.79 8.62 -87.20
N ARG D 161 9.38 8.62 -88.39
CA ARG D 161 10.60 7.88 -88.67
C ARG D 161 11.62 8.80 -89.32
N PHE D 162 12.88 8.63 -88.95
CA PHE D 162 13.97 9.45 -89.48
C PHE D 162 14.66 8.67 -90.61
N LEU D 163 14.46 9.13 -91.84
CA LEU D 163 15.15 8.51 -92.98
C LEU D 163 16.65 8.76 -92.91
N ASP D 164 17.05 9.99 -92.66
CA ASP D 164 18.44 10.35 -92.46
C ASP D 164 18.50 11.53 -91.51
N ASP D 165 19.67 12.18 -91.44
CA ASP D 165 19.86 13.30 -90.53
C ASP D 165 19.19 14.58 -91.01
N ASN D 166 18.71 14.61 -92.25
CA ASN D 166 18.11 15.82 -92.81
C ASN D 166 16.65 15.64 -93.17
N GLN D 167 16.29 14.56 -93.86
CA GLN D 167 14.93 14.33 -94.31
C GLN D 167 14.23 13.37 -93.35
N ILE D 168 13.03 13.76 -92.90
CA ILE D 168 12.23 12.94 -92.00
C ILE D 168 10.86 12.73 -92.62
N VAL D 169 10.18 11.68 -92.15
CA VAL D 169 8.85 11.33 -92.63
C VAL D 169 7.91 11.22 -91.43
N THR D 170 6.71 11.75 -91.60
CA THR D 170 5.69 11.74 -90.55
C THR D 170 4.44 11.01 -91.04
N SER D 171 3.71 10.43 -90.10
CA SER D 171 2.47 9.71 -90.38
C SER D 171 1.32 10.48 -89.74
N SER D 172 0.49 11.12 -90.56
CA SER D 172 -0.63 11.92 -90.08
C SER D 172 -1.93 11.13 -90.17
N GLY D 173 -2.98 11.71 -89.62
CA GLY D 173 -4.29 11.06 -89.59
C GLY D 173 -5.23 11.53 -90.69
N ASP D 174 -4.68 12.05 -91.78
CA ASP D 174 -5.46 12.47 -92.93
C ASP D 174 -4.90 11.87 -94.22
N THR D 175 -4.32 10.68 -94.12
CA THR D 175 -3.74 9.97 -95.26
C THR D 175 -2.67 10.83 -95.96
N THR D 176 -1.81 11.44 -95.15
CA THR D 176 -0.66 12.21 -95.66
C THR D 176 0.58 11.74 -94.90
N CYS D 177 1.21 10.67 -95.40
CA CYS D 177 2.47 10.19 -94.85
C CYS D 177 3.66 10.79 -95.59
N ALA D 178 3.64 12.11 -95.73
CA ALA D 178 4.62 12.81 -96.55
C ALA D 178 5.96 12.92 -95.83
N LEU D 179 6.98 13.28 -96.60
CA LEU D 179 8.33 13.49 -96.10
C LEU D 179 8.56 14.97 -95.84
N TRP D 180 9.31 15.28 -94.79
CA TRP D 180 9.53 16.66 -94.37
C TRP D 180 11.03 16.93 -94.27
N ASP D 181 11.37 18.21 -94.16
CA ASP D 181 12.75 18.64 -94.02
C ASP D 181 12.81 19.76 -92.98
N ILE D 182 13.90 19.78 -92.22
CA ILE D 182 14.05 20.78 -91.17
C ILE D 182 14.50 22.12 -91.75
N GLU D 183 15.34 22.08 -92.78
CA GLU D 183 15.88 23.32 -93.35
C GLU D 183 14.78 24.15 -94.00
N THR D 184 14.09 23.59 -94.98
CA THR D 184 13.04 24.32 -95.68
C THR D 184 11.76 24.42 -94.88
N GLY D 185 11.57 23.54 -93.88
CA GLY D 185 10.36 23.58 -93.08
C GLY D 185 9.09 23.19 -93.80
N GLN D 186 9.19 22.65 -95.02
CA GLN D 186 8.03 22.26 -95.80
C GLN D 186 8.25 20.87 -96.37
N GLN D 187 7.16 20.22 -96.75
CA GLN D 187 7.23 18.88 -97.30
C GLN D 187 7.72 18.91 -98.75
N THR D 188 8.48 17.87 -99.11
CA THR D 188 9.01 17.76 -100.47
C THR D 188 8.06 16.97 -101.37
N THR D 189 7.75 15.74 -101.00
CA THR D 189 6.83 14.89 -101.75
C THR D 189 5.64 14.54 -100.87
N THR D 190 4.54 14.16 -101.53
CA THR D 190 3.30 13.81 -100.84
C THR D 190 2.84 12.43 -101.32
N PHE D 191 2.48 11.57 -100.37
CA PHE D 191 2.04 10.22 -100.65
C PHE D 191 0.55 10.11 -100.37
N THR D 192 -0.21 9.62 -101.36
CA THR D 192 -1.66 9.52 -101.24
C THR D 192 -2.11 8.30 -102.04
N GLY D 193 -3.27 7.75 -101.66
CA GLY D 193 -3.81 6.60 -102.35
C GLY D 193 -4.52 5.62 -101.45
N HIS D 194 -4.52 5.87 -100.14
CA HIS D 194 -5.25 5.06 -99.18
C HIS D 194 -6.61 5.68 -98.91
N THR D 195 -7.64 4.84 -98.89
CA THR D 195 -9.00 5.33 -98.62
C THR D 195 -9.17 5.78 -97.17
N GLY D 196 -8.35 5.26 -96.25
CA GLY D 196 -8.41 5.65 -94.86
C GLY D 196 -7.08 6.23 -94.39
N ASP D 197 -7.11 6.78 -93.18
CA ASP D 197 -5.90 7.37 -92.61
C ASP D 197 -4.93 6.29 -92.16
N VAL D 198 -3.64 6.61 -92.25
CA VAL D 198 -2.58 5.68 -91.87
C VAL D 198 -2.15 5.99 -90.44
N MET D 199 -1.71 4.94 -89.73
CA MET D 199 -1.30 5.08 -88.34
C MET D 199 0.03 4.40 -88.04
N SER D 200 0.75 3.93 -89.07
CA SER D 200 2.01 3.25 -88.85
C SER D 200 2.92 3.45 -90.05
N LEU D 201 4.22 3.38 -89.81
CA LEU D 201 5.23 3.50 -90.84
C LEU D 201 6.30 2.43 -90.62
N SER D 202 7.15 2.26 -91.62
CA SER D 202 8.24 1.27 -91.54
C SER D 202 9.27 1.61 -92.59
N LEU D 203 10.52 1.82 -92.17
CA LEU D 203 11.60 2.16 -93.09
C LEU D 203 12.33 0.90 -93.54
N ALA D 204 13.25 1.09 -94.49
CA ALA D 204 14.05 0.01 -95.03
C ALA D 204 15.53 0.25 -94.71
N PRO D 205 16.31 -0.82 -94.55
CA PRO D 205 17.73 -0.64 -94.19
C PRO D 205 18.54 0.05 -95.28
N ASP D 206 18.20 -0.14 -96.55
CA ASP D 206 18.97 0.47 -97.63
C ASP D 206 18.69 1.97 -97.79
N THR D 207 17.71 2.50 -97.04
CA THR D 207 17.36 3.91 -97.10
C THR D 207 17.02 4.33 -98.53
N ARG D 208 16.02 3.65 -99.11
CA ARG D 208 15.56 3.95 -100.45
C ARG D 208 14.05 3.98 -100.59
N LEU D 209 13.29 3.34 -99.71
CA LEU D 209 11.84 3.31 -99.80
C LEU D 209 11.28 2.91 -98.45
N PHE D 210 9.98 3.12 -98.29
CA PHE D 210 9.28 2.78 -97.05
C PHE D 210 7.88 2.28 -97.37
N VAL D 211 7.41 1.33 -96.56
CA VAL D 211 6.10 0.74 -96.72
C VAL D 211 5.15 1.38 -95.71
N SER D 212 3.92 1.64 -96.14
CA SER D 212 2.92 2.28 -95.30
C SER D 212 1.59 1.58 -95.47
N GLY D 213 0.92 1.27 -94.35
CA GLY D 213 -0.36 0.61 -94.39
C GLY D 213 -1.40 1.29 -93.53
N ALA D 214 -2.50 1.72 -94.14
CA ALA D 214 -3.57 2.42 -93.43
C ALA D 214 -4.54 1.42 -92.83
N CYS D 215 -5.68 1.91 -92.35
CA CYS D 215 -6.71 1.06 -91.75
C CYS D 215 -7.56 0.34 -92.80
N ASP D 216 -7.17 0.39 -94.07
CA ASP D 216 -7.91 -0.27 -95.14
C ASP D 216 -7.53 -1.74 -95.30
N ALA D 217 -6.90 -2.34 -94.28
CA ALA D 217 -6.49 -3.74 -94.32
C ALA D 217 -5.57 -4.02 -95.51
N SER D 218 -4.71 -3.04 -95.82
CA SER D 218 -3.80 -3.17 -96.94
C SER D 218 -2.56 -2.31 -96.68
N ALA D 219 -1.44 -2.74 -97.28
CA ALA D 219 -0.17 -2.03 -97.16
C ALA D 219 0.37 -1.71 -98.54
N LYS D 220 0.95 -0.53 -98.69
CA LYS D 220 1.48 -0.06 -99.95
C LYS D 220 2.92 0.41 -99.75
N LEU D 221 3.77 0.14 -100.75
CA LEU D 221 5.14 0.60 -100.74
C LEU D 221 5.25 1.96 -101.41
N TRP D 222 6.14 2.80 -100.89
CA TRP D 222 6.31 4.16 -101.38
C TRP D 222 7.79 4.45 -101.57
N ASP D 223 8.13 5.03 -102.72
CA ASP D 223 9.51 5.39 -103.02
C ASP D 223 9.78 6.83 -102.61
N VAL D 224 11.02 7.09 -102.19
CA VAL D 224 11.38 8.44 -101.76
C VAL D 224 11.68 9.33 -102.95
N ARG D 225 12.14 8.76 -104.06
CA ARG D 225 12.53 9.57 -105.21
C ARG D 225 11.30 10.09 -105.96
N GLU D 226 10.46 9.18 -106.47
CA GLU D 226 9.31 9.58 -107.26
C GLU D 226 8.09 9.89 -106.41
N GLY D 227 7.88 9.14 -105.33
CA GLY D 227 6.79 9.45 -104.40
C GLY D 227 5.42 8.99 -104.85
N MET D 228 5.26 7.68 -105.04
CA MET D 228 3.95 7.12 -105.39
C MET D 228 3.97 5.63 -105.07
N CYS D 229 2.77 5.09 -104.88
CA CYS D 229 2.63 3.67 -104.56
C CYS D 229 3.12 2.81 -105.72
N ARG D 230 3.96 1.82 -105.41
CA ARG D 230 4.49 0.91 -106.41
C ARG D 230 3.78 -0.43 -106.44
N GLN D 231 3.37 -0.95 -105.29
CA GLN D 231 2.67 -2.22 -105.22
C GLN D 231 1.74 -2.22 -104.02
N THR D 232 0.57 -2.84 -104.18
CA THR D 232 -0.44 -2.92 -103.14
C THR D 232 -0.62 -4.38 -102.72
N PHE D 233 -0.64 -4.61 -101.41
CA PHE D 233 -0.83 -5.94 -100.85
C PHE D 233 -2.07 -5.94 -99.96
N THR D 234 -2.93 -6.93 -100.16
CA THR D 234 -4.18 -7.03 -99.42
C THR D 234 -4.36 -8.49 -98.98
N GLY D 235 -5.25 -8.71 -98.02
CA GLY D 235 -5.52 -10.03 -97.52
C GLY D 235 -5.83 -10.08 -96.03
N HIS D 236 -5.76 -8.92 -95.37
CA HIS D 236 -6.09 -8.84 -93.95
C HIS D 236 -7.59 -8.66 -93.77
N GLU D 237 -8.15 -9.36 -92.78
CA GLU D 237 -9.58 -9.30 -92.54
C GLU D 237 -10.00 -8.02 -91.83
N SER D 238 -9.10 -7.42 -91.04
CA SER D 238 -9.40 -6.21 -90.29
C SER D 238 -8.27 -5.21 -90.48
N ASP D 239 -8.41 -4.05 -89.85
CA ASP D 239 -7.41 -3.01 -89.97
C ASP D 239 -6.13 -3.40 -89.23
N ILE D 240 -5.03 -2.75 -89.60
CA ILE D 240 -3.73 -3.03 -89.03
C ILE D 240 -3.37 -1.92 -88.05
N ASN D 241 -2.38 -2.20 -87.20
CA ASN D 241 -1.91 -1.24 -86.20
C ASN D 241 -0.46 -0.82 -86.42
N ALA D 242 0.43 -1.78 -86.67
CA ALA D 242 1.84 -1.48 -86.90
C ALA D 242 2.39 -2.43 -87.96
N ILE D 243 3.38 -1.96 -88.70
CA ILE D 243 4.03 -2.75 -89.74
C ILE D 243 5.53 -2.73 -89.52
N CYS D 244 6.19 -3.80 -89.97
CA CYS D 244 7.63 -3.94 -89.83
C CYS D 244 8.21 -4.47 -91.14
N PHE D 245 9.47 -4.13 -91.39
CA PHE D 245 10.15 -4.48 -92.63
C PHE D 245 11.24 -5.51 -92.36
N PHE D 246 11.50 -6.35 -93.36
CA PHE D 246 12.53 -7.37 -93.26
C PHE D 246 13.91 -6.74 -93.36
N PRO D 247 14.87 -7.21 -92.55
CA PRO D 247 16.22 -6.62 -92.62
C PRO D 247 16.90 -6.82 -93.97
N ASN D 248 16.62 -7.91 -94.68
CA ASN D 248 17.23 -8.13 -95.98
C ASN D 248 16.58 -7.26 -97.06
N GLY D 249 15.27 -7.07 -96.98
CA GLY D 249 14.56 -6.25 -97.93
C GLY D 249 13.76 -7.01 -98.98
N ASN D 250 13.56 -8.31 -98.80
CA ASN D 250 12.82 -9.10 -99.78
C ASN D 250 11.32 -9.14 -99.49
N ALA D 251 10.91 -8.99 -98.24
CA ALA D 251 9.51 -9.04 -97.87
C ALA D 251 9.29 -8.10 -96.69
N PHE D 252 8.11 -8.20 -96.07
CA PHE D 252 7.77 -7.40 -94.91
C PHE D 252 6.55 -8.01 -94.23
N ALA D 253 6.58 -8.03 -92.90
CA ALA D 253 5.48 -8.59 -92.13
C ALA D 253 4.46 -7.50 -91.77
N THR D 254 3.25 -7.93 -91.45
CA THR D 254 2.17 -7.02 -91.13
C THR D 254 1.20 -7.71 -90.17
N GLY D 255 0.93 -7.06 -89.05
CA GLY D 255 0.00 -7.57 -88.05
C GLY D 255 -1.27 -6.73 -88.03
N SER D 256 -2.40 -7.40 -87.84
CA SER D 256 -3.71 -6.76 -87.82
C SER D 256 -4.50 -7.24 -86.61
N ASP D 257 -5.71 -6.71 -86.46
CA ASP D 257 -6.59 -7.08 -85.36
C ASP D 257 -7.37 -8.35 -85.63
N ASP D 258 -7.15 -9.01 -86.75
CA ASP D 258 -7.85 -10.24 -87.10
C ASP D 258 -7.18 -11.49 -86.55
N ALA D 259 -6.25 -11.34 -85.60
CA ALA D 259 -5.54 -12.46 -84.98
C ALA D 259 -4.82 -13.31 -86.03
N THR D 260 -4.27 -12.66 -87.05
CA THR D 260 -3.55 -13.34 -88.10
C THR D 260 -2.32 -12.52 -88.48
N CYS D 261 -1.27 -13.23 -88.91
CA CYS D 261 -0.04 -12.61 -89.36
C CYS D 261 0.36 -13.17 -90.71
N ARG D 262 0.98 -12.33 -91.53
CA ARG D 262 1.40 -12.73 -92.86
C ARG D 262 2.50 -11.78 -93.32
N LEU D 263 3.40 -12.32 -94.16
CA LEU D 263 4.52 -11.57 -94.71
C LEU D 263 4.37 -11.50 -96.22
N PHE D 264 4.11 -10.30 -96.74
CA PHE D 264 3.94 -10.11 -98.18
C PHE D 264 5.30 -10.04 -98.87
N ASP D 265 5.45 -10.81 -99.94
CA ASP D 265 6.68 -10.82 -100.71
C ASP D 265 6.62 -9.77 -101.81
N LEU D 266 7.75 -9.09 -102.04
CA LEU D 266 7.79 -8.05 -103.06
C LEU D 266 7.95 -8.64 -104.45
N ARG D 267 8.70 -9.74 -104.57
CA ARG D 267 8.90 -10.36 -105.88
C ARG D 267 7.72 -11.26 -106.24
N ALA D 268 7.27 -12.09 -105.31
CA ALA D 268 6.14 -12.98 -105.57
C ALA D 268 4.81 -12.26 -105.57
N ASP D 269 4.75 -11.03 -105.05
CA ASP D 269 3.53 -10.23 -105.02
C ASP D 269 2.41 -10.92 -104.25
N GLN D 270 2.78 -11.74 -103.26
CA GLN D 270 1.81 -12.46 -102.45
C GLN D 270 2.49 -12.93 -101.17
N GLU D 271 1.68 -13.33 -100.21
CA GLU D 271 2.19 -13.80 -98.94
C GLU D 271 2.61 -15.26 -99.04
N LEU D 272 3.65 -15.63 -98.27
CA LEU D 272 4.15 -16.99 -98.28
C LEU D 272 3.34 -17.90 -97.36
N MET D 273 3.30 -17.56 -96.08
CA MET D 273 2.58 -18.35 -95.10
C MET D 273 1.72 -17.44 -94.23
N THR D 274 0.76 -18.05 -93.55
CA THR D 274 -0.17 -17.36 -92.68
C THR D 274 -0.05 -17.92 -91.27
N TYR D 275 -0.21 -17.03 -90.28
CA TYR D 275 -0.12 -17.39 -88.87
C TYR D 275 -1.51 -17.25 -88.26
N SER D 276 -2.30 -18.32 -88.34
CA SER D 276 -3.65 -18.31 -87.81
C SER D 276 -3.63 -18.56 -86.30
N HIS D 277 -4.79 -18.34 -85.67
CA HIS D 277 -4.92 -18.53 -84.23
C HIS D 277 -6.38 -18.82 -83.91
N ASP D 278 -6.63 -19.91 -83.20
CA ASP D 278 -7.97 -20.31 -82.81
C ASP D 278 -8.35 -19.83 -81.41
N ASN D 279 -7.45 -20.01 -80.44
CA ASN D 279 -7.72 -19.59 -79.06
C ASN D 279 -7.45 -18.12 -78.81
N ILE D 280 -7.11 -17.35 -79.85
CA ILE D 280 -6.83 -15.92 -79.73
C ILE D 280 -7.98 -15.16 -80.38
N ILE D 281 -8.62 -14.29 -79.62
CA ILE D 281 -9.75 -13.51 -80.12
C ILE D 281 -9.31 -12.07 -80.36
N CYS D 282 -8.27 -11.63 -79.66
CA CYS D 282 -7.78 -10.26 -79.77
C CYS D 282 -6.95 -10.13 -81.04
N GLY D 283 -6.28 -8.98 -81.20
CA GLY D 283 -5.45 -8.73 -82.35
C GLY D 283 -3.99 -8.49 -82.01
N ILE D 284 -3.25 -7.88 -82.92
CA ILE D 284 -1.84 -7.57 -82.74
C ILE D 284 -1.66 -6.07 -82.82
N THR D 285 -1.00 -5.50 -81.81
CA THR D 285 -0.78 -4.06 -81.76
C THR D 285 0.55 -3.64 -82.33
N SER D 286 1.53 -4.55 -82.42
CA SER D 286 2.83 -4.22 -82.96
C SER D 286 3.52 -5.49 -83.42
N VAL D 287 4.30 -5.37 -84.50
CA VAL D 287 5.03 -6.49 -85.07
C VAL D 287 6.46 -6.05 -85.36
N SER D 288 7.40 -6.97 -85.24
CA SER D 288 8.81 -6.68 -85.45
C SER D 288 9.54 -7.96 -85.86
N PHE D 289 10.70 -7.78 -86.47
CA PHE D 289 11.54 -8.88 -86.91
C PHE D 289 12.71 -9.06 -85.96
N SER D 290 13.56 -10.03 -86.28
CA SER D 290 14.79 -10.29 -85.54
C SER D 290 15.94 -9.49 -86.16
N LYS D 291 17.17 -9.81 -85.77
CA LYS D 291 18.33 -9.12 -86.33
C LYS D 291 18.40 -9.32 -87.84
N SER D 292 18.17 -10.55 -88.31
CA SER D 292 18.15 -10.83 -89.73
C SER D 292 16.77 -11.21 -90.25
N GLY D 293 15.77 -11.28 -89.37
CA GLY D 293 14.42 -11.62 -89.77
C GLY D 293 14.02 -13.07 -89.60
N ARG D 294 14.76 -13.83 -88.78
CA ARG D 294 14.42 -15.24 -88.59
C ARG D 294 13.29 -15.42 -87.58
N LEU D 295 13.30 -14.65 -86.49
CA LEU D 295 12.30 -14.75 -85.45
C LEU D 295 11.27 -13.64 -85.59
N LEU D 296 10.01 -13.96 -85.31
CA LEU D 296 8.91 -13.03 -85.39
C LEU D 296 8.44 -12.65 -83.99
N LEU D 297 8.11 -11.38 -83.81
CA LEU D 297 7.61 -10.86 -82.54
C LEU D 297 6.33 -10.09 -82.79
N ALA D 298 5.29 -10.40 -82.01
CA ALA D 298 3.99 -9.75 -82.17
C ALA D 298 3.35 -9.60 -80.81
N GLY D 299 3.03 -8.36 -80.43
CA GLY D 299 2.39 -8.10 -79.15
C GLY D 299 0.88 -8.16 -79.27
N TYR D 300 0.26 -8.92 -78.38
CA TYR D 300 -1.19 -9.10 -78.38
C TYR D 300 -1.82 -8.27 -77.27
N ASP D 301 -3.15 -8.31 -77.20
CA ASP D 301 -3.92 -7.57 -76.21
C ASP D 301 -4.13 -8.34 -74.91
N ASP D 302 -3.52 -9.51 -74.77
CA ASP D 302 -3.62 -10.31 -73.55
C ASP D 302 -2.52 -9.97 -72.54
N PHE D 303 -1.99 -8.75 -72.58
CA PHE D 303 -0.97 -8.30 -71.64
C PHE D 303 0.28 -9.17 -71.73
N ASN D 304 0.66 -9.54 -72.95
CA ASN D 304 1.82 -10.39 -73.18
C ASN D 304 2.21 -10.28 -74.65
N CYS D 305 3.17 -11.10 -75.06
CA CYS D 305 3.64 -11.15 -76.44
C CYS D 305 3.84 -12.60 -76.84
N ASN D 306 3.88 -12.83 -78.15
CA ASN D 306 4.07 -14.16 -78.70
C ASN D 306 5.18 -14.15 -79.73
N VAL D 307 6.09 -15.11 -79.65
CA VAL D 307 7.20 -15.26 -80.58
C VAL D 307 6.86 -16.37 -81.56
N TRP D 308 6.80 -16.04 -82.84
CA TRP D 308 6.44 -16.98 -83.89
C TRP D 308 7.67 -17.33 -84.72
N ASP D 309 7.64 -18.52 -85.32
CA ASP D 309 8.74 -18.99 -86.15
C ASP D 309 8.66 -18.35 -87.53
N ALA D 310 9.55 -18.78 -88.42
CA ALA D 310 9.59 -18.24 -89.78
C ALA D 310 8.62 -18.95 -90.71
N LEU D 311 8.61 -20.28 -90.68
CA LEU D 311 7.74 -21.05 -91.56
C LEU D 311 6.93 -22.08 -90.77
N LYS D 312 7.46 -22.50 -89.62
CA LYS D 312 6.79 -23.50 -88.81
C LYS D 312 5.52 -22.97 -88.16
N ALA D 313 5.43 -21.66 -87.95
CA ALA D 313 4.26 -21.02 -87.35
C ALA D 313 3.95 -21.62 -85.97
N ASP D 314 4.98 -21.70 -85.14
CA ASP D 314 4.87 -22.25 -83.80
C ASP D 314 5.27 -21.20 -82.77
N ARG D 315 4.51 -21.14 -81.68
CA ARG D 315 4.78 -20.18 -80.61
C ARG D 315 5.96 -20.70 -79.79
N ALA D 316 7.17 -20.38 -80.25
CA ALA D 316 8.37 -20.85 -79.56
C ALA D 316 8.55 -20.14 -78.23
N GLY D 317 8.42 -18.82 -78.21
CA GLY D 317 8.57 -18.02 -77.01
C GLY D 317 7.24 -17.42 -76.58
N VAL D 318 6.94 -17.56 -75.29
CA VAL D 318 5.73 -17.01 -74.69
C VAL D 318 6.14 -15.97 -73.67
N LEU D 319 5.53 -14.79 -73.77
CA LEU D 319 5.84 -13.68 -72.88
C LEU D 319 4.77 -13.53 -71.81
N ALA D 320 5.10 -12.79 -70.76
CA ALA D 320 4.19 -12.54 -69.65
C ALA D 320 4.79 -11.41 -68.81
N GLY D 321 4.14 -11.12 -67.69
CA GLY D 321 4.62 -10.13 -66.74
C GLY D 321 4.11 -8.72 -66.96
N HIS D 322 3.39 -8.46 -68.05
CA HIS D 322 2.88 -7.13 -68.31
C HIS D 322 1.58 -6.90 -67.55
N ASP D 323 1.54 -5.83 -66.77
CA ASP D 323 0.34 -5.51 -66.00
C ASP D 323 -0.73 -4.83 -66.86
N ASN D 324 -0.33 -4.10 -67.89
CA ASN D 324 -1.26 -3.40 -68.77
C ASN D 324 -1.02 -3.84 -70.21
N ARG D 325 -1.75 -3.22 -71.14
CA ARG D 325 -1.67 -3.60 -72.54
C ARG D 325 -0.38 -3.07 -73.16
N VAL D 326 0.30 -3.93 -73.93
CA VAL D 326 1.52 -3.51 -74.61
C VAL D 326 1.17 -2.61 -75.78
N SER D 327 2.00 -1.59 -76.00
CA SER D 327 1.78 -0.62 -77.07
C SER D 327 2.73 -0.80 -78.24
N CYS D 328 4.04 -0.86 -77.98
CA CYS D 328 5.02 -1.02 -79.04
C CYS D 328 6.30 -1.58 -78.44
N LEU D 329 6.97 -2.43 -79.22
CA LEU D 329 8.22 -3.04 -78.81
C LEU D 329 9.33 -2.67 -79.79
N GLY D 330 10.56 -2.67 -79.29
CA GLY D 330 11.71 -2.33 -80.11
C GLY D 330 12.79 -3.38 -80.10
N VAL D 331 13.27 -3.75 -81.29
CA VAL D 331 14.34 -4.74 -81.44
C VAL D 331 15.60 -4.03 -81.90
N THR D 332 16.71 -4.31 -81.24
CA THR D 332 17.98 -3.70 -81.62
C THR D 332 18.48 -4.27 -82.95
N ASP D 333 19.46 -3.58 -83.53
CA ASP D 333 20.03 -4.02 -84.79
C ASP D 333 20.78 -5.32 -84.65
N ASP D 334 21.43 -5.54 -83.50
CA ASP D 334 22.17 -6.78 -83.27
C ASP D 334 21.27 -7.96 -82.95
N GLY D 335 20.03 -7.71 -82.53
CA GLY D 335 19.12 -8.78 -82.20
C GLY D 335 19.44 -9.51 -80.92
N MET D 336 20.13 -8.86 -79.99
CA MET D 336 20.46 -9.51 -78.71
C MET D 336 19.28 -9.47 -77.75
N ALA D 337 18.82 -8.26 -77.41
CA ALA D 337 17.71 -8.07 -76.49
C ALA D 337 16.60 -7.29 -77.17
N VAL D 338 15.38 -7.46 -76.66
CA VAL D 338 14.19 -6.81 -77.19
C VAL D 338 13.48 -6.10 -76.04
N ALA D 339 13.25 -4.80 -76.19
CA ALA D 339 12.54 -4.03 -75.18
C ALA D 339 11.09 -3.83 -75.62
N THR D 340 10.17 -3.93 -74.65
CA THR D 340 8.75 -3.79 -74.89
C THR D 340 8.19 -2.63 -74.09
N GLY D 341 7.19 -1.96 -74.64
CA GLY D 341 6.57 -0.83 -73.98
C GLY D 341 5.07 -0.99 -73.83
N SER D 342 4.60 -0.99 -72.58
CA SER D 342 3.20 -1.14 -72.27
C SER D 342 2.66 0.14 -71.62
N TRP D 343 1.39 0.10 -71.24
CA TRP D 343 0.73 1.26 -70.66
C TRP D 343 0.99 1.42 -69.16
N ASP D 344 1.60 0.44 -68.52
CA ASP D 344 1.87 0.49 -67.09
C ASP D 344 3.19 1.18 -66.76
N SER D 345 3.76 1.92 -67.72
CA SER D 345 5.02 2.65 -67.53
C SER D 345 6.15 1.71 -67.12
N PHE D 346 6.15 0.50 -67.69
CA PHE D 346 7.16 -0.50 -67.41
C PHE D 346 7.91 -0.83 -68.70
N LEU D 347 9.16 -0.39 -68.80
CA LEU D 347 10.00 -0.65 -69.96
C LEU D 347 10.92 -1.82 -69.62
N LYS D 348 10.37 -3.03 -69.78
CA LYS D 348 11.12 -4.24 -69.48
C LYS D 348 11.87 -4.72 -70.70
N ILE D 349 13.13 -5.12 -70.50
CA ILE D 349 13.99 -5.63 -71.57
C ILE D 349 14.10 -7.14 -71.41
N TRP D 350 13.89 -7.86 -72.51
CA TRP D 350 13.92 -9.31 -72.51
C TRP D 350 15.13 -9.80 -73.31
N ASN D 351 15.84 -10.78 -72.74
CA ASN D 351 17.02 -11.34 -73.40
C ASN D 351 17.20 -12.79 -72.99
N LYS E 29 17.71 -15.35 -100.18
CA LYS E 29 16.43 -15.85 -100.66
C LYS E 29 15.46 -16.04 -99.49
N VAL E 30 15.34 -17.28 -99.02
CA VAL E 30 14.45 -17.61 -97.91
C VAL E 30 15.24 -18.05 -96.69
N SER E 31 16.08 -19.07 -96.82
CA SER E 31 16.89 -19.56 -95.72
C SER E 31 18.23 -18.86 -95.59
N LYS E 32 18.64 -18.10 -96.61
CA LYS E 32 19.92 -17.40 -96.54
C LYS E 32 19.85 -16.20 -95.61
N ALA E 33 18.69 -15.54 -95.53
CA ALA E 33 18.50 -14.39 -94.67
C ALA E 33 18.03 -14.76 -93.27
N ALA E 34 17.87 -16.05 -92.99
CA ALA E 34 17.42 -16.52 -91.68
C ALA E 34 18.52 -17.16 -90.85
N ALA E 35 19.55 -17.72 -91.50
CA ALA E 35 20.63 -18.36 -90.75
C ALA E 35 21.54 -17.35 -90.07
N ASP E 36 21.48 -16.08 -90.46
CA ASP E 36 22.33 -15.08 -89.84
C ASP E 36 21.92 -14.80 -88.39
N LEU E 37 20.61 -14.64 -88.16
CA LEU E 37 20.13 -14.37 -86.80
C LEU E 37 20.00 -15.64 -85.97
N MET E 38 20.05 -16.81 -86.59
CA MET E 38 19.92 -18.07 -85.86
C MET E 38 21.18 -18.42 -85.06
N ALA E 39 22.26 -17.65 -85.21
CA ALA E 39 23.50 -17.92 -84.50
C ALA E 39 23.79 -16.93 -83.37
N TYR E 40 23.16 -15.75 -83.37
CA TYR E 40 23.39 -14.76 -82.34
C TYR E 40 22.20 -14.56 -81.40
N CYS E 41 21.01 -15.02 -81.77
CA CYS E 41 19.84 -14.82 -80.92
C CYS E 41 19.79 -15.82 -79.78
N GLU E 42 20.24 -17.05 -80.00
CA GLU E 42 20.21 -18.08 -78.97
C GLU E 42 21.55 -18.29 -78.27
N ALA E 43 22.65 -17.86 -78.89
CA ALA E 43 23.98 -18.01 -78.32
C ALA E 43 24.45 -16.76 -77.58
N HIS E 44 23.52 -15.89 -77.18
CA HIS E 44 23.89 -14.67 -76.47
C HIS E 44 24.34 -15.01 -75.05
N ALA E 45 25.55 -14.58 -74.69
CA ALA E 45 26.12 -14.83 -73.37
C ALA E 45 26.03 -13.61 -72.47
N LYS E 46 25.02 -12.76 -72.67
CA LYS E 46 24.80 -11.55 -71.88
C LYS E 46 26.03 -10.64 -71.94
N GLU E 47 26.34 -10.19 -73.16
CA GLU E 47 27.48 -9.33 -73.39
C GLU E 47 27.04 -7.90 -73.68
N VAL F 2 26.65 31.83 -72.51
CA VAL F 2 27.55 31.51 -73.62
C VAL F 2 28.94 32.07 -73.31
N GLN F 3 29.00 32.99 -72.35
CA GLN F 3 30.26 33.61 -71.94
C GLN F 3 30.48 33.37 -70.45
N LEU F 4 31.76 33.36 -70.06
CA LEU F 4 32.16 33.16 -68.66
C LEU F 4 33.23 34.20 -68.34
N VAL F 5 32.81 35.34 -67.81
CA VAL F 5 33.72 36.41 -67.44
C VAL F 5 34.17 36.19 -66.00
N GLU F 6 35.46 36.42 -65.76
CA GLU F 6 36.06 36.23 -64.44
C GLU F 6 36.70 37.52 -63.98
N SER F 7 36.42 37.92 -62.73
CA SER F 7 36.97 39.14 -62.16
C SER F 7 37.42 38.85 -60.74
N GLY F 8 38.20 39.78 -60.19
CA GLY F 8 38.70 39.64 -58.84
C GLY F 8 40.20 39.73 -58.74
N GLY F 9 40.84 40.29 -59.78
CA GLY F 9 42.27 40.42 -59.81
C GLY F 9 42.76 41.52 -58.88
N GLY F 10 44.09 41.63 -58.80
CA GLY F 10 44.76 42.60 -57.97
C GLY F 10 45.84 41.95 -57.15
N LEU F 11 46.20 42.60 -56.05
CA LEU F 11 47.24 42.11 -55.16
C LEU F 11 46.62 41.54 -53.88
N VAL F 12 47.29 40.55 -53.31
CA VAL F 12 46.83 39.90 -52.09
C VAL F 12 48.05 39.51 -51.27
N GLN F 13 47.89 39.52 -49.93
CA GLN F 13 48.96 39.17 -49.03
C GLN F 13 48.82 37.74 -48.55
N PRO F 14 49.93 37.05 -48.27
CA PRO F 14 49.86 35.67 -47.77
C PRO F 14 49.27 35.64 -46.37
N GLY F 15 48.13 34.96 -46.24
CA GLY F 15 47.44 34.87 -44.96
C GLY F 15 46.17 35.68 -44.85
N GLY F 16 45.68 36.25 -45.96
CA GLY F 16 44.48 37.04 -45.93
C GLY F 16 43.31 36.40 -46.65
N SER F 17 42.48 37.22 -47.30
CA SER F 17 41.33 36.72 -48.05
C SER F 17 41.23 37.46 -49.36
N ARG F 18 40.50 36.86 -50.30
CA ARG F 18 40.29 37.45 -51.61
C ARG F 18 39.01 36.87 -52.20
N LYS F 19 38.28 37.70 -52.93
CA LYS F 19 37.01 37.33 -53.54
C LYS F 19 37.23 37.06 -55.03
N LEU F 20 36.84 35.86 -55.48
CA LEU F 20 36.93 35.48 -56.87
C LEU F 20 35.54 35.09 -57.36
N SER F 21 35.03 35.84 -58.34
CA SER F 21 33.68 35.64 -58.85
C SER F 21 33.72 35.37 -60.35
N CYS F 22 32.70 34.66 -60.84
CA CYS F 22 32.56 34.35 -62.25
C CYS F 22 31.10 34.52 -62.64
N SER F 23 30.83 35.46 -63.55
CA SER F 23 29.49 35.71 -64.04
C SER F 23 29.29 34.97 -65.36
N ALA F 24 28.30 34.08 -65.38
CA ALA F 24 27.99 33.28 -66.56
C ALA F 24 26.49 33.26 -66.78
N SER F 25 26.09 33.45 -68.04
CA SER F 25 24.67 33.45 -68.40
C SER F 25 24.51 32.88 -69.79
N GLY F 26 23.28 32.53 -70.13
CA GLY F 26 22.95 31.97 -71.42
C GLY F 26 22.75 30.46 -71.46
N PHE F 27 22.70 29.81 -70.30
CA PHE F 27 22.50 28.37 -70.24
C PHE F 27 21.85 28.01 -68.92
N ALA F 28 21.40 26.76 -68.82
CA ALA F 28 20.78 26.25 -67.60
C ALA F 28 21.87 26.02 -66.56
N PHE F 29 21.97 26.93 -65.59
CA PHE F 29 23.01 26.83 -64.57
C PHE F 29 22.80 25.63 -63.65
N SER F 30 21.57 25.11 -63.57
CA SER F 30 21.25 23.99 -62.70
C SER F 30 21.31 22.65 -63.42
N SER F 31 21.90 22.60 -64.62
CA SER F 31 21.99 21.36 -65.38
C SER F 31 23.37 21.18 -65.99
N PHE F 32 24.41 21.72 -65.35
CA PHE F 32 25.76 21.60 -65.85
C PHE F 32 26.73 21.50 -64.69
N GLY F 33 27.88 20.88 -64.94
CA GLY F 33 28.93 20.80 -63.96
C GLY F 33 29.90 21.97 -64.09
N MET F 34 30.55 22.30 -62.97
CA MET F 34 31.48 23.42 -62.91
C MET F 34 32.77 22.97 -62.21
N HIS F 35 33.88 23.07 -62.92
CA HIS F 35 35.20 22.74 -62.38
C HIS F 35 35.94 24.02 -62.02
N TRP F 36 36.91 23.88 -61.11
CA TRP F 36 37.72 24.99 -60.63
C TRP F 36 39.19 24.76 -60.96
N VAL F 37 39.47 24.25 -62.16
CA VAL F 37 40.85 24.02 -62.57
C VAL F 37 41.58 25.35 -62.71
N ARG F 38 42.88 25.33 -62.45
CA ARG F 38 43.70 26.53 -62.52
C ARG F 38 44.99 26.24 -63.28
N GLN F 39 45.56 27.29 -63.87
CA GLN F 39 46.79 27.18 -64.65
C GLN F 39 47.79 28.19 -64.12
N ALA F 40 49.02 27.72 -63.88
CA ALA F 40 50.11 28.56 -63.38
C ALA F 40 51.13 28.82 -64.49
N PRO F 41 51.84 29.95 -64.44
CA PRO F 41 52.85 30.22 -65.48
C PRO F 41 54.07 29.32 -65.40
N GLU F 42 54.18 28.48 -64.36
CA GLU F 42 55.31 27.57 -64.21
C GLU F 42 54.91 26.11 -64.41
N LYS F 43 53.92 25.62 -63.68
CA LYS F 43 53.46 24.24 -63.79
C LYS F 43 52.19 24.17 -64.64
N GLY F 44 51.74 22.94 -64.89
CA GLY F 44 50.60 22.72 -65.75
C GLY F 44 49.26 22.93 -65.06
N LEU F 45 48.28 22.09 -65.39
CA LEU F 45 46.95 22.21 -64.84
C LEU F 45 46.81 21.36 -63.56
N GLU F 46 45.89 21.77 -62.70
CA GLU F 46 45.62 21.03 -61.48
C GLU F 46 44.17 21.26 -61.06
N TRP F 47 43.52 20.18 -60.63
CA TRP F 47 42.13 20.22 -60.21
C TRP F 47 42.06 20.41 -58.69
N VAL F 48 41.20 21.33 -58.25
CA VAL F 48 41.10 21.67 -56.84
C VAL F 48 39.72 21.34 -56.28
N ALA F 49 38.65 21.51 -57.06
CA ALA F 49 37.31 21.29 -56.54
C ALA F 49 36.34 21.10 -57.69
N TYR F 50 35.24 20.39 -57.41
CA TYR F 50 34.18 20.18 -58.38
C TYR F 50 32.93 19.72 -57.63
N ILE F 51 31.80 20.39 -57.88
CA ILE F 51 30.53 20.05 -57.26
C ILE F 51 29.56 19.63 -58.36
N SER F 52 28.69 18.68 -58.01
CA SER F 52 27.69 18.19 -58.96
C SER F 52 26.63 19.25 -59.20
N SER F 53 25.71 18.96 -60.11
CA SER F 53 24.64 19.89 -60.45
C SER F 53 23.59 19.94 -59.35
N GLY F 54 23.03 21.12 -59.14
CA GLY F 54 22.02 21.30 -58.12
C GLY F 54 22.54 21.24 -56.70
N SER F 55 23.81 21.61 -56.50
CA SER F 55 24.45 21.61 -55.17
C SER F 55 24.37 20.22 -54.53
N GLY F 56 24.88 19.23 -55.25
CA GLY F 56 24.86 17.86 -54.77
C GLY F 56 26.13 17.46 -54.04
N THR F 57 26.82 16.45 -54.57
CA THR F 57 28.04 15.96 -53.95
C THR F 57 29.20 16.93 -54.19
N ILE F 58 30.10 17.00 -53.20
CA ILE F 58 31.26 17.88 -53.26
C ILE F 58 32.49 17.09 -52.87
N TYR F 59 33.60 17.35 -53.56
CA TYR F 59 34.87 16.70 -53.28
C TYR F 59 36.00 17.71 -53.41
N TYR F 60 37.13 17.39 -52.78
CA TYR F 60 38.30 18.24 -52.81
C TYR F 60 39.54 17.36 -52.97
N ALA F 61 40.71 17.99 -52.93
CA ALA F 61 41.97 17.30 -53.04
C ALA F 61 42.48 16.92 -51.64
N ASP F 62 43.72 16.43 -51.57
CA ASP F 62 44.31 16.04 -50.30
C ASP F 62 45.13 17.15 -49.65
N THR F 63 45.31 18.28 -50.34
CA THR F 63 46.03 19.42 -49.79
C THR F 63 45.17 20.67 -49.68
N VAL F 64 43.90 20.59 -50.08
CA VAL F 64 43.02 21.75 -50.03
C VAL F 64 41.80 21.52 -49.14
N LYS F 65 41.34 20.28 -48.97
CA LYS F 65 40.17 19.98 -48.15
C LYS F 65 40.45 20.35 -46.70
N GLY F 66 39.76 21.39 -46.22
CA GLY F 66 39.96 21.89 -44.87
C GLY F 66 40.50 23.30 -44.80
N ARG F 67 40.79 23.92 -45.93
CA ARG F 67 41.31 25.29 -45.97
C ARG F 67 40.45 26.24 -46.79
N PHE F 68 39.92 25.79 -47.92
CA PHE F 68 39.11 26.62 -48.80
C PHE F 68 37.68 26.10 -48.82
N THR F 69 36.74 27.00 -49.09
CA THR F 69 35.32 26.68 -49.15
C THR F 69 34.71 27.35 -50.38
N ILE F 70 33.87 26.60 -51.09
CA ILE F 70 33.22 27.09 -52.30
C ILE F 70 31.75 27.35 -51.98
N SER F 71 31.07 27.99 -52.94
CA SER F 71 29.65 28.28 -52.81
C SER F 71 29.01 28.21 -54.19
N ARG F 72 27.70 28.45 -54.23
CA ARG F 72 26.96 28.40 -55.48
C ARG F 72 25.70 29.23 -55.34
N ASP F 73 25.24 29.79 -56.47
CA ASP F 73 24.06 30.63 -56.48
C ASP F 73 23.34 30.43 -57.81
N ASP F 74 22.19 29.77 -57.77
CA ASP F 74 21.42 29.46 -58.97
C ASP F 74 20.61 30.66 -59.47
N PRO F 75 19.84 31.36 -58.62
CA PRO F 75 19.03 32.46 -59.16
C PRO F 75 19.85 33.60 -59.73
N LYS F 76 20.76 34.18 -58.94
CA LYS F 76 21.53 35.32 -59.41
C LYS F 76 22.67 34.92 -60.34
N ASN F 77 23.03 33.63 -60.38
CA ASN F 77 24.07 33.12 -61.27
C ASN F 77 25.41 33.82 -61.03
N THR F 78 25.81 33.86 -59.76
CA THR F 78 27.07 34.46 -59.36
C THR F 78 27.86 33.46 -58.54
N LEU F 79 29.15 33.32 -58.84
CA LEU F 79 30.01 32.36 -58.16
C LEU F 79 30.73 33.02 -56.99
N PHE F 80 31.20 32.18 -56.08
CA PHE F 80 31.90 32.64 -54.88
C PHE F 80 33.08 31.73 -54.60
N LEU F 81 34.12 32.32 -53.99
CA LEU F 81 35.31 31.56 -53.60
C LEU F 81 36.01 32.32 -52.49
N GLN F 82 36.03 31.73 -51.29
CA GLN F 82 36.62 32.36 -50.12
C GLN F 82 38.01 31.78 -49.86
N MET F 83 39.00 32.65 -49.73
CA MET F 83 40.36 32.24 -49.38
C MET F 83 40.56 32.40 -47.88
N THR F 84 41.19 31.40 -47.26
CA THR F 84 41.44 31.41 -45.82
C THR F 84 42.88 30.98 -45.57
N SER F 85 43.72 31.95 -45.19
CA SER F 85 45.13 31.69 -44.86
C SER F 85 45.86 31.05 -46.03
N LEU F 86 45.91 31.78 -47.15
CA LEU F 86 46.59 31.31 -48.34
C LEU F 86 48.10 31.52 -48.21
N ARG F 87 48.84 30.62 -48.84
CA ARG F 87 50.30 30.67 -48.83
C ARG F 87 50.81 31.38 -50.08
N SER F 88 52.13 31.41 -50.25
CA SER F 88 52.75 32.04 -51.40
C SER F 88 53.22 31.03 -52.45
N GLU F 89 53.02 29.74 -52.22
CA GLU F 89 53.44 28.71 -53.16
C GLU F 89 52.28 28.17 -53.98
N ASP F 90 51.10 28.77 -53.88
CA ASP F 90 49.93 28.34 -54.63
C ASP F 90 49.51 29.38 -55.68
N THR F 91 50.40 30.30 -56.03
CA THR F 91 50.07 31.34 -56.98
C THR F 91 49.84 30.74 -58.37
N ALA F 92 48.74 31.13 -59.00
CA ALA F 92 48.37 30.64 -60.33
C ALA F 92 47.30 31.56 -60.89
N MET F 93 46.74 31.19 -62.03
CA MET F 93 45.68 31.93 -62.69
C MET F 93 44.46 31.01 -62.80
N TYR F 94 43.42 31.32 -62.05
CA TYR F 94 42.26 30.45 -61.93
C TYR F 94 41.42 30.49 -63.22
N TYR F 95 40.49 29.55 -63.31
CA TYR F 95 39.56 29.45 -64.44
C TYR F 95 38.16 29.22 -63.90
N CYS F 96 37.20 29.15 -64.83
CA CYS F 96 35.81 28.84 -64.50
C CYS F 96 35.27 28.02 -65.68
N VAL F 97 35.17 26.71 -65.48
CA VAL F 97 34.88 25.75 -66.55
C VAL F 97 33.47 25.23 -66.38
N ARG F 98 32.74 25.15 -67.49
CA ARG F 98 31.41 24.54 -67.53
C ARG F 98 31.53 23.13 -68.08
N SER F 99 30.87 22.18 -67.41
CA SER F 99 30.98 20.77 -67.76
C SER F 99 29.61 20.13 -67.73
N ILE F 100 29.54 18.90 -68.25
CA ILE F 100 28.30 18.13 -68.27
C ILE F 100 28.68 16.66 -68.39
N TYR F 101 27.98 15.81 -67.63
CA TYR F 101 28.32 14.39 -67.54
C TYR F 101 27.09 13.56 -67.86
N TYR F 102 27.15 12.83 -68.97
CA TYR F 102 26.14 11.84 -69.32
C TYR F 102 26.78 10.83 -70.28
N TYR F 103 25.97 9.87 -70.73
CA TYR F 103 26.48 8.83 -71.61
C TYR F 103 26.81 9.41 -72.98
N GLY F 104 28.04 9.19 -73.44
CA GLY F 104 28.48 9.75 -74.70
C GLY F 104 28.61 11.25 -74.71
N SER F 105 28.81 11.87 -73.55
CA SER F 105 28.87 13.31 -73.44
C SER F 105 30.22 13.84 -73.92
N SER F 106 30.25 15.13 -74.23
CA SER F 106 31.46 15.84 -74.61
C SER F 106 31.56 17.09 -73.74
N PRO F 107 32.14 16.96 -72.55
CA PRO F 107 32.22 18.09 -71.63
C PRO F 107 33.40 19.00 -71.99
N PHE F 108 33.59 20.02 -71.15
CA PHE F 108 34.72 20.96 -71.28
C PHE F 108 34.71 21.66 -72.64
N ASP F 109 33.54 22.19 -73.02
CA ASP F 109 33.43 22.90 -74.28
C ASP F 109 33.89 24.36 -74.15
N PHE F 110 33.20 25.13 -73.31
CA PHE F 110 33.48 26.55 -73.15
C PHE F 110 34.02 26.81 -71.75
N TRP F 111 35.23 27.36 -71.69
CA TRP F 111 35.89 27.69 -70.44
C TRP F 111 35.93 29.21 -70.27
N GLY F 112 36.60 29.65 -69.20
CA GLY F 112 36.77 31.07 -68.95
C GLY F 112 38.16 31.56 -69.36
N GLN F 113 38.34 32.87 -69.20
CA GLN F 113 39.63 33.50 -69.49
C GLN F 113 40.46 33.79 -68.25
N GLY F 114 39.83 34.11 -67.13
CA GLY F 114 40.51 34.25 -65.87
C GLY F 114 41.38 35.49 -65.73
N THR F 115 41.57 35.94 -64.50
CA THR F 115 42.41 37.09 -64.19
C THR F 115 43.65 36.63 -63.42
N THR F 116 44.70 37.43 -63.52
CA THR F 116 45.97 37.09 -62.87
C THR F 116 45.88 37.38 -61.38
N LEU F 117 46.23 36.38 -60.56
CA LEU F 117 46.24 36.50 -59.10
C LEU F 117 47.67 36.25 -58.63
N THR F 118 48.42 37.33 -58.42
CA THR F 118 49.81 37.25 -57.98
C THR F 118 49.88 37.42 -56.47
N VAL F 119 50.64 36.56 -55.81
CA VAL F 119 50.81 36.59 -54.36
C VAL F 119 52.28 36.88 -54.07
N SER F 120 52.53 37.84 -53.18
CA SER F 120 53.88 38.19 -52.80
C SER F 120 54.31 37.41 -51.56
N SER F 121 55.48 37.72 -51.04
CA SER F 121 56.02 37.05 -49.86
C SER F 121 56.51 38.06 -48.82
N SER F 136 46.91 6.49 -51.66
CA SER F 136 45.75 7.38 -51.68
C SER F 136 45.67 8.14 -53.00
N ASP F 137 46.53 9.14 -53.15
CA ASP F 137 46.54 9.95 -54.37
C ASP F 137 47.35 9.26 -55.45
N ILE F 138 46.78 9.16 -56.64
CA ILE F 138 47.45 8.56 -57.77
C ILE F 138 48.13 9.65 -58.59
N VAL F 139 49.28 9.30 -59.18
CA VAL F 139 50.09 10.24 -59.94
C VAL F 139 50.33 9.65 -61.33
N MET F 140 50.07 10.45 -62.36
CA MET F 140 50.24 10.03 -63.74
C MET F 140 51.58 10.49 -64.28
N THR F 141 52.21 9.64 -65.08
CA THR F 141 53.51 9.92 -65.68
C THR F 141 53.35 10.20 -67.17
N GLN F 142 54.23 11.06 -67.69
CA GLN F 142 54.22 11.43 -69.09
C GLN F 142 55.30 10.66 -69.85
N ALA F 143 55.44 10.98 -71.14
CA ALA F 143 56.43 10.34 -72.00
C ALA F 143 57.51 11.31 -72.46
N THR F 144 57.13 12.43 -73.06
CA THR F 144 58.07 13.44 -73.52
C THR F 144 57.69 14.79 -72.94
N SER F 145 58.63 15.74 -73.05
CA SER F 145 58.43 17.09 -72.53
C SER F 145 58.42 18.14 -73.64
N SER F 146 59.43 18.14 -74.51
CA SER F 146 59.50 19.11 -75.59
C SER F 146 60.41 18.55 -76.67
N VAL F 147 59.90 18.47 -77.90
CA VAL F 147 60.68 17.98 -79.03
C VAL F 147 60.37 18.83 -80.26
N PRO F 148 61.39 19.32 -80.97
CA PRO F 148 61.15 20.11 -82.18
C PRO F 148 60.81 19.22 -83.37
N VAL F 149 59.55 19.29 -83.80
CA VAL F 149 59.06 18.51 -84.94
C VAL F 149 58.49 19.47 -85.97
N THR F 150 58.85 19.26 -87.23
CA THR F 150 58.34 20.10 -88.30
C THR F 150 56.85 19.83 -88.53
N PRO F 151 56.09 20.85 -88.90
CA PRO F 151 54.65 20.65 -89.15
C PRO F 151 54.42 19.78 -90.38
N GLY F 152 53.66 18.71 -90.20
CA GLY F 152 53.36 17.79 -91.28
C GLY F 152 54.35 16.66 -91.40
N GLU F 153 54.58 15.95 -90.30
CA GLU F 153 55.53 14.83 -90.27
C GLU F 153 54.95 13.61 -89.58
N SER F 154 53.62 13.51 -89.49
CA SER F 154 52.93 12.38 -88.85
C SER F 154 53.41 12.21 -87.41
N VAL F 155 53.16 13.24 -86.61
CA VAL F 155 53.57 13.24 -85.21
C VAL F 155 52.72 12.22 -84.44
N SER F 156 53.37 11.44 -83.58
CA SER F 156 52.69 10.43 -82.77
C SER F 156 53.07 10.66 -81.32
N ILE F 157 52.11 11.14 -80.52
CA ILE F 157 52.33 11.38 -79.10
C ILE F 157 51.93 10.13 -78.33
N SER F 158 52.84 9.64 -77.50
CA SER F 158 52.60 8.47 -76.67
C SER F 158 52.38 8.89 -75.22
N CYS F 159 51.66 8.04 -74.48
CA CYS F 159 51.37 8.29 -73.08
C CYS F 159 51.39 6.97 -72.32
N ARG F 160 52.01 6.99 -71.15
CA ARG F 160 52.12 5.83 -70.28
C ARG F 160 51.11 5.93 -69.14
N SER F 161 50.99 4.83 -68.41
CA SER F 161 50.10 4.78 -67.26
C SER F 161 50.60 3.72 -66.29
N SER F 162 50.24 3.90 -65.02
CA SER F 162 50.64 2.97 -63.96
C SER F 162 49.43 2.31 -63.31
N LYS F 163 48.31 2.26 -64.04
CA LYS F 163 47.07 1.68 -63.53
C LYS F 163 46.50 0.71 -64.56
N SER F 164 45.73 -0.26 -64.06
CA SER F 164 45.10 -1.27 -64.90
C SER F 164 43.68 -0.85 -65.21
N LEU F 165 43.35 -0.77 -66.50
CA LEU F 165 42.02 -0.37 -66.96
C LEU F 165 41.25 -1.62 -67.35
N LEU F 166 40.28 -2.01 -66.52
CA LEU F 166 39.44 -3.17 -66.75
C LEU F 166 37.98 -2.83 -66.48
N HIS F 167 37.54 -1.70 -67.02
CA HIS F 167 36.16 -1.27 -66.82
C HIS F 167 35.21 -2.14 -67.63
N SER F 168 33.92 -2.04 -67.29
CA SER F 168 32.91 -2.87 -67.94
C SER F 168 32.53 -2.35 -69.32
N ASN F 169 32.65 -1.05 -69.56
CA ASN F 169 32.27 -0.50 -70.86
C ASN F 169 33.32 -0.78 -71.92
N GLY F 170 34.60 -0.63 -71.58
CA GLY F 170 35.66 -0.92 -72.52
C GLY F 170 36.11 0.29 -73.33
N ASN F 171 36.42 1.38 -72.65
CA ASN F 171 36.91 2.59 -73.31
C ASN F 171 38.01 3.20 -72.46
N THR F 172 38.69 4.19 -73.03
CA THR F 172 39.78 4.87 -72.36
C THR F 172 39.26 6.10 -71.62
N TYR F 173 39.60 6.19 -70.33
CA TYR F 173 39.18 7.32 -69.50
C TYR F 173 40.30 8.35 -69.47
N LEU F 174 40.37 9.15 -70.53
CA LEU F 174 41.40 10.17 -70.64
C LEU F 174 40.97 11.22 -71.67
N TYR F 175 41.26 12.48 -71.37
CA TYR F 175 40.98 13.59 -72.26
C TYR F 175 42.29 14.26 -72.67
N TRP F 176 42.26 14.94 -73.80
CA TRP F 176 43.43 15.63 -74.34
C TRP F 176 43.15 17.13 -74.39
N PHE F 177 43.99 17.90 -73.73
CA PHE F 177 43.87 19.35 -73.70
C PHE F 177 45.03 19.98 -74.48
N LEU F 178 44.77 21.17 -75.03
CA LEU F 178 45.76 21.92 -75.81
C LEU F 178 45.77 23.37 -75.33
N GLN F 179 46.86 23.77 -74.67
CA GLN F 179 47.02 25.14 -74.21
C GLN F 179 47.34 26.02 -75.41
N ARG F 180 46.33 26.70 -75.94
CA ARG F 180 46.50 27.58 -77.08
C ARG F 180 46.75 29.00 -76.58
N PRO F 181 47.90 29.61 -76.92
CA PRO F 181 48.16 30.98 -76.46
C PRO F 181 47.14 31.97 -76.99
N GLY F 182 46.39 32.57 -76.08
CA GLY F 182 45.37 33.52 -76.46
C GLY F 182 44.03 33.24 -75.80
N GLN F 183 43.72 31.96 -75.58
CA GLN F 183 42.47 31.55 -74.95
C GLN F 183 42.76 30.37 -74.04
N SER F 184 41.69 29.80 -73.49
CA SER F 184 41.79 28.70 -72.54
C SER F 184 42.01 27.37 -73.26
N PRO F 185 42.66 26.41 -72.59
CA PRO F 185 42.88 25.10 -73.22
C PRO F 185 41.61 24.26 -73.28
N GLN F 186 40.79 24.49 -74.30
CA GLN F 186 39.57 23.74 -74.47
C GLN F 186 39.85 22.28 -74.79
N LEU F 187 38.83 21.44 -74.66
CA LEU F 187 38.95 20.00 -74.91
C LEU F 187 38.57 19.70 -76.35
N LEU F 188 39.42 18.97 -77.05
CA LEU F 188 39.19 18.61 -78.44
C LEU F 188 39.13 17.12 -78.71
N ILE F 189 39.86 16.30 -77.96
CA ILE F 189 39.89 14.85 -78.14
C ILE F 189 39.48 14.21 -76.82
N TYR F 190 38.32 13.57 -76.81
CA TYR F 190 37.78 12.94 -75.62
C TYR F 190 37.69 11.43 -75.83
N ARG F 191 37.99 10.68 -74.77
CA ARG F 191 37.96 9.21 -74.75
C ARG F 191 38.98 8.58 -75.69
N MET F 192 39.79 9.42 -76.35
CA MET F 192 40.86 9.00 -77.26
C MET F 192 40.36 8.15 -78.43
N SER F 193 39.04 8.05 -78.62
CA SER F 193 38.50 7.26 -79.71
C SER F 193 37.36 7.94 -80.45
N ASN F 194 36.95 9.14 -80.04
CA ASN F 194 35.88 9.87 -80.69
C ASN F 194 36.30 11.32 -80.92
N LEU F 195 35.56 12.00 -81.77
CA LEU F 195 35.85 13.39 -82.12
C LEU F 195 34.80 14.30 -81.49
N ALA F 196 35.27 15.42 -80.94
CA ALA F 196 34.40 16.38 -80.29
C ALA F 196 33.89 17.39 -81.32
N SER F 197 33.23 18.44 -80.86
CA SER F 197 32.68 19.46 -81.73
C SER F 197 33.70 20.57 -81.95
N GLY F 198 33.72 21.10 -83.18
CA GLY F 198 34.63 22.17 -83.55
C GLY F 198 35.94 21.72 -84.17
N VAL F 199 36.24 20.43 -84.15
CA VAL F 199 37.48 19.91 -84.73
C VAL F 199 37.14 18.89 -85.80
N PRO F 200 37.91 18.78 -86.87
CA PRO F 200 37.64 17.78 -87.90
C PRO F 200 38.11 16.40 -87.47
N ASP F 201 37.64 15.38 -88.20
CA ASP F 201 37.98 13.99 -87.92
C ASP F 201 39.26 13.66 -88.66
N ARG F 202 40.39 13.85 -87.98
CA ARG F 202 41.70 13.57 -88.57
C ARG F 202 42.66 12.88 -87.61
N PHE F 203 42.24 12.52 -86.40
CA PHE F 203 43.09 11.86 -85.43
C PHE F 203 42.68 10.41 -85.23
N SER F 204 43.49 9.69 -84.48
CA SER F 204 43.22 8.28 -84.19
C SER F 204 43.98 7.89 -82.93
N GLY F 205 43.31 7.15 -82.06
CA GLY F 205 43.90 6.69 -80.80
C GLY F 205 43.82 5.18 -80.70
N SER F 206 44.92 4.57 -80.28
CA SER F 206 45.00 3.12 -80.13
C SER F 206 45.93 2.80 -78.96
N GLY F 207 46.25 1.53 -78.81
CA GLY F 207 47.13 1.06 -77.75
C GLY F 207 46.44 0.03 -76.87
N SER F 208 47.19 -0.43 -75.88
CA SER F 208 46.70 -1.42 -74.94
C SER F 208 46.02 -0.74 -73.76
N GLY F 209 45.70 -1.50 -72.72
CA GLY F 209 45.07 -0.94 -71.54
C GLY F 209 46.00 -0.14 -70.65
N THR F 210 47.30 -0.18 -70.91
CA THR F 210 48.28 0.56 -70.14
C THR F 210 48.94 1.68 -70.94
N ALA F 211 49.40 1.38 -72.15
CA ALA F 211 50.01 2.38 -73.02
C ALA F 211 49.01 2.87 -74.06
N PHE F 212 49.10 4.16 -74.37
CA PHE F 212 48.21 4.80 -75.33
C PHE F 212 49.04 5.44 -76.43
N THR F 213 48.64 5.20 -77.69
CA THR F 213 49.33 5.73 -78.85
C THR F 213 48.35 6.61 -79.62
N LEU F 214 48.59 7.92 -79.60
CA LEU F 214 47.76 8.89 -80.29
C LEU F 214 48.56 9.49 -81.44
N THR F 215 48.06 9.35 -82.65
CA THR F 215 48.72 9.85 -83.85
C THR F 215 48.11 11.19 -84.27
N ILE F 216 48.95 12.04 -84.86
CA ILE F 216 48.56 13.35 -85.34
C ILE F 216 49.08 13.48 -86.77
N SER F 217 48.17 13.57 -87.73
CA SER F 217 48.53 13.60 -89.14
C SER F 217 48.15 14.94 -89.76
N ARG F 218 49.04 15.45 -90.62
CA ARG F 218 48.79 16.66 -91.41
C ARG F 218 48.48 17.86 -90.50
N LEU F 219 49.47 18.21 -89.68
CA LEU F 219 49.31 19.35 -88.78
C LEU F 219 49.30 20.65 -89.57
N GLU F 220 48.44 21.58 -89.13
CA GLU F 220 48.32 22.87 -89.79
C GLU F 220 49.26 23.87 -89.13
N ALA F 221 49.14 25.15 -89.48
CA ALA F 221 50.08 26.16 -89.02
C ALA F 221 49.77 26.59 -87.59
N GLU F 222 50.79 27.16 -86.95
CA GLU F 222 50.68 27.72 -85.60
C GLU F 222 50.23 26.66 -84.60
N ASP F 223 50.93 25.52 -84.60
CA ASP F 223 50.69 24.43 -83.65
C ASP F 223 51.95 24.29 -82.80
N VAL F 224 52.01 25.03 -81.71
CA VAL F 224 53.18 25.03 -80.83
C VAL F 224 52.71 24.83 -79.38
N GLY F 225 51.39 24.76 -79.20
CA GLY F 225 50.83 24.61 -77.86
C GLY F 225 51.25 23.29 -77.21
N VAL F 226 51.13 23.27 -75.89
CA VAL F 226 51.53 22.13 -75.08
C VAL F 226 50.29 21.27 -74.79
N TYR F 227 50.45 19.96 -74.90
CA TYR F 227 49.35 19.05 -74.64
C TYR F 227 49.26 18.73 -73.15
N TYR F 228 48.08 18.24 -72.75
CA TYR F 228 47.85 17.85 -71.36
C TYR F 228 47.04 16.56 -71.35
N CYS F 229 47.48 15.59 -70.57
CA CYS F 229 46.81 14.30 -70.43
C CYS F 229 46.17 14.21 -69.05
N MET F 230 45.11 13.41 -68.96
CA MET F 230 44.33 13.31 -67.73
C MET F 230 43.72 11.93 -67.62
N GLN F 231 43.03 11.70 -66.50
CA GLN F 231 42.32 10.46 -66.25
C GLN F 231 40.89 10.78 -65.86
N HIS F 232 39.97 9.87 -66.19
CA HIS F 232 38.56 10.12 -65.90
C HIS F 232 37.98 9.01 -65.05
N LEU F 233 38.73 8.56 -64.05
CA LEU F 233 38.24 7.56 -63.11
C LEU F 233 38.36 7.98 -61.65
N GLU F 234 38.94 9.14 -61.36
CA GLU F 234 39.10 9.61 -59.98
C GLU F 234 38.94 11.12 -59.94
N TYR F 235 38.33 11.62 -58.86
CA TYR F 235 38.02 13.05 -58.76
C TYR F 235 39.24 13.95 -58.83
N PRO F 236 40.34 13.72 -58.08
CA PRO F 236 41.53 14.57 -58.26
C PRO F 236 42.22 14.31 -59.59
N LEU F 237 41.78 15.04 -60.62
CA LEU F 237 42.28 14.83 -61.97
C LEU F 237 43.77 15.11 -62.05
N THR F 238 44.58 14.06 -62.19
CA THR F 238 46.02 14.21 -62.31
C THR F 238 46.37 14.59 -63.74
N PHE F 239 46.78 15.85 -63.93
CA PHE F 239 47.14 16.35 -65.26
C PHE F 239 48.61 16.06 -65.56
N GLY F 240 49.50 16.60 -64.74
CA GLY F 240 50.93 16.42 -64.95
C GLY F 240 51.53 17.57 -65.74
N ALA F 241 52.77 17.34 -66.18
CA ALA F 241 53.49 18.37 -66.95
C ALA F 241 52.90 18.51 -68.34
N GLY F 242 52.91 17.42 -69.12
CA GLY F 242 52.39 17.43 -70.46
C GLY F 242 53.48 17.50 -71.52
N THR F 243 53.09 17.19 -72.75
CA THR F 243 54.00 17.17 -73.89
C THR F 243 53.85 18.45 -74.68
N LYS F 244 54.97 19.12 -74.94
CA LYS F 244 54.99 20.36 -75.70
C LYS F 244 55.68 20.14 -77.04
N LEU F 245 55.31 20.96 -78.02
CA LEU F 245 55.90 20.92 -79.35
C LEU F 245 56.50 22.29 -79.69
N GLU F 246 57.36 22.29 -80.70
CA GLU F 246 58.01 23.50 -81.19
C GLU F 246 57.68 23.70 -82.66
N LEU F 247 58.26 24.76 -83.24
CA LEU F 247 58.04 25.07 -84.64
C LEU F 247 58.78 24.08 -85.55
N SEP G . -7.11 -24.16 73.27
CA SEP G . -7.72 -25.47 73.46
CB SEP G . -9.22 -25.38 73.19
OG SEP G . -9.83 -26.52 73.73
C SEP G . -7.09 -26.47 72.50
O SEP G . -5.84 -26.59 72.46
OXT SEP G . -7.82 -27.17 71.75
P SEP G . -11.19 -26.32 74.65
O1P SEP G . -10.81 -25.73 75.98
O2P SEP G . -11.86 -27.65 74.85
O3P SEP G . -12.14 -25.37 73.95
N SEP H . 14.62 -8.81 72.60
CA SEP H . 14.81 -7.57 73.32
CB SEP H . 15.52 -6.57 72.42
OG SEP H . 16.15 -5.61 73.24
C SEP H . 13.46 -7.02 73.75
O SEP H . 13.25 -5.77 73.72
OXT SEP H . 12.54 -7.79 74.12
P SEP H . 17.72 -5.84 73.64
O1P SEP H . 18.30 -4.55 74.17
O2P SEP H . 17.82 -6.91 74.69
O3P SEP H . 18.50 -6.27 72.42
#